data_3QS8
#
_entry.id   3QS8
#
_cell.length_a   78.390
_cell.length_b   80.823
_cell.length_c   110.520
_cell.angle_alpha   90.00
_cell.angle_beta   90.14
_cell.angle_gamma   90.00
#
_symmetry.space_group_name_H-M   'P 1 21 1'
#
loop_
_entity.id
_entity.type
_entity.pdbx_description
1 polymer 'Anthranilate phosphoribosyltransferase'
2 non-polymer 1-O-pyrophosphono-5-O-phosphono-alpha-D-ribofuranose
3 non-polymer 'MAGNESIUM ION'
4 non-polymer '2-benzylbenzoic acid'
5 water water
#
_entity_poly.entity_id   1
_entity_poly.type   'polypeptide(L)'
_entity_poly.pdbx_seq_one_letter_code
;ALSAEGSSGGSRGGSPKAEAASVPSWPQILGRLTDNRDLARGQAAWAMDQIMTGNARPAQIAAFAVAMTMKAPTADEVGE
LAGVMLSHAHPLPADTVPDDAVDVVGTGGDGVNTVNLSTMAAIVVAAAGVPVVKHGNRAASSLSGGADTLEALGVRIDLG
PDLVARSLAEVGIGFCFAPRFHPSYRHAAAVRREIGVPTVFNLLGPLTNPARPRAGLIGCAFADLAEVMAGVFAARRSSV
LVVHGDDGLDELTTTTTSTIWRVAAGSVDKLTFDPAGFGFARAQLDQLAGGDAQANAAAVRAVLGGARGPVRDAVVLNAA
GAIVAHAGLSSRAEWLPAWEEGLRRASAAIDTGAAEQLLARWVRFGRQILEHHHHHH
;
_entity_poly.pdbx_strand_id   A,B,C,D
#
loop_
_chem_comp.id
_chem_comp.type
_chem_comp.name
_chem_comp.formula
17D non-polymer '2-benzylbenzoic acid' 'C14 H12 O2'
MG non-polymer 'MAGNESIUM ION' 'Mg 2'
PRP D-saccharide 1-O-pyrophosphono-5-O-phosphono-alpha-D-ribofuranose 'C5 H13 O14 P3'
#
# COMPACT_ATOMS: atom_id res chain seq x y z
N PRO A 24 -44.36 -5.82 -12.41
CA PRO A 24 -43.32 -6.23 -11.45
C PRO A 24 -42.58 -7.49 -11.90
N SER A 25 -41.30 -7.59 -11.53
CA SER A 25 -40.52 -8.79 -11.85
C SER A 25 -39.41 -8.95 -10.83
N TRP A 26 -38.85 -10.16 -10.76
CA TRP A 26 -37.67 -10.37 -9.93
C TRP A 26 -36.48 -9.55 -10.40
N PRO A 27 -36.21 -9.49 -11.73
CA PRO A 27 -35.11 -8.62 -12.13
C PRO A 27 -35.30 -7.18 -11.68
N GLN A 28 -36.51 -6.66 -11.77
CA GLN A 28 -36.81 -5.30 -11.34
C GLN A 28 -36.64 -5.12 -9.82
N ILE A 29 -37.26 -6.00 -9.05
CA ILE A 29 -37.18 -5.89 -7.57
C ILE A 29 -35.78 -6.16 -7.02
N LEU A 30 -35.17 -7.28 -7.42
CA LEU A 30 -33.80 -7.60 -6.97
C LEU A 30 -32.79 -6.56 -7.39
N GLY A 31 -32.98 -5.99 -8.58
CA GLY A 31 -32.08 -4.92 -9.10
C GLY A 31 -32.15 -3.69 -8.23
N ARG A 32 -33.38 -3.31 -7.87
CA ARG A 32 -33.59 -2.14 -7.03
C ARG A 32 -32.92 -2.35 -5.64
N LEU A 33 -33.07 -3.55 -5.06
CA LEU A 33 -32.40 -3.83 -3.77
C LEU A 33 -30.86 -3.86 -3.84
N THR A 34 -30.31 -4.46 -4.88
CA THR A 34 -28.85 -4.51 -5.03
C THR A 34 -28.29 -3.14 -5.41
N ASP A 35 -29.13 -2.23 -5.92
CA ASP A 35 -28.73 -0.82 -6.05
C ASP A 35 -28.84 -0.07 -4.73
N ASN A 36 -29.22 -0.78 -3.67
CA ASN A 36 -29.35 -0.16 -2.36
C ASN A 36 -30.43 0.92 -2.20
N ARG A 37 -31.55 0.65 -2.83
CA ARG A 37 -32.68 1.54 -2.84
C ARG A 37 -33.85 0.86 -2.13
N ASP A 38 -34.59 1.63 -1.35
CA ASP A 38 -35.91 1.18 -0.88
C ASP A 38 -36.84 0.75 -2.03
N LEU A 39 -37.64 -0.28 -1.79
CA LEU A 39 -38.66 -0.68 -2.77
C LEU A 39 -39.78 0.36 -2.96
N ALA A 40 -40.39 0.38 -4.14
CA ALA A 40 -41.64 1.15 -4.36
C ALA A 40 -42.75 0.43 -3.60
N ARG A 41 -43.76 1.17 -3.16
CA ARG A 41 -44.89 0.61 -2.44
C ARG A 41 -45.50 -0.55 -3.24
N GLY A 42 -45.83 -1.65 -2.56
CA GLY A 42 -46.34 -2.86 -3.22
C GLY A 42 -45.32 -3.85 -3.79
N GLN A 43 -44.07 -3.43 -4.00
CA GLN A 43 -43.05 -4.38 -4.50
C GLN A 43 -42.73 -5.53 -3.53
N ALA A 44 -42.51 -5.21 -2.26
CA ALA A 44 -42.34 -6.23 -1.22
C ALA A 44 -43.57 -7.17 -1.14
N ALA A 45 -44.76 -6.58 -1.19
CA ALA A 45 -45.98 -7.38 -1.19
C ALA A 45 -46.01 -8.31 -2.41
N TRP A 46 -45.74 -7.78 -3.60
CA TRP A 46 -45.65 -8.64 -4.82
C TRP A 46 -44.69 -9.83 -4.63
N ALA A 47 -43.50 -9.54 -4.13
CA ALA A 47 -42.49 -10.59 -3.97
C ALA A 47 -42.93 -11.66 -2.96
N MET A 48 -43.45 -11.22 -1.81
CA MET A 48 -43.85 -12.18 -0.75
C MET A 48 -45.01 -13.04 -1.25
N ASP A 49 -45.90 -12.39 -1.99
CA ASP A 49 -47.02 -13.13 -2.56
C ASP A 49 -46.55 -14.19 -3.58
N GLN A 50 -45.61 -13.85 -4.47
CA GLN A 50 -45.00 -14.86 -5.34
C GLN A 50 -44.45 -16.03 -4.54
N ILE A 51 -43.70 -15.71 -3.50
CA ILE A 51 -43.12 -16.71 -2.61
C ILE A 51 -44.17 -17.53 -1.87
N MET A 52 -45.27 -16.91 -1.45
CA MET A 52 -46.31 -17.62 -0.69
C MET A 52 -47.23 -18.51 -1.58
N THR A 53 -47.21 -18.27 -2.88
CA THR A 53 -48.09 -19.00 -3.76
C THR A 53 -47.35 -20.10 -4.51
N GLY A 54 -46.10 -20.39 -4.11
CA GLY A 54 -45.28 -21.41 -4.78
C GLY A 54 -44.82 -21.00 -6.18
N ASN A 55 -44.85 -19.71 -6.48
CA ASN A 55 -44.40 -19.28 -7.80
C ASN A 55 -42.94 -18.86 -7.87
N ALA A 56 -42.24 -18.80 -6.74
CA ALA A 56 -40.88 -18.30 -6.73
C ALA A 56 -39.85 -19.45 -6.66
N ARG A 57 -38.81 -19.43 -7.48
CA ARG A 57 -37.76 -20.47 -7.40
C ARG A 57 -36.97 -20.29 -6.09
N PRO A 58 -36.49 -21.39 -5.47
CA PRO A 58 -35.63 -21.27 -4.28
C PRO A 58 -34.55 -20.19 -4.43
N ALA A 59 -33.94 -20.08 -5.62
CA ALA A 59 -32.93 -19.05 -5.87
C ALA A 59 -33.42 -17.63 -5.78
N GLN A 60 -34.64 -17.37 -6.25
CA GLN A 60 -35.28 -16.05 -6.15
C GLN A 60 -35.68 -15.74 -4.70
N ILE A 61 -36.24 -16.73 -4.02
CA ILE A 61 -36.59 -16.55 -2.58
C ILE A 61 -35.33 -16.11 -1.82
N ALA A 62 -34.24 -16.87 -2.01
CA ALA A 62 -33.01 -16.58 -1.26
C ALA A 62 -32.40 -15.23 -1.65
N ALA A 63 -32.38 -14.96 -2.95
CA ALA A 63 -31.84 -13.71 -3.38
C ALA A 63 -32.61 -12.52 -2.79
N PHE A 64 -33.94 -12.65 -2.74
CA PHE A 64 -34.76 -11.59 -2.17
C PHE A 64 -34.54 -11.41 -0.65
N ALA A 65 -34.56 -12.52 0.08
CA ALA A 65 -34.36 -12.42 1.54
C ALA A 65 -33.01 -11.76 1.89
N VAL A 66 -31.94 -12.18 1.23
CA VAL A 66 -30.59 -11.62 1.41
C VAL A 66 -30.49 -10.15 1.01
N ALA A 67 -30.96 -9.81 -0.20
CA ALA A 67 -30.85 -8.41 -0.71
C ALA A 67 -31.64 -7.46 0.15
N MET A 68 -32.82 -7.90 0.56
CA MET A 68 -33.64 -7.10 1.47
C MET A 68 -32.88 -6.82 2.79
N THR A 69 -32.22 -7.83 3.33
CA THR A 69 -31.51 -7.66 4.62
C THR A 69 -30.29 -6.74 4.51
N MET A 70 -29.52 -6.88 3.44
CA MET A 70 -28.32 -6.08 3.27
C MET A 70 -28.60 -4.64 2.86
N LYS A 71 -29.70 -4.42 2.15
CA LYS A 71 -30.09 -3.02 1.83
C LYS A 71 -30.37 -2.20 3.11
N ALA A 72 -31.05 -2.82 4.05
CA ALA A 72 -31.59 -2.26 5.29
C ALA A 72 -33.11 -2.16 5.15
N PRO A 73 -33.83 -3.17 5.61
CA PRO A 73 -35.29 -3.18 5.36
C PRO A 73 -35.96 -2.02 6.06
N THR A 74 -37.03 -1.49 5.49
CA THR A 74 -37.82 -0.47 6.17
C THR A 74 -39.02 -1.12 6.84
N ALA A 75 -39.63 -0.39 7.76
CA ALA A 75 -40.88 -0.83 8.38
C ALA A 75 -41.99 -1.04 7.34
N ASP A 76 -42.09 -0.14 6.34
CA ASP A 76 -43.11 -0.31 5.26
C ASP A 76 -42.92 -1.65 4.55
N GLU A 77 -41.65 -1.98 4.24
CA GLU A 77 -41.34 -3.20 3.48
C GLU A 77 -41.61 -4.46 4.29
N VAL A 78 -41.13 -4.47 5.52
CA VAL A 78 -41.36 -5.62 6.43
C VAL A 78 -42.87 -5.77 6.69
N GLY A 79 -43.58 -4.65 6.88
CA GLY A 79 -45.05 -4.66 7.06
C GLY A 79 -45.77 -5.28 5.86
N GLU A 80 -45.27 -5.01 4.65
CA GLU A 80 -45.81 -5.63 3.45
C GLU A 80 -45.64 -7.15 3.43
N LEU A 81 -44.44 -7.63 3.77
CA LEU A 81 -44.19 -9.05 3.89
C LEU A 81 -45.14 -9.69 4.87
N ALA A 82 -45.27 -9.08 6.06
CA ALA A 82 -46.06 -9.67 7.12
C ALA A 82 -47.56 -9.66 6.72
N GLY A 83 -47.98 -8.56 6.09
CA GLY A 83 -49.37 -8.40 5.62
C GLY A 83 -49.73 -9.48 4.61
N VAL A 84 -48.79 -9.80 3.72
CA VAL A 84 -49.04 -10.89 2.73
C VAL A 84 -49.17 -12.22 3.45
N MET A 85 -48.25 -12.49 4.38
CA MET A 85 -48.35 -13.72 5.18
C MET A 85 -49.69 -13.81 5.91
N LEU A 86 -50.09 -12.71 6.55
CA LEU A 86 -51.37 -12.72 7.24
C LEU A 86 -52.55 -12.90 6.29
N SER A 87 -52.42 -12.40 5.04
CA SER A 87 -53.49 -12.58 4.05
C SER A 87 -53.69 -14.04 3.71
N HIS A 88 -52.61 -14.80 3.72
CA HIS A 88 -52.66 -16.24 3.37
C HIS A 88 -52.83 -17.17 4.57
N ALA A 89 -52.69 -16.63 5.78
CA ALA A 89 -52.79 -17.50 6.98
C ALA A 89 -54.19 -18.00 7.24
N HIS A 90 -54.32 -19.17 7.89
CA HIS A 90 -55.63 -19.56 8.44
C HIS A 90 -56.02 -18.57 9.57
N PRO A 91 -57.18 -17.88 9.46
CA PRO A 91 -57.56 -17.00 10.58
C PRO A 91 -58.28 -17.76 11.70
N LEU A 92 -58.40 -17.16 12.88
CA LEU A 92 -59.29 -17.72 13.90
C LEU A 92 -60.74 -17.31 13.54
N PRO A 93 -61.76 -18.09 13.98
CA PRO A 93 -63.13 -17.70 13.64
C PRO A 93 -63.50 -16.30 14.13
N ALA A 94 -64.43 -15.66 13.43
CA ALA A 94 -64.88 -14.33 13.79
C ALA A 94 -65.31 -14.25 15.24
N ASP A 95 -64.88 -13.17 15.91
CA ASP A 95 -65.29 -12.87 17.29
C ASP A 95 -64.85 -13.90 18.33
N THR A 96 -63.65 -14.46 18.18
CA THR A 96 -63.20 -15.47 19.14
C THR A 96 -61.94 -15.02 19.87
N VAL A 97 -61.36 -13.91 19.42
CA VAL A 97 -60.15 -13.40 20.03
C VAL A 97 -60.49 -12.08 20.76
N PRO A 98 -60.35 -12.06 22.11
CA PRO A 98 -60.67 -10.80 22.80
C PRO A 98 -59.83 -9.65 22.31
N ASP A 99 -60.41 -8.46 22.44
CA ASP A 99 -59.78 -7.22 22.01
C ASP A 99 -58.40 -6.97 22.59
N ASP A 100 -58.17 -7.49 23.79
CA ASP A 100 -56.97 -7.23 24.53
C ASP A 100 -56.13 -8.53 24.64
N ALA A 101 -56.19 -9.41 23.65
CA ALA A 101 -55.33 -10.63 23.69
C ALA A 101 -53.88 -10.19 23.52
N VAL A 102 -52.97 -10.90 24.19
CA VAL A 102 -51.53 -10.65 24.03
C VAL A 102 -50.75 -11.85 23.52
N ASP A 103 -49.63 -11.56 22.85
CA ASP A 103 -48.65 -12.57 22.41
C ASP A 103 -47.38 -12.37 23.24
N VAL A 104 -46.62 -13.45 23.43
CA VAL A 104 -45.28 -13.40 24.01
C VAL A 104 -44.41 -14.34 23.20
N VAL A 105 -43.50 -13.77 22.43
CA VAL A 105 -42.82 -14.51 21.37
C VAL A 105 -41.63 -13.72 20.86
N GLY A 106 -40.57 -14.42 20.47
CA GLY A 106 -39.41 -13.77 19.92
C GLY A 106 -39.02 -14.34 18.58
N THR A 107 -38.02 -13.70 17.99
CA THR A 107 -37.44 -14.19 16.74
C THR A 107 -36.73 -15.54 16.90
N GLY A 108 -36.24 -15.83 18.10
CA GLY A 108 -35.22 -16.84 18.28
C GLY A 108 -33.92 -16.34 17.62
N GLY A 109 -32.94 -17.23 17.51
CA GLY A 109 -31.73 -16.90 16.80
C GLY A 109 -30.74 -16.13 17.66
N ASP A 110 -30.92 -16.16 18.98
CA ASP A 110 -29.94 -15.51 19.86
C ASP A 110 -28.66 -16.34 20.06
N GLY A 111 -28.65 -17.60 19.60
CA GLY A 111 -27.48 -18.46 19.73
C GLY A 111 -27.04 -18.76 21.17
N VAL A 112 -27.94 -18.48 22.11
CA VAL A 112 -27.68 -18.76 23.52
C VAL A 112 -28.50 -19.99 23.90
N ASN A 113 -28.09 -20.70 24.91
CA ASN A 113 -28.94 -21.86 25.14
C ASN A 113 -29.77 -21.52 26.37
N THR A 114 -30.96 -20.95 26.17
CA THR A 114 -31.72 -20.61 27.39
C THR A 114 -32.90 -21.55 27.59
N VAL A 115 -33.32 -21.65 28.85
CA VAL A 115 -34.68 -22.11 29.10
C VAL A 115 -35.70 -21.27 28.27
N ASN A 116 -36.90 -21.80 28.10
CA ASN A 116 -37.94 -21.16 27.29
C ASN A 116 -38.67 -20.01 28.01
N LEU A 117 -38.04 -18.82 28.01
CA LEU A 117 -38.55 -17.71 28.81
C LEU A 117 -39.88 -17.15 28.31
N SER A 118 -40.06 -17.01 27.00
CA SER A 118 -41.35 -16.50 26.45
C SER A 118 -42.50 -17.42 26.80
N THR A 119 -42.27 -18.72 26.61
CA THR A 119 -43.30 -19.73 26.89
C THR A 119 -43.75 -19.79 28.37
N MET A 120 -42.78 -19.80 29.28
CA MET A 120 -43.06 -19.72 30.71
C MET A 120 -43.76 -18.41 31.07
N ALA A 121 -43.23 -17.28 30.61
CA ALA A 121 -43.93 -15.99 30.77
C ALA A 121 -45.38 -16.07 30.27
N ALA A 122 -45.61 -16.61 29.08
CA ALA A 122 -46.97 -16.70 28.50
C ALA A 122 -47.93 -17.44 29.43
N ILE A 123 -47.50 -18.57 30.00
CA ILE A 123 -48.33 -19.33 30.95
C ILE A 123 -48.68 -18.46 32.19
N VAL A 124 -47.69 -17.80 32.77
CA VAL A 124 -47.91 -16.89 33.92
C VAL A 124 -48.87 -15.74 33.60
N VAL A 125 -48.71 -15.16 32.42
CA VAL A 125 -49.55 -14.03 31.96
C VAL A 125 -51.03 -14.45 31.85
N ALA A 126 -51.26 -15.61 31.21
CA ALA A 126 -52.61 -16.20 31.10
C ALA A 126 -53.21 -16.42 32.50
N ALA A 127 -52.38 -16.96 33.37
CA ALA A 127 -52.78 -17.24 34.76
C ALA A 127 -53.09 -15.97 35.54
N ALA A 128 -52.49 -14.86 35.14
CA ALA A 128 -52.83 -13.56 35.77
C ALA A 128 -54.19 -13.07 35.23
N GLY A 129 -54.72 -13.75 34.22
CA GLY A 129 -55.99 -13.34 33.64
C GLY A 129 -55.91 -12.47 32.39
N VAL A 130 -54.73 -12.28 31.82
CA VAL A 130 -54.65 -11.66 30.52
C VAL A 130 -54.76 -12.76 29.45
N PRO A 131 -55.74 -12.66 28.53
CA PRO A 131 -55.88 -13.67 27.44
C PRO A 131 -54.62 -13.69 26.54
N VAL A 132 -54.03 -14.88 26.38
CA VAL A 132 -52.77 -15.07 25.64
C VAL A 132 -53.03 -15.91 24.40
N VAL A 133 -52.69 -15.40 23.22
CA VAL A 133 -52.73 -16.22 22.03
C VAL A 133 -51.31 -16.16 21.46
N LYS A 134 -50.55 -17.22 21.75
CA LYS A 134 -49.14 -17.26 21.51
C LYS A 134 -48.88 -17.85 20.14
N HIS A 135 -48.07 -17.14 19.35
CA HIS A 135 -47.52 -17.73 18.12
C HIS A 135 -46.20 -18.41 18.49
N GLY A 136 -45.93 -19.57 17.91
CA GLY A 136 -44.64 -20.22 18.15
C GLY A 136 -44.24 -21.31 17.15
N ASN A 137 -43.08 -21.91 17.41
CA ASN A 137 -42.44 -22.78 16.44
C ASN A 137 -41.46 -23.65 17.22
N ARG A 138 -41.09 -24.79 16.64
CA ARG A 138 -39.94 -25.58 17.15
C ARG A 138 -38.65 -24.77 17.05
N ALA A 139 -37.60 -25.21 17.75
CA ALA A 139 -36.28 -24.58 17.65
C ALA A 139 -35.81 -24.57 16.20
N ALA A 140 -35.11 -23.51 15.80
CA ALA A 140 -34.41 -23.52 14.52
C ALA A 140 -32.91 -23.76 14.75
N SER A 141 -32.34 -23.19 15.82
CA SER A 141 -30.92 -23.48 16.07
C SER A 141 -30.57 -23.75 17.52
N SER A 142 -31.52 -23.56 18.44
CA SER A 142 -31.30 -23.91 19.84
C SER A 142 -31.76 -25.35 20.10
N LEU A 143 -31.51 -25.82 21.32
CA LEU A 143 -31.79 -27.19 21.69
C LEU A 143 -33.29 -27.48 21.73
N SER A 144 -34.06 -26.53 22.27
CA SER A 144 -35.49 -26.78 22.47
C SER A 144 -36.22 -25.45 22.36
N GLY A 145 -37.09 -25.33 21.38
CA GLY A 145 -37.86 -24.07 21.23
C GLY A 145 -39.14 -24.12 22.04
N GLY A 146 -39.91 -23.05 22.01
CA GLY A 146 -41.15 -22.99 22.77
C GLY A 146 -42.05 -24.18 22.46
N ALA A 147 -42.27 -24.44 21.18
CA ALA A 147 -43.21 -25.54 20.80
C ALA A 147 -42.73 -26.92 21.26
N ASP A 148 -41.40 -27.13 21.25
CA ASP A 148 -40.80 -28.41 21.66
C ASP A 148 -41.04 -28.61 23.14
N THR A 149 -40.83 -27.56 23.92
CA THR A 149 -41.00 -27.66 25.35
C THR A 149 -42.46 -27.85 25.72
N LEU A 150 -43.36 -27.17 25.00
CA LEU A 150 -44.80 -27.30 25.25
C LEU A 150 -45.22 -28.75 24.97
N GLU A 151 -44.70 -29.30 23.88
CA GLU A 151 -44.98 -30.72 23.51
C GLU A 151 -44.50 -31.66 24.61
N ALA A 152 -43.29 -31.44 25.14
CA ALA A 152 -42.76 -32.27 26.24
C ALA A 152 -43.58 -32.15 27.53
N LEU A 153 -44.31 -31.05 27.68
CA LEU A 153 -45.19 -30.85 28.85
C LEU A 153 -46.56 -31.49 28.67
N GLY A 154 -46.84 -32.04 27.49
CA GLY A 154 -48.16 -32.66 27.23
C GLY A 154 -49.21 -31.75 26.58
N VAL A 155 -48.81 -30.52 26.24
CA VAL A 155 -49.73 -29.58 25.58
C VAL A 155 -49.85 -29.91 24.08
N ARG A 156 -51.08 -29.91 23.54
CA ARG A 156 -51.30 -30.04 22.10
C ARG A 156 -50.87 -28.75 21.40
N ILE A 157 -49.83 -28.86 20.61
CA ILE A 157 -49.31 -27.68 19.96
C ILE A 157 -49.93 -27.43 18.61
N ASP A 158 -50.54 -28.43 17.98
CA ASP A 158 -50.91 -28.24 16.58
C ASP A 158 -52.40 -28.15 16.31
N LEU A 159 -53.17 -27.62 17.27
CA LEU A 159 -54.59 -27.46 17.05
C LEU A 159 -54.88 -26.43 15.98
N GLY A 160 -55.96 -26.66 15.24
CA GLY A 160 -56.43 -25.75 14.18
C GLY A 160 -57.17 -24.54 14.76
N PRO A 161 -57.55 -23.57 13.90
CA PRO A 161 -58.22 -22.32 14.28
C PRO A 161 -59.36 -22.48 15.30
N ASP A 162 -60.30 -23.40 15.03
CA ASP A 162 -61.46 -23.52 15.92
C ASP A 162 -61.09 -23.97 17.33
N LEU A 163 -60.15 -24.91 17.44
CA LEU A 163 -59.79 -25.44 18.75
C LEU A 163 -58.86 -24.49 19.51
N VAL A 164 -58.04 -23.73 18.79
CA VAL A 164 -57.24 -22.66 19.44
C VAL A 164 -58.17 -21.63 20.09
N ALA A 165 -59.24 -21.26 19.37
CA ALA A 165 -60.27 -20.36 19.89
C ALA A 165 -60.99 -20.89 21.14
N ARG A 166 -61.33 -22.17 21.13
CA ARG A 166 -61.91 -22.81 22.30
C ARG A 166 -60.91 -22.88 23.47
N SER A 167 -59.66 -23.22 23.17
CA SER A 167 -58.62 -23.23 24.19
C SER A 167 -58.51 -21.86 24.86
N LEU A 168 -58.47 -20.82 24.04
CA LEU A 168 -58.44 -19.44 24.51
C LEU A 168 -59.63 -19.17 25.44
N ALA A 169 -60.84 -19.54 25.02
CA ALA A 169 -62.05 -19.28 25.80
C ALA A 169 -62.09 -20.08 27.09
N GLU A 170 -61.65 -21.34 27.05
CA GLU A 170 -61.84 -22.25 28.21
C GLU A 170 -60.63 -22.29 29.14
N VAL A 171 -59.44 -22.14 28.58
CA VAL A 171 -58.22 -22.23 29.39
C VAL A 171 -57.68 -20.83 29.68
N GLY A 172 -57.87 -19.90 28.75
CA GLY A 172 -57.29 -18.56 28.90
C GLY A 172 -56.03 -18.38 28.05
N ILE A 173 -55.62 -19.47 27.39
CA ILE A 173 -54.46 -19.42 26.50
C ILE A 173 -54.68 -20.36 25.31
N GLY A 174 -54.18 -19.92 24.15
CA GLY A 174 -54.17 -20.76 22.95
C GLY A 174 -52.77 -20.63 22.33
N PHE A 175 -52.33 -21.68 21.65
CA PHE A 175 -51.04 -21.68 20.98
C PHE A 175 -51.25 -21.97 19.50
N CYS A 176 -50.81 -21.03 18.65
CA CYS A 176 -50.88 -21.18 17.21
C CYS A 176 -49.50 -21.63 16.72
N PHE A 177 -49.41 -22.87 16.27
CA PHE A 177 -48.18 -23.43 15.75
C PHE A 177 -47.95 -22.93 14.33
N ALA A 178 -46.83 -22.26 14.10
CA ALA A 178 -46.59 -21.63 12.79
C ALA A 178 -46.80 -22.53 11.54
N PRO A 179 -46.27 -23.78 11.54
CA PRO A 179 -46.53 -24.64 10.36
C PRO A 179 -48.02 -24.96 10.17
N ARG A 180 -48.78 -25.02 11.26
CA ARG A 180 -50.23 -25.25 11.19
C ARG A 180 -51.03 -24.11 10.56
N PHE A 181 -50.62 -22.87 10.82
CA PHE A 181 -51.35 -21.71 10.37
C PHE A 181 -50.81 -21.03 9.13
N HIS A 182 -49.54 -21.32 8.78
CA HIS A 182 -48.88 -20.68 7.63
C HIS A 182 -48.34 -21.73 6.63
N PRO A 183 -49.21 -22.66 6.17
CA PRO A 183 -48.68 -23.75 5.33
C PRO A 183 -47.95 -23.27 4.08
N SER A 184 -48.37 -22.15 3.50
CA SER A 184 -47.76 -21.61 2.28
C SER A 184 -46.40 -20.96 2.49
N TYR A 185 -45.97 -20.85 3.74
CA TYR A 185 -44.64 -20.34 4.03
C TYR A 185 -43.59 -21.47 3.86
N ARG A 186 -44.09 -22.68 3.62
CA ARG A 186 -43.27 -23.90 3.51
C ARG A 186 -41.99 -23.70 2.66
N HIS A 187 -42.14 -23.12 1.48
CA HIS A 187 -41.00 -22.95 0.58
C HIS A 187 -40.01 -21.93 1.11
N ALA A 188 -40.51 -20.79 1.58
CA ALA A 188 -39.61 -19.82 2.24
C ALA A 188 -38.86 -20.42 3.44
N ALA A 189 -39.56 -21.23 4.24
CA ALA A 189 -38.95 -21.84 5.42
C ALA A 189 -37.80 -22.73 5.04
N ALA A 190 -37.96 -23.50 3.96
CA ALA A 190 -36.88 -24.40 3.54
C ALA A 190 -35.64 -23.59 3.15
N VAL A 191 -35.84 -22.50 2.41
CA VAL A 191 -34.75 -21.59 2.07
C VAL A 191 -34.07 -20.96 3.31
N ARG A 192 -34.87 -20.49 4.27
CA ARG A 192 -34.36 -19.94 5.53
C ARG A 192 -33.39 -20.92 6.21
N ARG A 193 -33.78 -22.19 6.29
CA ARG A 193 -32.93 -23.19 6.90
C ARG A 193 -31.69 -23.55 6.03
N GLU A 194 -31.85 -23.56 4.71
CA GLU A 194 -30.73 -23.86 3.82
C GLU A 194 -29.62 -22.84 3.85
N ILE A 195 -29.96 -21.55 3.94
CA ILE A 195 -28.95 -20.50 3.94
C ILE A 195 -28.32 -20.28 5.33
N GLY A 196 -29.10 -20.53 6.39
CA GLY A 196 -28.58 -20.56 7.76
C GLY A 196 -28.33 -19.19 8.37
N VAL A 197 -28.00 -18.22 7.55
CA VAL A 197 -27.79 -16.85 8.03
C VAL A 197 -29.17 -16.20 8.32
N PRO A 198 -29.28 -15.42 9.40
CA PRO A 198 -30.53 -14.67 9.62
C PRO A 198 -30.76 -13.66 8.50
N THR A 199 -32.02 -13.46 8.12
CA THR A 199 -32.42 -12.44 7.15
C THR A 199 -33.70 -11.81 7.68
N VAL A 200 -34.27 -10.92 6.87
CA VAL A 200 -35.56 -10.33 7.13
C VAL A 200 -36.65 -11.37 7.42
N PHE A 201 -36.53 -12.58 6.85
CA PHE A 201 -37.54 -13.63 7.09
C PHE A 201 -37.64 -13.97 8.59
N ASN A 202 -36.50 -13.91 9.29
CA ASN A 202 -36.42 -14.20 10.73
C ASN A 202 -37.22 -13.23 11.61
N LEU A 203 -37.60 -12.08 11.05
CA LEU A 203 -38.47 -11.13 11.77
C LEU A 203 -39.94 -11.47 11.67
N LEU A 204 -40.30 -12.33 10.71
CA LEU A 204 -41.70 -12.49 10.37
C LEU A 204 -42.56 -13.26 11.39
N GLY A 205 -41.98 -14.23 12.09
CA GLY A 205 -42.74 -15.00 13.08
C GLY A 205 -43.52 -14.14 14.06
N PRO A 206 -42.82 -13.25 14.81
CA PRO A 206 -43.53 -12.45 15.79
C PRO A 206 -44.47 -11.47 15.14
N LEU A 207 -44.24 -11.14 13.86
CA LEU A 207 -45.11 -10.19 13.17
C LEU A 207 -46.32 -10.82 12.50
N THR A 208 -46.44 -12.15 12.51
CA THR A 208 -47.54 -12.81 11.77
C THR A 208 -48.40 -13.77 12.61
N ASN A 209 -48.56 -13.46 13.89
CA ASN A 209 -49.52 -14.23 14.71
C ASN A 209 -50.93 -14.24 14.04
N PRO A 210 -51.48 -15.45 13.68
CA PRO A 210 -52.72 -15.47 12.88
C PRO A 210 -53.95 -14.96 13.59
N ALA A 211 -53.89 -14.87 14.92
CA ALA A 211 -55.01 -14.34 15.72
C ALA A 211 -54.99 -12.82 15.77
N ARG A 212 -53.89 -12.24 15.26
CA ARG A 212 -53.67 -10.77 15.23
C ARG A 212 -53.92 -10.06 16.58
N PRO A 213 -53.33 -10.56 17.66
CA PRO A 213 -53.54 -9.86 18.93
C PRO A 213 -52.96 -8.44 18.85
N ARG A 214 -53.54 -7.50 19.60
CA ARG A 214 -53.15 -6.08 19.50
C ARG A 214 -52.06 -5.69 20.48
N ALA A 215 -51.64 -6.63 21.32
CA ALA A 215 -50.56 -6.34 22.24
C ALA A 215 -49.56 -7.50 22.30
N GLY A 216 -48.38 -7.22 22.82
CA GLY A 216 -47.33 -8.23 22.83
C GLY A 216 -46.06 -7.82 23.51
N LEU A 217 -45.35 -8.81 24.04
CA LEU A 217 -43.95 -8.65 24.46
C LEU A 217 -43.17 -9.42 23.41
N ILE A 218 -42.41 -8.70 22.60
CA ILE A 218 -41.85 -9.26 21.38
C ILE A 218 -40.32 -9.21 21.44
N GLY A 219 -39.70 -10.39 21.40
CA GLY A 219 -38.25 -10.46 21.51
C GLY A 219 -37.57 -10.40 20.15
N CYS A 220 -36.44 -9.70 20.08
CA CYS A 220 -35.73 -9.64 18.82
C CYS A 220 -34.24 -9.85 19.10
N ALA A 221 -33.65 -10.87 18.46
CA ALA A 221 -32.23 -11.19 18.66
C ALA A 221 -31.32 -10.24 17.90
N PHE A 222 -31.87 -9.49 16.94
CA PHE A 222 -31.05 -8.73 16.02
C PHE A 222 -31.20 -7.27 16.38
N ALA A 223 -30.22 -6.76 17.10
CA ALA A 223 -30.27 -5.39 17.62
C ALA A 223 -30.57 -4.37 16.53
N ASP A 224 -30.02 -4.60 15.34
CA ASP A 224 -30.13 -3.69 14.22
C ASP A 224 -31.50 -3.73 13.54
N LEU A 225 -32.30 -4.77 13.82
CA LEU A 225 -33.61 -4.90 13.17
C LEU A 225 -34.78 -4.67 14.10
N ALA A 226 -34.50 -4.56 15.40
CA ALA A 226 -35.58 -4.44 16.36
C ALA A 226 -36.40 -3.17 16.14
N GLU A 227 -35.76 -2.07 15.78
CA GLU A 227 -36.49 -0.83 15.53
C GLU A 227 -37.51 -0.93 14.37
N VAL A 228 -37.12 -1.65 13.30
CA VAL A 228 -37.98 -1.96 12.16
C VAL A 228 -39.20 -2.82 12.57
N MET A 229 -38.97 -3.83 13.40
CA MET A 229 -40.08 -4.60 13.96
C MET A 229 -41.03 -3.69 14.72
N ALA A 230 -40.47 -2.78 15.54
CA ALA A 230 -41.33 -1.88 16.27
C ALA A 230 -42.15 -1.01 15.32
N GLY A 231 -41.53 -0.58 14.23
CA GLY A 231 -42.24 0.28 13.27
C GLY A 231 -43.44 -0.46 12.68
N VAL A 232 -43.27 -1.74 12.37
CA VAL A 232 -44.37 -2.53 11.83
C VAL A 232 -45.55 -2.54 12.84
N PHE A 233 -45.23 -2.79 14.11
CA PHE A 233 -46.26 -2.78 15.16
C PHE A 233 -46.96 -1.41 15.32
N ALA A 234 -46.16 -0.34 15.23
CA ALA A 234 -46.68 1.03 15.28
C ALA A 234 -47.70 1.30 14.15
N ALA A 235 -47.38 0.84 12.95
CA ALA A 235 -48.27 1.04 11.80
C ALA A 235 -49.64 0.42 12.04
N ARG A 236 -49.65 -0.77 12.68
CA ARG A 236 -50.84 -1.54 13.06
C ARG A 236 -51.54 -1.05 14.30
N ARG A 237 -50.93 -0.07 14.95
CA ARG A 237 -51.41 0.45 16.25
C ARG A 237 -51.51 -0.54 17.38
N SER A 238 -50.49 -1.38 17.49
CA SER A 238 -50.41 -2.34 18.57
C SER A 238 -49.80 -1.70 19.78
N SER A 239 -50.06 -2.28 20.94
CA SER A 239 -49.31 -1.91 22.14
C SER A 239 -48.30 -3.02 22.41
N VAL A 240 -47.05 -2.78 22.04
CA VAL A 240 -46.00 -3.79 22.08
C VAL A 240 -44.73 -3.24 22.74
N LEU A 241 -44.01 -4.10 23.46
CA LEU A 241 -42.62 -3.84 23.78
C LEU A 241 -41.77 -4.80 22.96
N VAL A 242 -40.91 -4.24 22.11
CA VAL A 242 -39.98 -5.03 21.34
C VAL A 242 -38.73 -4.96 22.18
N VAL A 243 -38.17 -6.12 22.51
CA VAL A 243 -37.10 -6.18 23.52
C VAL A 243 -35.87 -6.90 23.02
N HIS A 244 -34.71 -6.39 23.42
CA HIS A 244 -33.43 -7.02 23.08
C HIS A 244 -32.48 -6.87 24.27
N GLY A 245 -32.14 -7.98 24.91
CA GLY A 245 -31.29 -7.95 26.10
C GLY A 245 -29.91 -7.53 25.68
N ASP A 246 -29.24 -6.70 26.48
CA ASP A 246 -27.96 -6.20 26.02
C ASP A 246 -26.86 -7.26 26.04
N ASP A 247 -27.20 -8.44 26.54
CA ASP A 247 -26.35 -9.64 26.44
C ASP A 247 -26.65 -10.47 25.18
N GLY A 248 -27.62 -10.07 24.36
CA GLY A 248 -27.95 -10.80 23.12
C GLY A 248 -29.28 -11.59 23.12
N LEU A 249 -29.89 -11.77 24.29
CA LEU A 249 -31.13 -12.51 24.42
C LEU A 249 -32.26 -11.82 23.67
N ASP A 250 -33.09 -12.61 22.97
CA ASP A 250 -34.35 -12.08 22.43
C ASP A 250 -35.46 -12.08 23.52
N GLU A 251 -35.09 -11.59 24.70
CA GLU A 251 -35.96 -11.59 25.90
C GLU A 251 -35.50 -10.42 26.75
N LEU A 252 -36.31 -10.05 27.75
CA LEU A 252 -35.87 -9.12 28.78
C LEU A 252 -34.92 -9.97 29.61
N THR A 253 -33.69 -9.51 29.77
CA THR A 253 -32.69 -10.35 30.42
C THR A 253 -32.61 -9.95 31.88
N THR A 254 -32.04 -10.83 32.69
CA THR A 254 -31.72 -10.45 34.06
C THR A 254 -30.19 -10.31 34.27
N THR A 255 -29.39 -10.45 33.20
CA THR A 255 -27.95 -10.44 33.41
C THR A 255 -27.34 -9.04 33.27
N THR A 256 -28.13 -8.09 32.80
CA THR A 256 -27.66 -6.77 32.43
C THR A 256 -28.90 -6.00 31.96
N THR A 257 -28.74 -4.81 31.33
CA THR A 257 -29.88 -4.04 30.82
C THR A 257 -30.48 -4.64 29.52
N SER A 258 -31.70 -4.23 29.16
CA SER A 258 -32.26 -4.56 27.86
C SER A 258 -32.64 -3.27 27.13
N THR A 259 -32.54 -3.29 25.80
CA THR A 259 -33.13 -2.22 25.04
C THR A 259 -34.59 -2.60 24.73
N ILE A 260 -35.48 -1.65 24.98
CA ILE A 260 -36.91 -1.78 24.69
C ILE A 260 -37.31 -0.69 23.69
N TRP A 261 -37.90 -1.13 22.59
CA TRP A 261 -38.60 -0.21 21.70
C TRP A 261 -40.05 -0.29 22.08
N ARG A 262 -40.52 0.73 22.81
CA ARG A 262 -41.88 0.76 23.30
C ARG A 262 -42.80 1.32 22.21
N VAL A 263 -43.85 0.56 21.89
CA VAL A 263 -44.78 0.92 20.81
C VAL A 263 -46.12 1.22 21.43
N ALA A 264 -46.55 2.48 21.26
CA ALA A 264 -47.86 2.95 21.80
C ALA A 264 -48.38 4.13 20.98
N ALA A 265 -49.70 4.23 20.81
CA ALA A 265 -50.33 5.35 20.05
C ALA A 265 -49.69 5.52 18.66
N GLY A 266 -49.31 4.40 18.07
CA GLY A 266 -48.70 4.40 16.76
C GLY A 266 -47.33 5.06 16.69
N SER A 267 -46.65 5.25 17.82
CA SER A 267 -45.27 5.71 17.79
C SER A 267 -44.28 4.81 18.55
N VAL A 268 -42.99 4.98 18.24
CA VAL A 268 -41.91 4.18 18.82
C VAL A 268 -40.99 5.03 19.69
N ASP A 269 -40.83 4.62 20.94
CA ASP A 269 -39.95 5.25 21.91
C ASP A 269 -38.84 4.25 22.24
N LYS A 270 -37.58 4.65 22.14
CA LYS A 270 -36.50 3.77 22.54
C LYS A 270 -36.05 3.99 23.97
N LEU A 271 -36.07 2.92 24.76
CA LEU A 271 -35.70 2.97 26.19
C LEU A 271 -34.67 1.90 26.52
N THR A 272 -33.94 2.10 27.62
CA THR A 272 -33.08 1.07 28.17
C THR A 272 -33.70 0.72 29.49
N PHE A 273 -33.73 -0.58 29.79
CA PHE A 273 -34.44 -1.04 30.96
C PHE A 273 -33.46 -1.78 31.87
N ASP A 274 -33.52 -1.54 33.17
CA ASP A 274 -32.59 -2.18 34.09
C ASP A 274 -33.37 -2.82 35.22
N PRO A 275 -33.44 -4.19 35.24
CA PRO A 275 -34.19 -4.89 36.29
C PRO A 275 -33.70 -4.61 37.72
N ALA A 276 -32.45 -4.18 37.90
CA ALA A 276 -32.01 -3.74 39.26
C ALA A 276 -32.90 -2.62 39.82
N GLY A 277 -33.47 -1.78 38.96
CA GLY A 277 -34.44 -0.79 39.40
C GLY A 277 -35.68 -1.34 40.13
N PHE A 278 -35.99 -2.63 39.94
CA PHE A 278 -37.16 -3.23 40.59
C PHE A 278 -36.72 -4.26 41.57
N GLY A 279 -35.44 -4.24 41.94
CA GLY A 279 -34.92 -5.11 42.99
C GLY A 279 -34.41 -6.45 42.52
N PHE A 280 -34.27 -6.64 41.20
CA PHE A 280 -33.77 -7.92 40.71
C PHE A 280 -32.25 -8.00 40.83
N ALA A 281 -31.75 -9.11 41.34
CA ALA A 281 -30.30 -9.37 41.36
C ALA A 281 -29.80 -9.74 39.96
N ARG A 282 -28.59 -9.28 39.63
CA ARG A 282 -27.90 -9.69 38.43
C ARG A 282 -27.72 -11.21 38.44
N ALA A 283 -27.98 -11.84 37.31
CA ALA A 283 -27.69 -13.24 37.16
C ALA A 283 -26.57 -13.38 36.14
N GLN A 284 -25.95 -14.53 36.09
CA GLN A 284 -25.01 -14.84 35.00
C GLN A 284 -25.79 -15.65 33.95
N LEU A 285 -25.37 -15.53 32.69
CA LEU A 285 -26.07 -16.11 31.59
C LEU A 285 -26.15 -17.63 31.71
N ASP A 286 -25.09 -18.26 32.24
CA ASP A 286 -25.10 -19.71 32.51
C ASP A 286 -26.22 -20.14 33.47
N GLN A 287 -26.69 -19.21 34.30
CA GLN A 287 -27.81 -19.51 35.20
C GLN A 287 -29.16 -19.67 34.49
N LEU A 288 -29.22 -19.20 33.25
CA LEU A 288 -30.43 -19.27 32.42
C LEU A 288 -30.34 -20.35 31.36
N ALA A 289 -29.27 -21.15 31.43
CA ALA A 289 -28.91 -22.15 30.43
C ALA A 289 -30.01 -23.21 30.35
N GLY A 290 -30.35 -23.63 29.14
CA GLY A 290 -31.38 -24.65 28.93
C GLY A 290 -30.76 -25.97 28.52
N GLY A 291 -31.60 -26.96 28.25
CA GLY A 291 -31.10 -28.22 27.71
C GLY A 291 -32.05 -28.71 26.65
N ASP A 292 -32.25 -30.04 26.62
CA ASP A 292 -33.17 -30.60 25.62
C ASP A 292 -34.61 -30.33 26.11
N ALA A 293 -35.61 -30.83 25.39
CA ALA A 293 -37.00 -30.46 25.70
C ALA A 293 -37.39 -30.99 27.07
N GLN A 294 -36.77 -32.10 27.50
CA GLN A 294 -37.11 -32.69 28.79
C GLN A 294 -36.55 -31.85 29.93
N ALA A 295 -35.34 -31.38 29.75
CA ALA A 295 -34.74 -30.53 30.77
C ALA A 295 -35.53 -29.21 30.85
N ASN A 296 -35.92 -28.68 29.70
CA ASN A 296 -36.58 -27.37 29.66
C ASN A 296 -38.01 -27.46 30.20
N ALA A 297 -38.65 -28.60 29.96
CA ALA A 297 -39.96 -28.91 30.56
C ALA A 297 -39.83 -29.00 32.10
N ALA A 298 -38.78 -29.65 32.61
CA ALA A 298 -38.61 -29.74 34.07
C ALA A 298 -38.38 -28.34 34.65
N ALA A 299 -37.72 -27.47 33.92
CA ALA A 299 -37.49 -26.11 34.46
C ALA A 299 -38.84 -25.35 34.49
N VAL A 300 -39.70 -25.59 33.50
CA VAL A 300 -41.05 -25.03 33.57
C VAL A 300 -41.79 -25.47 34.85
N ARG A 301 -41.76 -26.75 35.15
CA ARG A 301 -42.47 -27.26 36.34
C ARG A 301 -41.87 -26.74 37.61
N ALA A 302 -40.55 -26.61 37.63
CA ALA A 302 -39.87 -26.16 38.82
C ALA A 302 -40.28 -24.67 39.09
N VAL A 303 -40.24 -23.82 38.07
CA VAL A 303 -40.71 -22.42 38.23
C VAL A 303 -42.19 -22.39 38.64
N LEU A 304 -43.04 -23.14 37.95
CA LEU A 304 -44.48 -23.08 38.28
C LEU A 304 -44.76 -23.67 39.65
N GLY A 305 -43.89 -24.54 40.14
CA GLY A 305 -44.02 -25.12 41.48
C GLY A 305 -43.49 -24.22 42.58
N GLY A 306 -43.05 -23.00 42.25
CA GLY A 306 -42.54 -22.10 43.30
C GLY A 306 -41.03 -22.07 43.54
N ALA A 307 -40.22 -22.78 42.76
CA ALA A 307 -38.75 -22.72 42.97
C ALA A 307 -38.22 -21.28 42.83
N ARG A 308 -37.42 -20.82 43.79
CA ARG A 308 -36.82 -19.48 43.68
C ARG A 308 -35.45 -19.56 43.00
N GLY A 309 -35.03 -18.47 42.39
CA GLY A 309 -33.72 -18.43 41.78
C GLY A 309 -33.74 -17.64 40.50
N PRO A 310 -32.64 -17.66 39.76
CA PRO A 310 -32.56 -16.80 38.57
C PRO A 310 -33.66 -17.09 37.52
N VAL A 311 -34.07 -18.34 37.36
CA VAL A 311 -35.00 -18.61 36.26
C VAL A 311 -36.37 -17.99 36.54
N ARG A 312 -36.86 -18.18 37.76
CA ARG A 312 -38.07 -17.56 38.21
C ARG A 312 -38.03 -16.05 37.97
N ASP A 313 -36.92 -15.42 38.38
CA ASP A 313 -36.75 -13.99 38.20
C ASP A 313 -36.91 -13.60 36.73
N ALA A 314 -36.25 -14.31 35.81
CA ALA A 314 -36.39 -13.96 34.41
C ALA A 314 -37.83 -14.16 33.89
N VAL A 315 -38.51 -15.20 34.38
CA VAL A 315 -39.89 -15.46 33.93
C VAL A 315 -40.83 -14.35 34.44
N VAL A 316 -40.71 -14.00 35.72
CA VAL A 316 -41.55 -12.93 36.32
C VAL A 316 -41.34 -11.57 35.63
N LEU A 317 -40.10 -11.25 35.31
CA LEU A 317 -39.78 -10.04 34.59
C LEU A 317 -40.44 -10.00 33.20
N ASN A 318 -40.32 -11.08 32.45
CA ASN A 318 -40.92 -11.15 31.09
C ASN A 318 -42.43 -11.21 31.15
N ALA A 319 -42.99 -11.96 32.10
CA ALA A 319 -44.43 -11.88 32.30
C ALA A 319 -44.90 -10.45 32.61
N ALA A 320 -44.20 -9.77 33.53
CA ALA A 320 -44.58 -8.41 33.87
C ALA A 320 -44.54 -7.54 32.61
N GLY A 321 -43.50 -7.73 31.78
CA GLY A 321 -43.40 -6.98 30.49
C GLY A 321 -44.60 -7.20 29.57
N ALA A 322 -45.08 -8.45 29.44
CA ALA A 322 -46.30 -8.70 28.64
C ALA A 322 -47.53 -8.01 29.24
N ILE A 323 -47.58 -7.99 30.56
CA ILE A 323 -48.68 -7.32 31.25
C ILE A 323 -48.63 -5.82 31.09
N VAL A 324 -47.43 -5.21 31.16
CA VAL A 324 -47.28 -3.78 30.79
C VAL A 324 -47.73 -3.47 29.32
N ALA A 325 -47.36 -4.32 28.36
CA ALA A 325 -47.85 -4.12 26.96
C ALA A 325 -49.38 -4.17 26.90
N HIS A 326 -49.99 -5.12 27.60
CA HIS A 326 -51.45 -5.19 27.73
C HIS A 326 -52.08 -3.91 28.31
N ALA A 327 -51.52 -3.42 29.40
CA ALA A 327 -52.02 -2.20 30.04
C ALA A 327 -51.98 -1.02 29.08
N GLY A 328 -50.95 -1.01 28.23
CA GLY A 328 -50.70 0.03 27.26
C GLY A 328 -51.76 0.12 26.17
N LEU A 329 -52.69 -0.82 26.15
CA LEU A 329 -53.80 -0.76 25.21
C LEU A 329 -54.76 0.36 25.65
N SER A 330 -54.63 0.78 26.90
CA SER A 330 -55.31 1.97 27.42
C SER A 330 -54.40 3.19 27.29
N SER A 331 -54.96 4.28 26.76
CA SER A 331 -54.21 5.53 26.66
C SER A 331 -53.80 6.10 28.05
N ARG A 332 -54.47 5.65 29.12
CA ARG A 332 -54.21 6.15 30.49
C ARG A 332 -53.06 5.46 31.26
N ALA A 333 -52.56 4.34 30.74
CA ALA A 333 -51.49 3.58 31.43
C ALA A 333 -50.24 4.43 31.69
N GLU A 334 -49.63 4.30 32.87
CA GLU A 334 -48.33 4.94 33.18
C GLU A 334 -47.27 3.89 33.43
N TRP A 335 -46.04 4.17 32.97
CA TRP A 335 -44.95 3.20 32.89
C TRP A 335 -44.53 2.51 34.20
N LEU A 336 -44.13 3.27 35.22
CA LEU A 336 -43.66 2.67 36.47
C LEU A 336 -44.78 1.96 37.26
N PRO A 337 -45.96 2.59 37.41
CA PRO A 337 -47.07 1.88 38.06
C PRO A 337 -47.46 0.59 37.30
N ALA A 338 -47.44 0.61 35.96
CA ALA A 338 -47.74 -0.58 35.12
C ALA A 338 -46.75 -1.69 35.41
N TRP A 339 -45.45 -1.33 35.50
CA TRP A 339 -44.42 -2.31 35.86
C TRP A 339 -44.61 -2.90 37.24
N GLU A 340 -44.91 -2.05 38.22
CA GLU A 340 -45.13 -2.53 39.59
C GLU A 340 -46.33 -3.49 39.63
N GLU A 341 -47.43 -3.10 39.02
CA GLU A 341 -48.58 -3.98 38.97
C GLU A 341 -48.29 -5.28 38.22
N GLY A 342 -47.56 -5.19 37.09
CA GLY A 342 -47.21 -6.36 36.29
C GLY A 342 -46.37 -7.35 37.11
N LEU A 343 -45.44 -6.81 37.89
CA LEU A 343 -44.59 -7.66 38.70
C LEU A 343 -45.38 -8.31 39.84
N ARG A 344 -46.28 -7.53 40.46
CA ARG A 344 -47.16 -8.07 41.50
C ARG A 344 -48.03 -9.19 40.95
N ARG A 345 -48.65 -8.95 39.81
CA ARG A 345 -49.57 -9.92 39.20
C ARG A 345 -48.85 -11.18 38.75
N ALA A 346 -47.65 -11.03 38.18
CA ALA A 346 -46.87 -12.17 37.69
C ALA A 346 -46.45 -13.04 38.84
N SER A 347 -45.93 -12.40 39.88
CA SER A 347 -45.56 -13.10 41.11
C SER A 347 -46.73 -13.81 41.79
N ALA A 348 -47.87 -13.13 41.92
CA ALA A 348 -49.03 -13.73 42.56
C ALA A 348 -49.55 -14.94 41.76
N ALA A 349 -49.53 -14.86 40.43
CA ALA A 349 -50.00 -15.93 39.56
C ALA A 349 -49.20 -17.20 39.77
N ILE A 350 -47.89 -17.08 39.99
CA ILE A 350 -47.08 -18.24 40.40
C ILE A 350 -47.36 -18.67 41.86
N ASP A 351 -47.29 -17.71 42.79
CA ASP A 351 -47.37 -18.02 44.23
C ASP A 351 -48.72 -18.60 44.69
N THR A 352 -49.81 -18.26 43.99
CA THR A 352 -51.10 -18.75 44.39
C THR A 352 -51.33 -20.17 43.81
N GLY A 353 -50.43 -20.63 42.93
CA GLY A 353 -50.66 -21.88 42.22
C GLY A 353 -51.47 -21.75 40.94
N ALA A 354 -51.91 -20.53 40.62
CA ALA A 354 -52.74 -20.33 39.42
C ALA A 354 -51.99 -20.68 38.12
N ALA A 355 -50.70 -20.34 38.03
CA ALA A 355 -49.95 -20.67 36.82
C ALA A 355 -49.77 -22.19 36.70
N GLU A 356 -49.41 -22.82 37.81
CA GLU A 356 -49.29 -24.27 37.84
C GLU A 356 -50.60 -24.98 37.41
N GLN A 357 -51.73 -24.57 38.00
CA GLN A 357 -53.03 -25.13 37.67
C GLN A 357 -53.42 -24.85 36.22
N LEU A 358 -53.10 -23.67 35.75
CA LEU A 358 -53.45 -23.34 34.37
C LEU A 358 -52.75 -24.28 33.37
N LEU A 359 -51.46 -24.51 33.56
CA LEU A 359 -50.76 -25.49 32.73
C LEU A 359 -51.46 -26.87 32.78
N ALA A 360 -51.81 -27.35 33.97
CA ALA A 360 -52.53 -28.63 34.12
C ALA A 360 -53.87 -28.63 33.41
N ARG A 361 -54.60 -27.54 33.54
CA ARG A 361 -55.84 -27.39 32.77
C ARG A 361 -55.66 -27.36 31.25
N TRP A 362 -54.59 -26.70 30.81
CA TRP A 362 -54.26 -26.65 29.37
C TRP A 362 -54.03 -28.06 28.84
N VAL A 363 -53.24 -28.85 29.59
CA VAL A 363 -52.92 -30.25 29.22
C VAL A 363 -54.21 -31.06 29.13
N ARG A 364 -55.05 -30.98 30.17
CA ARG A 364 -56.34 -31.63 30.15
C ARG A 364 -57.23 -31.21 28.98
N PHE A 365 -57.26 -29.92 28.68
CA PHE A 365 -58.06 -29.42 27.58
C PHE A 365 -57.69 -30.16 26.26
N GLY A 366 -56.40 -30.34 26.02
CA GLY A 366 -55.94 -30.98 24.79
C GLY A 366 -56.25 -32.46 24.75
N ARG A 367 -56.21 -33.11 25.92
CA ARG A 367 -56.52 -34.53 26.04
C ARG A 367 -58.00 -34.81 25.91
N GLN A 368 -58.84 -33.80 26.15
CA GLN A 368 -60.28 -34.02 26.18
C GLN A 368 -61.01 -33.55 24.93
N ILE A 369 -60.29 -33.46 23.81
CA ILE A 369 -60.81 -33.01 22.51
C ILE A 369 -60.68 -31.48 22.35
N PRO B 24 -1.81 8.09 30.43
CA PRO B 24 -0.84 7.59 31.43
C PRO B 24 -0.13 6.30 31.00
N SER B 25 1.13 6.16 31.38
CA SER B 25 1.88 4.96 31.03
C SER B 25 3.06 4.78 31.98
N TRP B 26 3.61 3.57 32.01
CA TRP B 26 4.76 3.33 32.85
C TRP B 26 5.94 4.20 32.45
N PRO B 27 6.26 4.27 31.11
CA PRO B 27 7.35 5.15 30.70
C PRO B 27 7.14 6.58 31.19
N GLN B 28 5.90 7.04 31.10
CA GLN B 28 5.62 8.43 31.50
C GLN B 28 5.78 8.62 33.04
N ILE B 29 5.21 7.72 33.80
CA ILE B 29 5.22 7.84 35.26
C ILE B 29 6.62 7.58 35.88
N LEU B 30 7.26 6.48 35.48
CA LEU B 30 8.65 6.15 35.92
C LEU B 30 9.68 7.19 35.48
N GLY B 31 9.55 7.69 34.24
CA GLY B 31 10.40 8.80 33.73
C GLY B 31 10.30 10.04 34.61
N ARG B 32 9.09 10.36 35.05
CA ARG B 32 8.91 11.52 35.91
C ARG B 32 9.58 11.28 37.27
N LEU B 33 9.40 10.08 37.86
CA LEU B 33 10.06 9.83 39.16
C LEU B 33 11.59 9.79 39.08
N THR B 34 12.12 9.15 38.04
CA THR B 34 13.59 9.15 37.88
C THR B 34 14.11 10.55 37.50
N ASP B 35 13.25 11.40 36.95
CA ASP B 35 13.66 12.81 36.73
C ASP B 35 13.53 13.58 38.04
N ASN B 36 13.20 12.87 39.11
CA ASN B 36 13.04 13.46 40.44
C ASN B 36 11.94 14.52 40.61
N ARG B 37 10.82 14.31 39.93
CA ARG B 37 9.70 15.22 40.03
C ARG B 37 8.55 14.51 40.74
N ASP B 38 7.80 15.28 41.50
CA ASP B 38 6.50 14.82 41.99
C ASP B 38 5.59 14.42 40.82
N LEU B 39 4.75 13.43 41.04
CA LEU B 39 3.76 13.01 40.05
C LEU B 39 2.64 14.02 39.89
N ALA B 40 1.99 14.00 38.73
CA ALA B 40 0.79 14.77 38.52
C ALA B 40 -0.34 14.08 39.26
N ARG B 41 -1.33 14.87 39.64
CA ARG B 41 -2.50 14.32 40.29
C ARG B 41 -3.08 13.15 39.48
N GLY B 42 -3.42 12.08 40.17
CA GLY B 42 -3.93 10.87 39.52
C GLY B 42 -2.91 9.85 39.02
N GLN B 43 -1.64 10.25 38.87
CA GLN B 43 -0.64 9.29 38.34
C GLN B 43 -0.31 8.14 39.31
N ALA B 44 -0.04 8.48 40.57
CA ALA B 44 0.11 7.44 41.60
C ALA B 44 -1.11 6.51 41.65
N ALA B 45 -2.32 7.08 41.58
CA ALA B 45 -3.54 6.27 41.62
C ALA B 45 -3.62 5.34 40.42
N TRP B 46 -3.36 5.87 39.24
CA TRP B 46 -3.36 5.03 38.04
C TRP B 46 -2.40 3.82 38.18
N ALA B 47 -1.19 4.10 38.62
CA ALA B 47 -0.18 3.05 38.82
C ALA B 47 -0.62 2.04 39.85
N MET B 48 -1.10 2.52 41.01
CA MET B 48 -1.49 1.58 42.07
C MET B 48 -2.64 0.70 41.55
N ASP B 49 -3.55 1.29 40.79
CA ASP B 49 -4.69 0.54 40.26
C ASP B 49 -4.23 -0.52 39.22
N GLN B 50 -3.29 -0.15 38.35
CA GLN B 50 -2.65 -1.13 37.45
C GLN B 50 -2.07 -2.30 38.25
N ILE B 51 -1.37 -2.00 39.33
CA ILE B 51 -0.77 -3.02 40.22
C ILE B 51 -1.86 -3.91 40.85
N MET B 52 -2.97 -3.30 41.25
CA MET B 52 -4.00 -4.03 42.01
C MET B 52 -4.89 -4.90 41.12
N THR B 53 -5.00 -4.56 39.84
CA THR B 53 -5.86 -5.32 38.95
C THR B 53 -5.07 -6.42 38.21
N GLY B 54 -3.82 -6.66 38.62
CA GLY B 54 -2.96 -7.65 37.97
C GLY B 54 -2.49 -7.26 36.56
N ASN B 55 -2.43 -5.96 36.27
CA ASN B 55 -2.05 -5.51 34.94
C ASN B 55 -0.59 -5.02 34.84
N ALA B 56 0.12 -5.00 35.96
CA ALA B 56 1.52 -4.56 35.96
C ALA B 56 2.48 -5.76 36.05
N ARG B 57 3.51 -5.74 35.21
CA ARG B 57 4.60 -6.71 35.34
C ARG B 57 5.36 -6.52 36.65
N PRO B 58 5.91 -7.62 37.23
CA PRO B 58 6.74 -7.50 38.44
C PRO B 58 7.84 -6.42 38.27
N ALA B 59 8.39 -6.31 37.07
CA ALA B 59 9.45 -5.32 36.84
C ALA B 59 8.92 -3.90 36.96
N GLN B 60 7.68 -3.69 36.49
CA GLN B 60 7.04 -2.40 36.60
C GLN B 60 6.66 -2.06 38.05
N ILE B 61 6.11 -3.03 38.77
CA ILE B 61 5.81 -2.84 40.22
C ILE B 61 7.06 -2.41 40.97
N ALA B 62 8.13 -3.18 40.76
CA ALA B 62 9.40 -2.94 41.42
C ALA B 62 9.96 -1.57 41.07
N ALA B 63 9.92 -1.20 39.78
CA ALA B 63 10.54 0.06 39.41
C ALA B 63 9.75 1.21 40.04
N PHE B 64 8.41 1.08 40.05
CA PHE B 64 7.56 2.11 40.64
C PHE B 64 7.80 2.24 42.15
N ALA B 65 7.80 1.13 42.86
CA ALA B 65 8.01 1.15 44.31
C ALA B 65 9.35 1.82 44.66
N VAL B 66 10.42 1.42 43.96
CA VAL B 66 11.75 1.99 44.17
C VAL B 66 11.87 3.46 43.75
N ALA B 67 11.44 3.80 42.53
CA ALA B 67 11.49 5.21 42.04
C ALA B 67 10.74 6.15 42.99
N MET B 68 9.57 5.71 43.41
CA MET B 68 8.79 6.56 44.31
C MET B 68 9.52 6.81 45.64
N THR B 69 10.11 5.76 46.18
CA THR B 69 10.86 5.88 47.45
C THR B 69 12.09 6.85 47.35
N MET B 70 12.90 6.73 46.30
CA MET B 70 14.10 7.58 46.16
C MET B 70 13.80 9.01 45.71
N LYS B 71 12.66 9.21 45.04
CA LYS B 71 12.23 10.59 44.75
C LYS B 71 11.87 11.35 46.06
N ALA B 72 11.23 10.66 46.97
CA ALA B 72 10.76 11.17 48.28
C ALA B 72 9.30 11.35 48.04
N PRO B 73 8.51 10.35 48.46
CA PRO B 73 7.07 10.33 48.22
C PRO B 73 6.39 11.50 48.89
N THR B 74 5.35 12.04 48.28
CA THR B 74 4.57 13.07 48.98
C THR B 74 3.36 12.44 49.64
N ALA B 75 2.75 13.15 50.58
CA ALA B 75 1.46 12.71 51.18
C ALA B 75 0.35 12.60 50.14
N ASP B 76 0.32 13.51 49.18
CA ASP B 76 -0.68 13.38 48.10
C ASP B 76 -0.50 12.04 47.38
N GLU B 77 0.74 11.68 47.08
CA GLU B 77 1.06 10.42 46.35
C GLU B 77 0.73 9.16 47.15
N VAL B 78 1.23 9.10 48.37
CA VAL B 78 0.96 7.96 49.25
C VAL B 78 -0.56 7.84 49.55
N GLY B 79 -1.22 8.97 49.71
CA GLY B 79 -2.67 9.00 49.89
C GLY B 79 -3.39 8.42 48.68
N GLU B 80 -2.91 8.66 47.47
CA GLU B 80 -3.43 8.04 46.28
C GLU B 80 -3.26 6.52 46.23
N LEU B 81 -2.07 6.03 46.60
CA LEU B 81 -1.87 4.58 46.72
C LEU B 81 -2.83 3.92 47.69
N ALA B 82 -2.94 4.51 48.89
CA ALA B 82 -3.79 3.98 49.96
C ALA B 82 -5.28 4.04 49.53
N GLY B 83 -5.68 5.13 48.89
CA GLY B 83 -7.06 5.27 48.35
C GLY B 83 -7.40 4.14 47.37
N VAL B 84 -6.47 3.83 46.46
CA VAL B 84 -6.72 2.76 45.50
C VAL B 84 -6.88 1.42 46.22
N MET B 85 -5.94 1.10 47.13
CA MET B 85 -6.09 -0.11 47.92
C MET B 85 -7.46 -0.20 48.64
N LEU B 86 -7.86 0.90 49.23
CA LEU B 86 -9.09 0.91 49.98
C LEU B 86 -10.27 0.78 49.03
N SER B 87 -10.13 1.26 47.79
CA SER B 87 -11.19 1.05 46.77
C SER B 87 -11.41 -0.41 46.44
N HIS B 88 -10.32 -1.17 46.42
CA HIS B 88 -10.37 -2.58 46.09
C HIS B 88 -10.62 -3.50 47.31
N ALA B 89 -10.46 -2.97 48.51
CA ALA B 89 -10.53 -3.81 49.72
C ALA B 89 -11.96 -4.29 49.99
N HIS B 90 -12.11 -5.48 50.60
CA HIS B 90 -13.41 -5.86 51.15
C HIS B 90 -13.78 -4.94 52.31
N PRO B 91 -14.94 -4.26 52.23
CA PRO B 91 -15.36 -3.37 53.31
C PRO B 91 -16.03 -4.16 54.42
N LEU B 92 -16.17 -3.57 55.61
CA LEU B 92 -17.05 -4.15 56.64
C LEU B 92 -18.51 -3.75 56.33
N PRO B 93 -19.48 -4.55 56.76
CA PRO B 93 -20.88 -4.19 56.47
C PRO B 93 -21.25 -2.77 56.92
N ALA B 94 -22.14 -2.13 56.18
CA ALA B 94 -22.64 -0.81 56.54
C ALA B 94 -22.96 -0.75 58.04
N ASP B 95 -22.60 0.36 58.67
CA ASP B 95 -22.99 0.63 60.06
C ASP B 95 -22.51 -0.33 61.16
N THR B 96 -21.42 -1.06 60.91
CA THR B 96 -20.89 -2.00 61.90
C THR B 96 -19.63 -1.47 62.62
N VAL B 97 -19.12 -0.32 62.22
CA VAL B 97 -17.90 0.19 62.80
C VAL B 97 -18.24 1.48 63.51
N PRO B 98 -18.05 1.53 64.85
CA PRO B 98 -18.34 2.78 65.57
C PRO B 98 -17.51 3.93 65.06
N ASP B 99 -18.11 5.10 65.05
CA ASP B 99 -17.51 6.36 64.68
C ASP B 99 -16.16 6.63 65.34
N ASP B 100 -15.95 6.06 66.53
CA ASP B 100 -14.76 6.34 67.32
C ASP B 100 -13.79 5.15 67.39
N ALA B 101 -13.91 4.19 66.47
CA ALA B 101 -12.99 3.02 66.43
C ALA B 101 -11.56 3.48 66.27
N VAL B 102 -10.66 2.77 66.94
CA VAL B 102 -9.22 3.02 66.82
C VAL B 102 -8.45 1.80 66.30
N ASP B 103 -7.32 2.10 65.69
CA ASP B 103 -6.35 1.11 65.23
C ASP B 103 -5.07 1.29 66.03
N VAL B 104 -4.32 0.20 66.20
CA VAL B 104 -2.98 0.28 66.79
C VAL B 104 -2.16 -0.66 65.94
N VAL B 105 -1.23 -0.09 65.18
CA VAL B 105 -0.52 -0.85 64.17
C VAL B 105 0.66 -0.04 63.67
N GLY B 106 1.69 -0.74 63.20
CA GLY B 106 2.88 -0.07 62.70
C GLY B 106 3.30 -0.68 61.39
N THR B 107 4.24 -0.01 60.74
CA THR B 107 4.85 -0.51 59.50
C THR B 107 5.58 -1.82 59.67
N GLY B 108 6.09 -2.10 60.89
CA GLY B 108 7.07 -3.17 61.09
C GLY B 108 8.39 -2.73 60.46
N GLY B 109 9.32 -3.67 60.30
CA GLY B 109 10.57 -3.38 59.61
C GLY B 109 11.58 -2.58 60.41
N ASP B 110 11.39 -2.51 61.73
CA ASP B 110 12.39 -1.89 62.59
C ASP B 110 13.62 -2.78 62.82
N GLY B 111 13.54 -4.05 62.40
CA GLY B 111 14.66 -4.96 62.46
C GLY B 111 15.08 -5.43 63.84
N VAL B 112 14.28 -5.12 64.85
CA VAL B 112 14.56 -5.61 66.22
C VAL B 112 13.76 -6.89 66.47
N ASN B 113 14.11 -7.65 67.47
CA ASN B 113 13.14 -8.64 67.88
C ASN B 113 12.46 -8.10 69.11
N THR B 114 11.27 -7.53 68.92
CA THR B 114 10.49 -7.16 70.09
C THR B 114 9.30 -8.08 70.21
N VAL B 115 8.87 -8.23 71.44
CA VAL B 115 7.52 -8.67 71.72
C VAL B 115 6.53 -7.74 70.97
N ASN B 116 5.41 -8.32 70.58
CA ASN B 116 4.32 -7.68 69.87
C ASN B 116 3.59 -6.57 70.61
N LEU B 117 4.17 -5.39 70.61
CA LEU B 117 3.76 -4.32 71.49
C LEU B 117 2.44 -3.69 71.02
N SER B 118 2.27 -3.52 69.73
CA SER B 118 0.99 -2.97 69.21
C SER B 118 -0.20 -3.87 69.53
N THR B 119 0.02 -5.17 69.38
CA THR B 119 -1.03 -6.17 69.62
C THR B 119 -1.48 -6.17 71.12
N MET B 120 -0.52 -6.14 72.02
CA MET B 120 -0.79 -6.18 73.46
C MET B 120 -1.49 -4.91 73.81
N ALA B 121 -0.95 -3.79 73.32
CA ALA B 121 -1.58 -2.49 73.51
C ALA B 121 -3.02 -2.50 73.02
N ALA B 122 -3.27 -3.09 71.86
CA ALA B 122 -4.64 -3.11 71.32
C ALA B 122 -5.64 -3.80 72.25
N ILE B 123 -5.26 -4.97 72.78
CA ILE B 123 -6.08 -5.72 73.74
C ILE B 123 -6.41 -4.83 74.97
N VAL B 124 -5.40 -4.15 75.51
CA VAL B 124 -5.60 -3.31 76.69
C VAL B 124 -6.56 -2.12 76.39
N VAL B 125 -6.39 -1.50 75.22
CA VAL B 125 -7.22 -0.36 74.80
C VAL B 125 -8.68 -0.81 74.70
N ALA B 126 -8.90 -1.95 74.04
CA ALA B 126 -10.26 -2.51 73.90
C ALA B 126 -10.84 -2.80 75.29
N ALA B 127 -10.00 -3.35 76.16
CA ALA B 127 -10.42 -3.63 77.55
C ALA B 127 -10.80 -2.35 78.30
N ALA B 128 -10.17 -1.25 77.96
CA ALA B 128 -10.55 0.04 78.55
C ALA B 128 -11.88 0.59 78.00
N GLY B 129 -12.45 -0.07 77.01
CA GLY B 129 -13.74 0.36 76.48
C GLY B 129 -13.66 1.18 75.22
N VAL B 130 -12.48 1.31 74.63
CA VAL B 130 -12.38 2.00 73.33
C VAL B 130 -12.51 0.92 72.25
N PRO B 131 -13.47 1.07 71.31
CA PRO B 131 -13.58 0.02 70.29
C PRO B 131 -12.34 -0.04 69.38
N VAL B 132 -11.82 -1.24 69.16
CA VAL B 132 -10.58 -1.41 68.41
C VAL B 132 -10.81 -2.27 67.17
N VAL B 133 -10.52 -1.74 66.00
CA VAL B 133 -10.46 -2.60 64.82
C VAL B 133 -9.03 -2.55 64.29
N LYS B 134 -8.30 -3.60 64.63
CA LYS B 134 -6.89 -3.73 64.35
C LYS B 134 -6.63 -4.33 62.99
N HIS B 135 -5.80 -3.65 62.22
CA HIS B 135 -5.27 -4.17 60.95
C HIS B 135 -3.94 -4.82 61.26
N GLY B 136 -3.72 -5.99 60.67
CA GLY B 136 -2.44 -6.65 60.88
C GLY B 136 -2.04 -7.70 59.87
N ASN B 137 -0.90 -8.32 60.14
CA ASN B 137 -0.26 -9.20 59.20
C ASN B 137 0.73 -10.09 59.92
N ARG B 138 1.14 -11.16 59.26
CA ARG B 138 2.25 -11.96 59.81
C ARG B 138 3.56 -11.16 59.74
N ALA B 139 4.62 -11.69 60.34
CA ALA B 139 5.94 -11.06 60.28
C ALA B 139 6.45 -11.01 58.82
N ALA B 140 7.16 -9.96 58.47
CA ALA B 140 7.88 -9.92 57.21
C ALA B 140 9.32 -10.24 57.49
N SER B 141 9.95 -9.54 58.45
CA SER B 141 11.35 -9.83 58.78
C SER B 141 11.67 -10.17 60.26
N SER B 142 10.74 -9.87 61.17
CA SER B 142 10.90 -10.28 62.57
C SER B 142 10.46 -11.76 62.80
N LEU B 143 10.63 -12.25 64.02
CA LEU B 143 10.38 -13.66 64.26
C LEU B 143 8.89 -14.02 64.36
N SER B 144 8.10 -13.11 64.93
CA SER B 144 6.66 -13.29 65.03
C SER B 144 5.96 -11.94 64.86
N GLY B 145 5.03 -11.84 63.91
CA GLY B 145 4.23 -10.62 63.76
C GLY B 145 2.98 -10.67 64.62
N GLY B 146 2.20 -9.59 64.61
CA GLY B 146 0.99 -9.52 65.42
C GLY B 146 0.04 -10.68 65.12
N ALA B 147 -0.17 -10.93 63.84
CA ALA B 147 -1.04 -12.02 63.39
C ALA B 147 -0.57 -13.41 63.88
N ASP B 148 0.75 -13.63 63.86
CA ASP B 148 1.35 -14.89 64.30
C ASP B 148 1.10 -15.12 65.78
N THR B 149 1.27 -14.04 66.56
CA THR B 149 1.10 -14.12 68.00
C THR B 149 -0.35 -14.30 68.38
N LEU B 150 -1.26 -13.56 67.74
CA LEU B 150 -2.67 -13.76 67.97
C LEU B 150 -3.08 -15.20 67.66
N GLU B 151 -2.55 -15.76 66.59
CA GLU B 151 -2.93 -17.13 66.20
C GLU B 151 -2.44 -18.13 67.26
N ALA B 152 -1.26 -17.88 67.81
CA ALA B 152 -0.70 -18.73 68.83
C ALA B 152 -1.41 -18.58 70.17
N LEU B 153 -2.07 -17.43 70.40
CA LEU B 153 -2.90 -17.20 71.58
C LEU B 153 -4.24 -17.86 71.40
N GLY B 154 -4.53 -18.29 70.18
CA GLY B 154 -5.79 -18.98 69.90
C GLY B 154 -6.85 -18.06 69.32
N VAL B 155 -6.47 -16.84 69.00
CA VAL B 155 -7.40 -15.89 68.36
C VAL B 155 -7.56 -16.23 66.84
N ARG B 156 -8.80 -16.23 66.33
CA ARG B 156 -9.03 -16.40 64.88
C ARG B 156 -8.57 -15.16 64.13
N ILE B 157 -7.51 -15.30 63.36
CA ILE B 157 -7.00 -14.17 62.58
C ILE B 157 -7.68 -14.08 61.21
N ASP B 158 -8.30 -15.19 60.79
CA ASP B 158 -8.74 -15.44 59.40
C ASP B 158 -10.15 -15.00 59.06
N LEU B 159 -10.80 -14.23 59.94
CA LEU B 159 -12.21 -13.92 59.77
C LEU B 159 -12.48 -12.92 58.66
N GLY B 160 -13.59 -13.11 57.95
CA GLY B 160 -14.04 -12.19 56.92
C GLY B 160 -14.86 -11.03 57.50
N PRO B 161 -15.35 -10.14 56.63
CA PRO B 161 -15.96 -8.89 57.07
C PRO B 161 -17.12 -9.03 58.09
N ASP B 162 -18.07 -9.93 57.84
CA ASP B 162 -19.25 -10.07 58.70
C ASP B 162 -18.84 -10.45 60.12
N LEU B 163 -17.93 -11.42 60.19
CA LEU B 163 -17.47 -11.97 61.46
C LEU B 163 -16.58 -10.98 62.23
N VAL B 164 -15.81 -10.15 61.51
CA VAL B 164 -15.01 -9.10 62.18
C VAL B 164 -15.93 -8.06 62.83
N ALA B 165 -16.99 -7.67 62.12
CA ALA B 165 -18.05 -6.83 62.66
C ALA B 165 -18.70 -7.44 63.92
N ARG B 166 -19.03 -8.72 63.86
CA ARG B 166 -19.59 -9.40 65.03
C ARG B 166 -18.56 -9.44 66.16
N SER B 167 -17.30 -9.73 65.84
CA SER B 167 -16.25 -9.73 66.86
C SER B 167 -16.20 -8.36 67.51
N LEU B 168 -16.21 -7.31 66.69
CA LEU B 168 -16.14 -5.95 67.20
C LEU B 168 -17.29 -5.67 68.18
N ALA B 169 -18.50 -6.04 67.77
CA ALA B 169 -19.71 -5.75 68.54
C ALA B 169 -19.74 -6.59 69.81
N GLU B 170 -19.35 -7.86 69.70
CA GLU B 170 -19.47 -8.82 70.80
C GLU B 170 -18.34 -8.81 71.80
N VAL B 171 -17.11 -8.60 71.32
CA VAL B 171 -15.94 -8.68 72.16
C VAL B 171 -15.38 -7.29 72.46
N GLY B 172 -15.53 -6.34 71.55
CA GLY B 172 -14.98 -5.00 71.73
C GLY B 172 -13.72 -4.79 70.87
N ILE B 173 -13.27 -5.85 70.19
CA ILE B 173 -12.11 -5.80 69.30
C ILE B 173 -12.36 -6.68 68.07
N GLY B 174 -11.93 -6.20 66.91
CA GLY B 174 -11.91 -6.99 65.69
C GLY B 174 -10.48 -7.01 65.12
N PHE B 175 -10.12 -8.11 64.46
CA PHE B 175 -8.83 -8.18 63.76
C PHE B 175 -9.04 -8.41 62.27
N CYS B 176 -8.68 -7.39 61.48
CA CYS B 176 -8.65 -7.46 60.01
C CYS B 176 -7.28 -7.94 59.54
N PHE B 177 -7.21 -9.18 59.04
CA PHE B 177 -5.97 -9.79 58.58
C PHE B 177 -5.73 -9.30 57.15
N ALA B 178 -4.62 -8.61 56.94
CA ALA B 178 -4.34 -7.94 55.65
C ALA B 178 -4.62 -8.81 54.38
N PRO B 179 -4.04 -10.03 54.30
CA PRO B 179 -4.28 -10.90 53.12
C PRO B 179 -5.76 -11.26 52.85
N ARG B 180 -6.56 -11.37 53.91
CA ARG B 180 -7.99 -11.65 53.81
C ARG B 180 -8.80 -10.47 53.20
N PHE B 181 -8.40 -9.25 53.51
CA PHE B 181 -9.16 -8.07 53.07
C PHE B 181 -8.58 -7.37 51.85
N HIS B 182 -7.31 -7.64 51.57
CA HIS B 182 -6.61 -7.04 50.42
C HIS B 182 -6.03 -8.12 49.51
N PRO B 183 -6.87 -9.05 49.01
CA PRO B 183 -6.34 -10.18 48.19
C PRO B 183 -5.63 -9.69 46.91
N SER B 184 -6.14 -8.61 46.31
CA SER B 184 -5.57 -8.03 45.10
C SER B 184 -4.18 -7.38 45.27
N TYR B 185 -3.72 -7.25 46.52
CA TYR B 185 -2.36 -6.78 46.78
C TYR B 185 -1.32 -7.91 46.53
N ARG B 186 -1.76 -9.13 46.20
CA ARG B 186 -0.81 -10.25 46.08
C ARG B 186 0.45 -9.96 45.24
N HIS B 187 0.30 -9.26 44.12
CA HIS B 187 1.44 -9.01 43.22
C HIS B 187 2.46 -8.04 43.80
N ALA B 188 1.98 -6.92 44.33
CA ALA B 188 2.84 -6.00 45.06
C ALA B 188 3.53 -6.70 46.25
N ALA B 189 2.81 -7.62 46.88
CA ALA B 189 3.34 -8.26 48.08
C ALA B 189 4.51 -9.18 47.72
N ALA B 190 4.36 -9.88 46.59
CA ALA B 190 5.42 -10.75 46.07
C ALA B 190 6.65 -9.93 45.69
N VAL B 191 6.46 -8.80 45.01
CA VAL B 191 7.57 -7.89 44.71
C VAL B 191 8.25 -7.34 45.98
N ARG B 192 7.44 -6.95 46.97
CA ARG B 192 7.98 -6.49 48.26
C ARG B 192 8.94 -7.51 48.91
N ARG B 193 8.48 -8.75 49.00
CA ARG B 193 9.30 -9.88 49.43
C ARG B 193 10.60 -10.09 48.59
N GLU B 194 10.47 -10.11 47.26
CA GLU B 194 11.64 -10.40 46.40
C GLU B 194 12.75 -9.36 46.47
N ILE B 195 12.39 -8.08 46.62
CA ILE B 195 13.39 -7.02 46.64
C ILE B 195 13.96 -6.81 48.02
N GLY B 196 13.16 -7.12 49.05
CA GLY B 196 13.59 -7.13 50.43
C GLY B 196 13.89 -5.75 51.03
N VAL B 197 14.23 -4.77 50.22
CA VAL B 197 14.51 -3.43 50.75
C VAL B 197 13.12 -2.76 51.09
N PRO B 198 13.02 -2.03 52.23
CA PRO B 198 11.79 -1.25 52.47
C PRO B 198 11.56 -0.20 51.38
N THR B 199 10.31 -0.04 50.96
CA THR B 199 9.90 1.02 50.02
C THR B 199 8.63 1.70 50.52
N VAL B 200 8.11 2.57 49.66
CA VAL B 200 6.88 3.30 49.93
C VAL B 200 5.73 2.31 50.25
N PHE B 201 5.77 1.10 49.68
CA PHE B 201 4.77 0.09 49.94
C PHE B 201 4.71 -0.29 51.40
N ASN B 202 5.85 -0.24 52.11
CA ASN B 202 5.89 -0.55 53.54
C ASN B 202 5.07 0.40 54.38
N LEU B 203 4.62 1.53 53.80
CA LEU B 203 3.75 2.45 54.54
C LEU B 203 2.26 2.11 54.43
N LEU B 204 1.92 1.27 53.48
CA LEU B 204 0.52 1.13 53.13
C LEU B 204 -0.32 0.38 54.14
N GLY B 205 0.26 -0.63 54.81
CA GLY B 205 -0.47 -1.39 55.84
C GLY B 205 -1.20 -0.55 56.88
N PRO B 206 -0.47 0.33 57.61
CA PRO B 206 -1.16 1.16 58.59
C PRO B 206 -2.14 2.14 57.93
N LEU B 207 -1.94 2.46 56.65
CA LEU B 207 -2.82 3.38 55.95
C LEU B 207 -4.03 2.74 55.31
N THR B 208 -4.14 1.40 55.33
CA THR B 208 -5.23 0.76 54.58
C THR B 208 -6.10 -0.20 55.40
N ASN B 209 -6.29 0.16 56.66
CA ASN B 209 -7.20 -0.63 57.51
C ASN B 209 -8.57 -0.65 56.82
N PRO B 210 -9.08 -1.84 56.48
CA PRO B 210 -10.29 -1.88 55.66
C PRO B 210 -11.56 -1.34 56.35
N ALA B 211 -11.53 -1.24 57.69
CA ALA B 211 -12.69 -0.73 58.46
C ALA B 211 -12.66 0.79 58.58
N ARG B 212 -11.60 1.38 58.07
CA ARG B 212 -11.44 2.85 58.02
C ARG B 212 -11.70 3.54 59.38
N PRO B 213 -11.11 3.02 60.46
CA PRO B 213 -11.30 3.73 61.70
C PRO B 213 -10.68 5.14 61.61
N ARG B 214 -11.26 6.09 62.34
CA ARG B 214 -10.88 7.48 62.28
C ARG B 214 -9.81 7.89 63.28
N ALA B 215 -9.41 6.99 64.19
CA ALA B 215 -8.30 7.30 65.09
C ALA B 215 -7.30 6.17 65.12
N GLY B 216 -6.07 6.45 65.53
CA GLY B 216 -5.09 5.37 65.64
C GLY B 216 -3.78 5.79 66.28
N LEU B 217 -3.09 4.81 66.86
CA LEU B 217 -1.66 4.94 67.26
C LEU B 217 -0.90 4.19 66.20
N ILE B 218 -0.13 4.93 65.39
CA ILE B 218 0.43 4.40 64.16
C ILE B 218 1.96 4.44 64.22
N GLY B 219 2.58 3.27 64.22
CA GLY B 219 4.04 3.17 64.27
C GLY B 219 4.67 3.20 62.88
N CYS B 220 5.78 3.92 62.76
CA CYS B 220 6.52 3.96 61.50
C CYS B 220 8.01 3.69 61.77
N ALA B 221 8.57 2.69 61.12
CA ALA B 221 9.99 2.35 61.35
C ALA B 221 10.97 3.33 60.65
N PHE B 222 10.45 4.12 59.73
CA PHE B 222 11.31 4.91 58.84
C PHE B 222 11.14 6.34 59.17
N ALA B 223 12.15 6.89 59.83
CA ALA B 223 12.15 8.24 60.37
C ALA B 223 11.83 9.34 59.33
N ASP B 224 12.27 9.16 58.10
CA ASP B 224 11.97 10.22 57.14
C ASP B 224 10.67 10.00 56.30
N LEU B 225 9.94 8.91 56.57
CA LEU B 225 8.64 8.67 55.94
C LEU B 225 7.46 8.92 56.89
N ALA B 226 7.75 9.03 58.20
CA ALA B 226 6.70 9.24 59.20
C ALA B 226 5.86 10.48 58.93
N GLU B 227 6.51 11.57 58.54
CA GLU B 227 5.80 12.80 58.30
C GLU B 227 4.80 12.69 57.14
N VAL B 228 5.22 11.96 56.10
CA VAL B 228 4.35 11.66 54.95
C VAL B 228 3.14 10.81 55.40
N MET B 229 3.36 9.77 56.21
CA MET B 229 2.22 9.02 56.79
C MET B 229 1.22 9.93 57.51
N ALA B 230 1.75 10.85 58.32
CA ALA B 230 0.94 11.75 59.13
C ALA B 230 0.11 12.63 58.21
N GLY B 231 0.74 13.01 57.09
CA GLY B 231 0.09 13.85 56.08
C GLY B 231 -1.10 13.13 55.46
N VAL B 232 -0.94 11.85 55.15
CA VAL B 232 -2.08 11.07 54.67
C VAL B 232 -3.27 11.08 55.66
N PHE B 233 -2.99 10.81 56.94
CA PHE B 233 -4.02 10.83 57.96
C PHE B 233 -4.67 12.20 58.14
N ALA B 234 -3.86 13.27 58.05
CA ALA B 234 -4.37 14.64 58.11
C ALA B 234 -5.44 14.92 57.01
N ALA B 235 -5.15 14.45 55.80
CA ALA B 235 -6.01 14.68 54.65
C ALA B 235 -7.36 13.99 54.89
N ARG B 236 -7.33 12.88 55.61
CA ARG B 236 -8.52 12.10 55.92
C ARG B 236 -9.22 12.60 57.14
N ARG B 237 -8.63 13.61 57.78
CA ARG B 237 -9.11 14.16 59.04
C ARG B 237 -9.24 13.14 60.18
N SER B 238 -8.22 12.30 60.30
CA SER B 238 -8.16 11.31 61.36
C SER B 238 -7.56 11.91 62.59
N SER B 239 -7.87 11.34 63.76
CA SER B 239 -7.11 11.69 64.95
C SER B 239 -6.08 10.59 65.25
N VAL B 240 -4.83 10.87 64.93
CA VAL B 240 -3.78 9.86 64.93
C VAL B 240 -2.49 10.41 65.55
N LEU B 241 -1.77 9.54 66.27
CA LEU B 241 -0.38 9.81 66.62
C LEU B 241 0.50 8.90 65.78
N VAL B 242 1.33 9.48 64.93
CA VAL B 242 2.24 8.65 64.19
C VAL B 242 3.49 8.69 65.05
N VAL B 243 4.09 7.53 65.34
CA VAL B 243 5.19 7.46 66.32
C VAL B 243 6.42 6.72 65.81
N HIS B 244 7.58 7.24 66.15
CA HIS B 244 8.87 6.61 65.84
C HIS B 244 9.76 6.75 67.08
N GLY B 245 10.19 5.63 67.63
CA GLY B 245 11.09 5.64 68.79
C GLY B 245 12.50 6.01 68.38
N ASP B 246 13.14 6.86 69.16
CA ASP B 246 14.46 7.33 68.75
C ASP B 246 15.55 6.23 68.77
N ASP B 247 15.20 5.05 69.27
CA ASP B 247 16.02 3.86 69.12
C ASP B 247 15.68 3.05 67.85
N GLY B 248 14.74 3.56 67.05
CA GLY B 248 14.32 2.87 65.80
C GLY B 248 13.03 2.02 65.88
N LEU B 249 12.39 1.92 67.06
CA LEU B 249 11.15 1.11 67.18
C LEU B 249 10.02 1.80 66.45
N ASP B 250 9.21 1.03 65.71
CA ASP B 250 7.95 1.59 65.19
C ASP B 250 6.86 1.51 66.28
N GLU B 251 7.19 2.01 67.46
CA GLU B 251 6.28 1.98 68.64
C GLU B 251 6.73 3.15 69.50
N LEU B 252 5.90 3.59 70.44
CA LEU B 252 6.42 4.44 71.50
C LEU B 252 7.34 3.53 72.34
N THR B 253 8.58 3.99 72.47
CA THR B 253 9.61 3.25 73.18
C THR B 253 9.74 3.70 74.63
N THR B 254 10.29 2.78 75.43
CA THR B 254 10.71 3.04 76.79
C THR B 254 12.27 3.16 76.93
N THR B 255 13.02 2.88 75.88
CA THR B 255 14.48 2.86 76.02
C THR B 255 15.06 4.27 75.90
N THR B 256 14.25 5.19 75.38
CA THR B 256 14.65 6.56 75.11
C THR B 256 13.44 7.38 74.67
N THR B 257 13.68 8.57 74.10
CA THR B 257 12.57 9.39 73.59
C THR B 257 11.98 8.84 72.28
N SER B 258 10.85 9.40 71.90
CA SER B 258 10.19 9.04 70.65
C SER B 258 9.79 10.32 69.96
N THR B 259 9.75 10.28 68.64
CA THR B 259 9.20 11.41 67.94
C THR B 259 7.71 11.14 67.66
N ILE B 260 6.86 12.10 67.92
CA ILE B 260 5.43 11.99 67.60
C ILE B 260 4.96 13.05 66.59
N TRP B 261 4.39 12.58 65.47
CA TRP B 261 3.67 13.48 64.59
C TRP B 261 2.22 13.40 65.02
N ARG B 262 1.75 14.44 65.67
CA ARG B 262 0.38 14.50 66.15
C ARG B 262 -0.55 15.00 65.05
N VAL B 263 -1.57 14.22 64.71
CA VAL B 263 -2.52 14.60 63.66
C VAL B 263 -3.86 14.90 64.28
N ALA B 264 -4.31 16.13 64.10
CA ALA B 264 -5.62 16.54 64.59
C ALA B 264 -6.08 17.77 63.83
N ALA B 265 -7.40 17.89 63.67
CA ALA B 265 -8.04 18.99 62.93
C ALA B 265 -7.44 19.19 61.53
N GLY B 266 -7.02 18.08 60.91
CA GLY B 266 -6.46 18.11 59.55
C GLY B 266 -5.04 18.65 59.46
N SER B 267 -4.38 18.81 60.61
CA SER B 267 -3.02 19.32 60.59
C SER B 267 -2.03 18.49 61.43
N VAL B 268 -0.74 18.65 61.12
CA VAL B 268 0.33 17.87 61.73
C VAL B 268 1.26 18.77 62.54
N ASP B 269 1.61 18.35 63.75
CA ASP B 269 2.79 18.95 64.42
C ASP B 269 3.73 17.94 65.05
N LYS B 270 5.02 18.22 64.95
CA LYS B 270 6.04 17.27 65.34
C LYS B 270 6.39 17.54 66.81
N LEU B 271 6.38 16.49 67.62
CA LEU B 271 6.72 16.55 69.05
C LEU B 271 7.80 15.55 69.41
N THR B 272 8.59 15.85 70.44
CA THR B 272 9.43 14.81 71.06
C THR B 272 8.73 14.43 72.34
N PHE B 273 8.68 13.12 72.60
CA PHE B 273 7.95 12.58 73.74
C PHE B 273 8.92 11.82 74.62
N ASP B 274 8.88 12.11 75.91
CA ASP B 274 9.79 11.52 76.92
C ASP B 274 8.98 10.71 77.96
N PRO B 275 9.07 9.37 77.88
CA PRO B 275 8.38 8.51 78.84
C PRO B 275 8.85 8.78 80.28
N ALA B 276 10.14 9.07 80.48
CA ALA B 276 10.64 9.44 81.82
C ALA B 276 9.84 10.60 82.45
N GLY B 277 9.40 11.55 81.62
CA GLY B 277 8.53 12.64 82.05
C GLY B 277 7.23 12.20 82.69
N PHE B 278 6.85 10.94 82.48
CA PHE B 278 5.63 10.40 83.11
C PHE B 278 5.93 9.49 84.29
N GLY B 279 7.15 9.00 84.39
CA GLY B 279 7.56 8.22 85.55
C GLY B 279 8.16 6.88 85.17
N PHE B 280 8.32 6.63 83.87
CA PHE B 280 8.79 5.33 83.41
C PHE B 280 10.31 5.18 83.58
N ALA B 281 10.74 4.10 84.22
CA ALA B 281 12.15 3.73 84.22
C ALA B 281 12.62 3.52 82.76
N ARG B 282 13.84 3.91 82.45
CA ARG B 282 14.46 3.65 81.15
C ARG B 282 14.74 2.16 81.05
N ALA B 283 14.33 1.57 79.94
CA ALA B 283 14.63 0.16 79.72
C ALA B 283 15.76 0.03 78.71
N GLN B 284 16.22 -1.19 78.52
CA GLN B 284 17.20 -1.50 77.49
C GLN B 284 16.51 -2.41 76.48
N LEU B 285 16.79 -2.15 75.21
CA LEU B 285 16.12 -2.79 74.11
C LEU B 285 16.09 -4.32 74.23
N ASP B 286 17.12 -4.91 74.83
CA ASP B 286 17.16 -6.36 75.04
C ASP B 286 16.11 -6.82 76.04
N GLN B 287 15.62 -5.90 76.86
CA GLN B 287 14.53 -6.20 77.78
C GLN B 287 13.17 -6.30 77.06
N LEU B 288 13.09 -5.73 75.86
CA LEU B 288 11.86 -5.80 75.07
C LEU B 288 11.90 -6.89 73.99
N ALA B 289 12.90 -7.79 74.11
CA ALA B 289 13.20 -8.82 73.11
C ALA B 289 12.14 -9.90 72.91
N GLY B 290 11.97 -10.34 71.67
CA GLY B 290 10.94 -11.32 71.35
C GLY B 290 11.52 -12.70 71.10
N GLY B 291 10.65 -13.61 70.66
CA GLY B 291 11.04 -14.96 70.29
C GLY B 291 10.10 -15.37 69.20
N ASP B 292 9.92 -16.68 69.03
CA ASP B 292 8.92 -17.18 68.08
C ASP B 292 7.49 -16.83 68.56
N ALA B 293 6.48 -17.31 67.86
CA ALA B 293 5.10 -16.99 68.23
C ALA B 293 4.71 -17.58 69.60
N GLN B 294 5.32 -18.69 70.00
CA GLN B 294 5.03 -19.31 71.31
C GLN B 294 5.60 -18.47 72.43
N ALA B 295 6.79 -17.92 72.23
CA ALA B 295 7.38 -17.06 73.25
C ALA B 295 6.62 -15.76 73.40
N ASN B 296 6.25 -15.19 72.26
CA ASN B 296 5.60 -13.88 72.25
C ASN B 296 4.19 -13.99 72.87
N ALA B 297 3.54 -15.13 72.64
CA ALA B 297 2.24 -15.44 73.20
C ALA B 297 2.33 -15.55 74.73
N ALA B 298 3.40 -16.17 75.23
CA ALA B 298 3.62 -16.26 76.67
C ALA B 298 3.93 -14.87 77.24
N ALA B 299 4.62 -14.01 76.49
CA ALA B 299 4.78 -12.63 76.97
C ALA B 299 3.44 -11.83 77.07
N VAL B 300 2.54 -12.03 76.12
CA VAL B 300 1.21 -11.41 76.21
C VAL B 300 0.49 -11.90 77.49
N ARG B 301 0.39 -13.22 77.65
CA ARG B 301 -0.22 -13.81 78.87
C ARG B 301 0.40 -13.30 80.18
N ALA B 302 1.73 -13.22 80.23
CA ALA B 302 2.41 -12.66 81.41
C ALA B 302 1.99 -11.21 81.67
N VAL B 303 2.06 -10.37 80.63
CA VAL B 303 1.65 -8.97 80.79
C VAL B 303 0.15 -8.85 81.24
N LEU B 304 -0.74 -9.54 80.54
CA LEU B 304 -2.17 -9.48 80.92
C LEU B 304 -2.45 -10.11 82.30
N GLY B 305 -1.58 -11.02 82.74
CA GLY B 305 -1.68 -11.61 84.07
C GLY B 305 -1.12 -10.74 85.19
N GLY B 306 -0.60 -9.57 84.86
CA GLY B 306 -0.15 -8.63 85.88
C GLY B 306 1.35 -8.59 86.15
N ALA B 307 2.15 -9.38 85.43
CA ALA B 307 3.62 -9.31 85.55
C ALA B 307 4.11 -7.87 85.39
N ARG B 308 4.81 -7.40 86.42
CA ARG B 308 5.46 -6.09 86.41
C ARG B 308 6.81 -6.16 85.69
N GLY B 309 7.31 -5.02 85.23
CA GLY B 309 8.58 -5.01 84.50
C GLY B 309 8.54 -4.20 83.21
N PRO B 310 9.57 -4.37 82.35
CA PRO B 310 9.69 -3.53 81.16
C PRO B 310 8.62 -3.80 80.09
N VAL B 311 8.27 -5.06 79.83
CA VAL B 311 7.26 -5.33 78.81
C VAL B 311 5.94 -4.61 79.16
N ARG B 312 5.45 -4.84 80.38
CA ARG B 312 4.27 -4.12 80.88
C ARG B 312 4.36 -2.61 80.67
N ASP B 313 5.48 -2.00 81.06
CA ASP B 313 5.63 -0.56 80.94
C ASP B 313 5.41 -0.08 79.50
N ALA B 314 6.10 -0.69 78.54
CA ALA B 314 5.94 -0.34 77.12
C ALA B 314 4.50 -0.57 76.61
N VAL B 315 3.87 -1.66 77.06
CA VAL B 315 2.47 -1.93 76.67
C VAL B 315 1.54 -0.81 77.16
N VAL B 316 1.66 -0.42 78.42
CA VAL B 316 0.83 0.63 79.02
C VAL B 316 1.03 2.00 78.33
N LEU B 317 2.28 2.29 77.99
CA LEU B 317 2.62 3.52 77.32
C LEU B 317 1.93 3.56 75.97
N ASN B 318 2.04 2.47 75.23
CA ASN B 318 1.45 2.41 73.90
C ASN B 318 -0.08 2.37 73.93
N ALA B 319 -0.66 1.66 74.90
CA ALA B 319 -2.13 1.72 75.07
C ALA B 319 -2.59 3.12 75.40
N ALA B 320 -1.84 3.78 76.29
CA ALA B 320 -2.20 5.15 76.64
C ALA B 320 -2.19 6.05 75.41
N GLY B 321 -1.16 5.94 74.59
CA GLY B 321 -1.06 6.71 73.32
C GLY B 321 -2.25 6.55 72.39
N ALA B 322 -2.71 5.31 72.23
CA ALA B 322 -3.94 5.04 71.47
C ALA B 322 -5.18 5.66 72.10
N ILE B 323 -5.25 5.62 73.44
CA ILE B 323 -6.35 6.28 74.13
C ILE B 323 -6.30 7.80 73.92
N VAL B 324 -5.10 8.39 73.93
CA VAL B 324 -4.96 9.84 73.60
C VAL B 324 -5.43 10.11 72.14
N ALA B 325 -5.03 9.28 71.19
CA ALA B 325 -5.56 9.47 69.80
C ALA B 325 -7.09 9.41 69.78
N HIS B 326 -7.67 8.45 70.50
CA HIS B 326 -9.14 8.36 70.58
C HIS B 326 -9.74 9.65 71.14
N ALA B 327 -9.13 10.19 72.20
CA ALA B 327 -9.63 11.41 72.85
C ALA B 327 -9.57 12.60 71.89
N GLY B 328 -8.53 12.65 71.05
CA GLY B 328 -8.38 13.66 69.99
C GLY B 328 -9.55 13.84 69.01
N LEU B 329 -10.43 12.84 68.95
CA LEU B 329 -11.62 12.95 68.12
C LEU B 329 -12.58 14.02 68.64
N SER B 330 -12.22 14.67 69.77
CA SER B 330 -12.95 15.83 70.35
C SER B 330 -12.14 17.12 70.35
N SER B 331 -12.84 18.24 70.11
CA SER B 331 -12.28 19.61 70.30
C SER B 331 -11.56 19.76 71.63
N ARG B 332 -12.26 19.35 72.70
CA ARG B 332 -11.82 19.44 74.10
C ARG B 332 -10.43 18.86 74.41
N ALA B 333 -10.06 17.78 73.72
CA ALA B 333 -8.85 17.03 74.01
C ALA B 333 -7.60 17.91 74.35
N GLU B 334 -7.01 17.70 75.54
CA GLU B 334 -5.89 18.45 76.02
C GLU B 334 -4.65 17.57 76.38
N TRP B 335 -3.52 17.82 75.73
CA TRP B 335 -2.39 16.88 75.65
C TRP B 335 -2.00 16.16 76.96
N LEU B 336 -1.54 16.94 77.94
CA LEU B 336 -1.00 16.37 79.17
C LEU B 336 -2.05 15.66 80.04
N PRO B 337 -3.24 16.27 80.22
CA PRO B 337 -4.34 15.53 80.84
C PRO B 337 -4.79 14.26 80.10
N ALA B 338 -4.68 14.24 78.77
CA ALA B 338 -5.15 13.10 77.97
C ALA B 338 -4.27 11.92 78.28
N TRP B 339 -2.98 12.19 78.34
CA TRP B 339 -1.99 11.20 78.66
C TRP B 339 -2.20 10.60 80.03
N GLU B 340 -2.37 11.46 81.04
CA GLU B 340 -2.56 11.00 82.43
C GLU B 340 -3.79 10.11 82.54
N GLU B 341 -4.88 10.52 81.90
CA GLU B 341 -6.06 9.69 81.89
C GLU B 341 -5.84 8.39 81.09
N GLY B 342 -5.17 8.47 79.94
CA GLY B 342 -4.89 7.29 79.11
C GLY B 342 -4.06 6.29 79.90
N LEU B 343 -3.09 6.81 80.66
CA LEU B 343 -2.22 5.97 81.45
C LEU B 343 -3.00 5.31 82.60
N ARG B 344 -3.94 6.05 83.19
CA ARG B 344 -4.78 5.52 84.25
C ARG B 344 -5.66 4.39 83.70
N ARG B 345 -6.25 4.63 82.54
CA ARG B 345 -7.18 3.71 81.97
C ARG B 345 -6.48 2.42 81.53
N ALA B 346 -5.28 2.55 80.94
CA ALA B 346 -4.50 1.41 80.46
C ALA B 346 -4.06 0.52 81.63
N SER B 347 -3.51 1.16 82.65
CA SER B 347 -3.13 0.44 83.90
C SER B 347 -4.31 -0.27 84.53
N ALA B 348 -5.43 0.43 84.64
CA ALA B 348 -6.62 -0.13 85.27
C ALA B 348 -7.18 -1.34 84.49
N ALA B 349 -7.19 -1.27 83.16
CA ALA B 349 -7.67 -2.38 82.29
C ALA B 349 -6.86 -3.63 82.50
N ILE B 350 -5.55 -3.49 82.69
CA ILE B 350 -4.78 -4.63 83.12
C ILE B 350 -5.04 -5.01 84.59
N ASP B 351 -4.93 -4.07 85.53
CA ASP B 351 -5.07 -4.36 86.98
C ASP B 351 -6.40 -5.01 87.40
N THR B 352 -7.50 -4.67 86.75
CA THR B 352 -8.80 -5.21 87.12
C THR B 352 -9.02 -6.59 86.50
N GLY B 353 -8.07 -7.06 85.67
CA GLY B 353 -8.26 -8.29 84.91
C GLY B 353 -9.13 -8.16 83.66
N ALA B 354 -9.55 -6.92 83.35
CA ALA B 354 -10.41 -6.70 82.20
C ALA B 354 -9.72 -7.13 80.91
N ALA B 355 -8.42 -6.81 80.79
CA ALA B 355 -7.64 -7.12 79.57
C ALA B 355 -7.45 -8.64 79.41
N GLU B 356 -7.05 -9.30 80.49
CA GLU B 356 -6.93 -10.75 80.47
C GLU B 356 -8.25 -11.42 80.12
N GLN B 357 -9.36 -10.99 80.76
CA GLN B 357 -10.67 -11.57 80.47
C GLN B 357 -11.11 -11.27 79.03
N LEU B 358 -10.79 -10.09 78.52
CA LEU B 358 -11.17 -9.79 77.13
C LEU B 358 -10.51 -10.74 76.13
N LEU B 359 -9.22 -10.99 76.30
CA LEU B 359 -8.51 -11.98 75.50
C LEU B 359 -9.17 -13.37 75.58
N ALA B 360 -9.48 -13.85 76.79
CA ALA B 360 -10.24 -15.11 76.94
C ALA B 360 -11.56 -15.05 76.19
N ARG B 361 -12.29 -13.95 76.30
CA ARG B 361 -13.57 -13.88 75.59
C ARG B 361 -13.38 -13.86 74.06
N TRP B 362 -12.30 -13.24 73.61
CA TRP B 362 -12.00 -13.17 72.18
C TRP B 362 -11.67 -14.54 71.63
N VAL B 363 -10.85 -15.29 72.37
CA VAL B 363 -10.52 -16.67 72.02
C VAL B 363 -11.82 -17.48 71.94
N ARG B 364 -12.64 -17.41 72.99
CA ARG B 364 -13.91 -18.14 73.03
C ARG B 364 -14.83 -17.79 71.86
N PHE B 365 -14.95 -16.49 71.56
CA PHE B 365 -15.79 -16.04 70.44
C PHE B 365 -15.43 -16.78 69.13
N GLY B 366 -14.13 -16.98 68.88
CA GLY B 366 -13.69 -17.57 67.64
C GLY B 366 -13.91 -19.08 67.59
N ARG B 367 -13.97 -19.70 68.77
CA ARG B 367 -14.24 -21.12 68.90
C ARG B 367 -15.73 -21.42 68.75
N GLN B 368 -16.59 -20.45 69.07
CA GLN B 368 -18.02 -20.63 68.87
C GLN B 368 -18.47 -20.17 67.49
N ILE B 369 -17.54 -20.23 66.53
CA ILE B 369 -17.80 -20.02 65.10
C ILE B 369 -18.44 -18.65 64.78
N PRO C 24 8.95 -10.10 -32.15
CA PRO C 24 9.55 -10.19 -33.49
C PRO C 24 10.97 -9.60 -33.56
N SER C 25 11.79 -10.15 -34.44
CA SER C 25 13.15 -9.67 -34.66
C SER C 25 13.60 -10.03 -36.07
N TRP C 26 14.68 -9.39 -36.52
CA TRP C 26 15.29 -9.73 -37.81
C TRP C 26 15.86 -11.13 -37.83
N PRO C 27 16.62 -11.54 -36.77
CA PRO C 27 17.09 -12.94 -36.80
C PRO C 27 15.94 -13.94 -36.92
N GLN C 28 14.82 -13.67 -36.25
CA GLN C 28 13.66 -14.58 -36.28
C GLN C 28 13.05 -14.60 -37.68
N ILE C 29 12.76 -13.42 -38.20
CA ILE C 29 12.10 -13.32 -39.49
C ILE C 29 13.00 -13.80 -40.62
N LEU C 30 14.25 -13.33 -40.67
CA LEU C 30 15.19 -13.74 -41.74
C LEU C 30 15.53 -15.21 -41.64
N GLY C 31 15.64 -15.74 -40.41
CA GLY C 31 15.92 -17.18 -40.21
C GLY C 31 14.81 -18.02 -40.78
N ARG C 32 13.57 -17.64 -40.50
CA ARG C 32 12.41 -18.32 -41.01
C ARG C 32 12.39 -18.31 -42.55
N LEU C 33 12.67 -17.15 -43.17
CA LEU C 33 12.75 -17.10 -44.66
C LEU C 33 13.91 -17.95 -45.23
N THR C 34 15.06 -17.90 -44.60
CA THR C 34 16.19 -18.70 -45.08
C THR C 34 15.99 -20.18 -44.78
N ASP C 35 15.09 -20.54 -43.87
CA ASP C 35 14.66 -21.96 -43.74
C ASP C 35 13.59 -22.29 -44.75
N ASN C 36 13.30 -21.37 -45.67
CA ASN C 36 12.28 -21.61 -46.69
C ASN C 36 10.86 -21.86 -46.20
N ARG C 37 10.50 -21.15 -45.15
CA ARG C 37 9.17 -21.25 -44.58
C ARG C 37 8.40 -19.94 -44.84
N ASP C 38 7.14 -20.07 -45.19
CA ASP C 38 6.21 -18.95 -45.06
C ASP C 38 6.29 -18.25 -43.68
N LEU C 39 6.17 -16.93 -43.68
CA LEU C 39 6.14 -16.18 -42.43
C LEU C 39 4.84 -16.42 -41.66
N ALA C 40 4.90 -16.28 -40.34
CA ALA C 40 3.68 -16.22 -39.54
C ALA C 40 2.98 -14.93 -39.90
N ARG C 41 1.66 -14.94 -39.77
CA ARG C 41 0.84 -13.76 -39.92
C ARG C 41 1.40 -12.56 -39.13
N GLY C 42 1.48 -11.41 -39.78
CA GLY C 42 2.02 -10.18 -39.20
C GLY C 42 3.54 -10.00 -39.20
N GLN C 43 4.32 -11.06 -39.46
CA GLN C 43 5.80 -10.89 -39.53
C GLN C 43 6.24 -9.99 -40.71
N ALA C 44 5.67 -10.23 -41.88
CA ALA C 44 5.92 -9.33 -43.03
C ALA C 44 5.52 -7.88 -42.75
N ALA C 45 4.35 -7.68 -42.13
CA ALA C 45 3.91 -6.35 -41.71
C ALA C 45 4.91 -5.70 -40.73
N TRP C 46 5.34 -6.45 -39.72
CA TRP C 46 6.38 -5.97 -38.76
C TRP C 46 7.64 -5.50 -39.49
N ALA C 47 8.14 -6.33 -40.39
CA ALA C 47 9.36 -5.99 -41.15
C ALA C 47 9.18 -4.73 -42.01
N MET C 48 8.06 -4.62 -42.72
CA MET C 48 7.86 -3.47 -43.62
C MET C 48 7.72 -2.22 -42.78
N ASP C 49 7.05 -2.34 -41.65
CA ASP C 49 6.92 -1.18 -40.78
C ASP C 49 8.29 -0.72 -40.21
N GLN C 50 9.14 -1.66 -39.75
CA GLN C 50 10.52 -1.32 -39.36
C GLN C 50 11.22 -0.54 -40.49
N ILE C 51 11.15 -1.11 -41.70
CA ILE C 51 11.69 -0.45 -42.91
C ILE C 51 11.07 0.93 -43.20
N MET C 52 9.76 1.07 -43.07
CA MET C 52 9.09 2.34 -43.40
C MET C 52 9.33 3.46 -42.34
N THR C 53 9.72 3.05 -41.13
CA THR C 53 9.92 4.02 -40.06
C THR C 53 11.39 4.34 -39.85
N GLY C 54 12.24 4.07 -40.85
CA GLY C 54 13.68 4.29 -40.72
C GLY C 54 14.37 3.49 -39.59
N ASN C 55 13.75 2.42 -39.12
CA ASN C 55 14.41 1.63 -38.10
C ASN C 55 15.26 0.45 -38.58
N ALA C 56 15.30 0.20 -39.89
CA ALA C 56 16.01 -0.99 -40.38
C ALA C 56 17.34 -0.60 -41.06
N ARG C 57 18.43 -1.28 -40.73
CA ARG C 57 19.72 -1.01 -41.42
C ARG C 57 19.61 -1.41 -42.91
N PRO C 58 20.33 -0.70 -43.82
CA PRO C 58 20.36 -1.12 -45.24
C PRO C 58 20.55 -2.62 -45.41
N ALA C 59 21.41 -3.22 -44.59
CA ALA C 59 21.69 -4.65 -44.67
C ALA C 59 20.49 -5.53 -44.32
N GLN C 60 19.69 -5.10 -43.35
CA GLN C 60 18.49 -5.83 -42.98
C GLN C 60 17.42 -5.70 -44.03
N ILE C 61 17.25 -4.49 -44.56
CA ILE C 61 16.30 -4.25 -45.67
C ILE C 61 16.59 -5.21 -46.82
N ALA C 62 17.86 -5.27 -47.22
CA ALA C 62 18.27 -6.04 -48.39
C ALA C 62 18.14 -7.52 -48.09
N ALA C 63 18.59 -7.91 -46.91
CA ALA C 63 18.46 -9.32 -46.58
C ALA C 63 16.98 -9.73 -46.64
N PHE C 64 16.10 -8.87 -46.15
CA PHE C 64 14.67 -9.16 -46.16
C PHE C 64 14.12 -9.23 -47.59
N ALA C 65 14.38 -8.21 -48.40
CA ALA C 65 13.85 -8.25 -49.78
C ALA C 65 14.33 -9.50 -50.55
N VAL C 66 15.61 -9.84 -50.43
CA VAL C 66 16.18 -11.02 -51.10
C VAL C 66 15.59 -12.34 -50.60
N ALA C 67 15.59 -12.52 -49.28
CA ALA C 67 15.09 -13.73 -48.63
C ALA C 67 13.62 -13.98 -48.97
N MET C 68 12.82 -12.93 -48.92
CA MET C 68 11.40 -13.04 -49.26
C MET C 68 11.26 -13.55 -50.71
N THR C 69 12.05 -12.98 -51.61
CA THR C 69 11.97 -13.35 -53.03
C THR C 69 12.35 -14.79 -53.31
N MET C 70 13.46 -15.23 -52.73
CA MET C 70 13.93 -16.57 -52.98
C MET C 70 13.11 -17.63 -52.26
N LYS C 71 12.50 -17.28 -51.12
CA LYS C 71 11.56 -18.24 -50.50
C LYS C 71 10.32 -18.53 -51.41
N ALA C 72 9.86 -17.51 -52.12
CA ALA C 72 8.65 -17.51 -52.96
C ALA C 72 7.55 -16.83 -52.14
N PRO C 73 7.34 -15.54 -52.38
CA PRO C 73 6.42 -14.79 -51.52
C PRO C 73 4.99 -15.26 -51.73
N THR C 74 4.19 -15.23 -50.68
CA THR C 74 2.78 -15.56 -50.82
C THR C 74 2.01 -14.27 -50.97
N ALA C 75 0.78 -14.40 -51.47
CA ALA C 75 -0.14 -13.25 -51.52
C ALA C 75 -0.38 -12.64 -50.13
N ASP C 76 -0.52 -13.47 -49.08
CA ASP C 76 -0.70 -12.87 -47.73
C ASP C 76 0.48 -11.96 -47.37
N GLU C 77 1.69 -12.42 -47.69
CA GLU C 77 2.91 -11.69 -47.29
C GLU C 77 3.05 -10.40 -48.03
N VAL C 78 2.87 -10.47 -49.34
CA VAL C 78 2.95 -9.27 -50.19
C VAL C 78 1.86 -8.28 -49.85
N GLY C 79 0.66 -8.80 -49.56
CA GLY C 79 -0.44 -7.95 -49.05
C GLY C 79 -0.08 -7.25 -47.73
N GLU C 80 0.67 -7.93 -46.85
CA GLU C 80 1.11 -7.24 -45.62
C GLU C 80 2.05 -6.07 -45.91
N LEU C 81 3.05 -6.28 -46.80
CA LEU C 81 3.93 -5.21 -47.23
C LEU C 81 3.18 -4.04 -47.81
N ALA C 82 2.28 -4.30 -48.78
CA ALA C 82 1.53 -3.20 -49.43
C ALA C 82 0.65 -2.47 -48.40
N GLY C 83 0.01 -3.25 -47.50
CA GLY C 83 -0.85 -2.69 -46.43
C GLY C 83 -0.08 -1.74 -45.54
N VAL C 84 1.15 -2.12 -45.18
CA VAL C 84 2.00 -1.20 -44.39
C VAL C 84 2.33 0.06 -45.17
N MET C 85 2.76 -0.09 -46.42
CA MET C 85 3.02 1.09 -47.25
C MET C 85 1.82 2.04 -47.31
N LEU C 86 0.65 1.46 -47.53
CA LEU C 86 -0.58 2.24 -47.62
C LEU C 86 -0.95 2.92 -46.31
N SER C 87 -0.61 2.27 -45.19
CA SER C 87 -0.82 2.81 -43.86
C SER C 87 -0.04 4.09 -43.65
N HIS C 88 1.14 4.15 -44.22
CA HIS C 88 2.05 5.28 -44.09
C HIS C 88 1.93 6.31 -45.21
N ALA C 89 1.27 5.96 -46.31
CA ALA C 89 1.19 6.87 -47.48
C ALA C 89 0.31 8.10 -47.16
N HIS C 90 0.56 9.22 -47.85
CA HIS C 90 -0.37 10.35 -47.81
C HIS C 90 -1.66 9.92 -48.53
N PRO C 91 -2.83 9.98 -47.85
CA PRO C 91 -4.09 9.59 -48.53
C PRO C 91 -4.68 10.76 -49.33
N LEU C 92 -5.61 10.49 -50.25
CA LEU C 92 -6.37 11.57 -50.87
C LEU C 92 -7.47 12.02 -49.90
N PRO C 93 -7.94 13.29 -49.99
CA PRO C 93 -8.99 13.66 -49.01
C PRO C 93 -10.28 12.83 -49.14
N ALA C 94 -11.02 12.72 -48.04
CA ALA C 94 -12.24 11.90 -47.99
C ALA C 94 -13.25 12.26 -49.09
N ASP C 95 -13.81 11.23 -49.73
CA ASP C 95 -14.84 11.38 -50.77
C ASP C 95 -14.40 12.11 -52.03
N THR C 96 -13.12 12.00 -52.39
CA THR C 96 -12.67 12.67 -53.60
C THR C 96 -12.30 11.68 -54.73
N VAL C 97 -12.28 10.40 -54.42
CA VAL C 97 -11.93 9.40 -55.44
C VAL C 97 -13.22 8.61 -55.81
N PRO C 98 -13.69 8.65 -57.08
CA PRO C 98 -14.94 7.90 -57.32
C PRO C 98 -14.77 6.42 -57.08
N ASP C 99 -15.89 5.79 -56.71
CA ASP C 99 -15.99 4.37 -56.44
C ASP C 99 -15.40 3.50 -57.56
N ASP C 100 -15.51 3.97 -58.79
CA ASP C 100 -15.13 3.19 -59.94
C ASP C 100 -13.82 3.72 -60.60
N ALA C 101 -12.96 4.39 -59.84
CA ALA C 101 -11.69 4.89 -60.41
C ALA C 101 -10.77 3.72 -60.78
N VAL C 102 -9.99 3.88 -61.84
CA VAL C 102 -9.04 2.85 -62.29
C VAL C 102 -7.60 3.34 -62.30
N ASP C 103 -6.68 2.40 -62.15
CA ASP C 103 -5.26 2.64 -62.31
C ASP C 103 -4.79 1.89 -63.58
N VAL C 104 -3.80 2.44 -64.27
CA VAL C 104 -3.07 1.72 -65.35
C VAL C 104 -1.58 1.88 -65.12
N VAL C 105 -0.95 0.80 -64.69
CA VAL C 105 0.41 0.89 -64.20
C VAL C 105 1.05 -0.50 -64.14
N GLY C 106 2.37 -0.53 -64.25
CA GLY C 106 3.14 -1.76 -64.23
C GLY C 106 4.31 -1.68 -63.28
N THR C 107 4.90 -2.83 -63.03
CA THR C 107 6.10 -2.95 -62.18
C THR C 107 7.29 -2.28 -62.85
N GLY C 108 7.27 -2.21 -64.18
CA GLY C 108 8.47 -1.91 -64.91
C GLY C 108 9.41 -3.12 -64.84
N GLY C 109 10.64 -2.89 -65.28
CA GLY C 109 11.69 -3.89 -65.23
C GLY C 109 11.57 -4.99 -66.27
N ASP C 110 10.88 -4.70 -67.39
CA ASP C 110 10.82 -5.68 -68.48
C ASP C 110 12.12 -5.70 -69.32
N GLY C 111 12.97 -4.68 -69.16
CA GLY C 111 14.27 -4.60 -69.83
C GLY C 111 14.14 -4.34 -71.31
N VAL C 112 12.94 -3.98 -71.74
CA VAL C 112 12.66 -3.71 -73.14
C VAL C 112 12.56 -2.19 -73.24
N ASN C 113 12.90 -1.60 -74.36
CA ASN C 113 12.77 -0.14 -74.30
C ASN C 113 11.52 0.14 -75.08
N THR C 114 10.38 0.21 -74.39
CA THR C 114 9.18 0.52 -75.16
C THR C 114 8.77 1.97 -74.98
N VAL C 115 7.97 2.47 -75.90
CA VAL C 115 7.22 3.68 -75.59
C VAL C 115 6.38 3.45 -74.30
N ASN C 116 5.87 4.53 -73.75
CA ASN C 116 5.09 4.48 -72.49
C ASN C 116 3.61 4.04 -72.63
N LEU C 117 3.39 2.73 -72.76
CA LEU C 117 2.06 2.22 -73.07
C LEU C 117 0.99 2.41 -71.99
N SER C 118 1.33 2.19 -70.72
CA SER C 118 0.40 2.42 -69.61
C SER C 118 -0.04 3.87 -69.55
N THR C 119 0.93 4.78 -69.64
CA THR C 119 0.65 6.22 -69.60
C THR C 119 -0.28 6.72 -70.74
N MET C 120 0.02 6.32 -71.96
CA MET C 120 -0.85 6.61 -73.11
C MET C 120 -2.23 5.98 -72.97
N ALA C 121 -2.29 4.71 -72.60
CA ALA C 121 -3.58 4.06 -72.32
C ALA C 121 -4.37 4.81 -71.27
N ALA C 122 -3.69 5.25 -70.21
CA ALA C 122 -4.39 5.94 -69.12
C ALA C 122 -5.05 7.25 -69.57
N ILE C 123 -4.35 8.01 -70.42
CA ILE C 123 -4.93 9.23 -71.05
C ILE C 123 -6.19 8.87 -71.90
N VAL C 124 -6.08 7.82 -72.71
CA VAL C 124 -7.22 7.34 -73.53
C VAL C 124 -8.42 6.91 -72.67
N VAL C 125 -8.15 6.16 -71.62
CA VAL C 125 -9.19 5.68 -70.70
C VAL C 125 -9.95 6.84 -70.02
N ALA C 126 -9.19 7.84 -69.54
CA ALA C 126 -9.77 9.05 -68.93
C ALA C 126 -10.66 9.74 -69.95
N ALA C 127 -10.13 9.86 -71.16
CA ALA C 127 -10.89 10.49 -72.27
C ALA C 127 -12.17 9.79 -72.62
N ALA C 128 -12.20 8.48 -72.42
CA ALA C 128 -13.42 7.70 -72.67
C ALA C 128 -14.42 7.92 -71.53
N GLY C 129 -13.98 8.57 -70.47
CA GLY C 129 -14.89 8.86 -69.37
C GLY C 129 -14.77 7.95 -68.16
N VAL C 130 -13.73 7.14 -68.10
CA VAL C 130 -13.50 6.38 -66.88
C VAL C 130 -12.49 7.17 -66.06
N PRO C 131 -12.83 7.53 -64.81
CA PRO C 131 -11.90 8.28 -63.95
C PRO C 131 -10.60 7.48 -63.71
N VAL C 132 -9.46 8.14 -63.89
CA VAL C 132 -8.16 7.46 -63.80
C VAL C 132 -7.35 8.15 -62.70
N VAL C 133 -6.89 7.38 -61.73
CA VAL C 133 -5.92 7.93 -60.78
C VAL C 133 -4.74 6.98 -60.87
N LYS C 134 -3.75 7.45 -61.62
CA LYS C 134 -2.64 6.65 -62.00
C LYS C 134 -1.56 6.81 -60.95
N HIS C 135 -1.00 5.70 -60.51
CA HIS C 135 0.20 5.71 -59.71
C HIS C 135 1.37 5.59 -60.68
N GLY C 136 2.48 6.26 -60.38
CA GLY C 136 3.66 6.12 -61.24
C GLY C 136 4.96 6.66 -60.65
N ASN C 137 6.02 6.58 -61.47
CA ASN C 137 7.37 6.79 -61.02
C ASN C 137 8.23 7.07 -62.24
N ARG C 138 9.40 7.63 -62.01
CA ARG C 138 10.41 7.71 -63.07
C ARG C 138 10.92 6.33 -63.47
N ALA C 139 11.60 6.25 -64.61
CA ALA C 139 12.23 5.00 -65.02
C ALA C 139 13.19 4.54 -63.92
N ALA C 140 13.29 3.22 -63.71
CA ALA C 140 14.40 2.68 -62.89
C ALA C 140 15.46 2.06 -63.79
N SER C 141 15.09 1.48 -64.93
CA SER C 141 16.15 0.98 -65.83
C SER C 141 15.94 1.28 -67.31
N SER C 142 14.72 1.62 -67.69
CA SER C 142 14.49 2.04 -69.07
C SER C 142 14.88 3.51 -69.23
N LEU C 143 14.78 4.01 -70.45
CA LEU C 143 15.25 5.34 -70.79
C LEU C 143 14.30 6.41 -70.27
N SER C 144 13.01 6.09 -70.27
CA SER C 144 12.01 7.09 -69.91
C SER C 144 10.78 6.39 -69.35
N GLY C 145 10.50 6.62 -68.09
CA GLY C 145 9.34 5.96 -67.48
C GLY C 145 8.11 6.84 -67.66
N GLY C 146 6.97 6.35 -67.16
CA GLY C 146 5.72 7.11 -67.22
C GLY C 146 5.87 8.55 -66.73
N ALA C 147 6.42 8.74 -65.53
CA ALA C 147 6.52 10.10 -64.96
C ALA C 147 7.41 11.03 -65.81
N ASP C 148 8.49 10.47 -66.38
CA ASP C 148 9.46 11.24 -67.19
C ASP C 148 8.77 11.76 -68.45
N THR C 149 8.00 10.87 -69.08
CA THR C 149 7.33 11.22 -70.28
C THR C 149 6.21 12.23 -70.02
N LEU C 150 5.46 12.08 -68.92
CA LEU C 150 4.38 13.06 -68.57
C LEU C 150 5.01 14.43 -68.29
N GLU C 151 6.17 14.39 -67.63
CA GLU C 151 6.93 15.63 -67.37
C GLU C 151 7.34 16.28 -68.69
N ALA C 152 7.88 15.51 -69.60
CA ALA C 152 8.22 16.04 -70.94
C ALA C 152 7.01 16.60 -71.72
N LEU C 153 5.81 16.11 -71.41
CA LEU C 153 4.58 16.60 -72.08
C LEU C 153 4.04 17.87 -71.45
N GLY C 154 4.63 18.28 -70.33
CA GLY C 154 4.18 19.50 -69.65
C GLY C 154 3.18 19.26 -68.52
N VAL C 155 2.95 17.99 -68.20
CA VAL C 155 2.04 17.65 -67.07
C VAL C 155 2.76 17.78 -65.72
N ARG C 156 2.11 18.39 -64.72
CA ARG C 156 2.69 18.44 -63.36
C ARG C 156 2.60 17.07 -62.73
N ILE C 157 3.74 16.45 -62.47
CA ILE C 157 3.72 15.09 -61.97
C ILE C 157 3.68 15.03 -60.46
N ASP C 158 4.03 16.11 -59.78
CA ASP C 158 4.27 15.96 -58.35
C ASP C 158 3.25 16.65 -57.47
N LEU C 159 2.02 16.81 -57.94
CA LEU C 159 1.02 17.46 -57.09
C LEU C 159 0.74 16.65 -55.83
N GLY C 160 0.38 17.33 -54.76
CA GLY C 160 -0.03 16.70 -53.50
C GLY C 160 -1.47 16.18 -53.51
N PRO C 161 -1.90 15.51 -52.42
CA PRO C 161 -3.22 14.89 -52.33
C PRO C 161 -4.40 15.79 -52.79
N ASP C 162 -4.47 17.03 -52.27
CA ASP C 162 -5.61 17.90 -52.63
C ASP C 162 -5.65 18.23 -54.11
N LEU C 163 -4.49 18.47 -54.72
CA LEU C 163 -4.49 18.87 -56.12
C LEU C 163 -4.69 17.70 -57.06
N VAL C 164 -4.21 16.51 -56.68
CA VAL C 164 -4.53 15.30 -57.46
C VAL C 164 -6.05 15.06 -57.47
N ALA C 165 -6.69 15.24 -56.31
CA ALA C 165 -8.13 15.09 -56.19
C ALA C 165 -8.90 16.10 -57.06
N ARG C 166 -8.39 17.33 -57.10
CA ARG C 166 -8.99 18.38 -57.95
C ARG C 166 -8.77 18.10 -59.44
N SER C 167 -7.57 17.65 -59.78
CA SER C 167 -7.24 17.19 -61.14
C SER C 167 -8.23 16.10 -61.59
N LEU C 168 -8.45 15.12 -60.72
CA LEU C 168 -9.35 14.01 -61.03
C LEU C 168 -10.74 14.56 -61.34
N ALA C 169 -11.26 15.44 -60.47
CA ALA C 169 -12.58 16.03 -60.64
C ALA C 169 -12.71 16.90 -61.88
N GLU C 170 -11.68 17.71 -62.15
CA GLU C 170 -11.80 18.73 -63.20
C GLU C 170 -11.32 18.23 -64.56
N VAL C 171 -10.34 17.35 -64.56
CA VAL C 171 -9.76 16.88 -65.80
C VAL C 171 -10.28 15.48 -66.11
N GLY C 172 -10.56 14.71 -65.07
CA GLY C 172 -10.90 13.29 -65.23
C GLY C 172 -9.73 12.33 -65.01
N ILE C 173 -8.54 12.88 -64.72
CA ILE C 173 -7.35 12.06 -64.45
C ILE C 173 -6.48 12.81 -63.43
N GLY C 174 -5.90 12.03 -62.51
CA GLY C 174 -4.86 12.53 -61.61
C GLY C 174 -3.65 11.57 -61.65
N PHE C 175 -2.49 12.10 -61.30
CA PHE C 175 -1.28 11.31 -61.27
C PHE C 175 -0.65 11.44 -59.90
N CYS C 176 -0.51 10.30 -59.20
CA CYS C 176 0.16 10.25 -57.90
C CYS C 176 1.60 9.80 -58.10
N PHE C 177 2.56 10.70 -57.88
CA PHE C 177 3.96 10.40 -58.08
C PHE C 177 4.43 9.67 -56.83
N ALA C 178 4.89 8.44 -56.98
CA ALA C 178 5.36 7.63 -55.83
C ALA C 178 6.23 8.32 -54.77
N PRO C 179 7.33 9.04 -55.15
CA PRO C 179 8.12 9.76 -54.11
C PRO C 179 7.32 10.82 -53.36
N ARG C 180 6.32 11.43 -54.02
CA ARG C 180 5.44 12.41 -53.36
C ARG C 180 4.52 11.79 -52.32
N PHE C 181 4.00 10.59 -52.57
CA PHE C 181 3.02 10.00 -51.68
C PHE C 181 3.56 8.98 -50.70
N HIS C 182 4.77 8.44 -50.98
CA HIS C 182 5.39 7.40 -50.14
C HIS C 182 6.78 7.85 -49.64
N PRO C 183 6.86 9.03 -49.00
CA PRO C 183 8.21 9.51 -48.63
C PRO C 183 8.98 8.57 -47.71
N SER C 184 8.29 7.77 -46.90
CA SER C 184 8.95 6.83 -45.98
C SER C 184 9.56 5.61 -46.64
N TYR C 185 9.28 5.41 -47.90
CA TYR C 185 9.83 4.28 -48.65
C TYR C 185 11.26 4.61 -49.13
N ARG C 186 11.66 5.85 -48.90
CA ARG C 186 12.98 6.39 -49.26
C ARG C 186 14.15 5.39 -49.02
N HIS C 187 14.22 4.86 -47.83
CA HIS C 187 15.29 3.92 -47.49
C HIS C 187 15.20 2.60 -48.25
N ALA C 188 14.00 2.03 -48.37
CA ALA C 188 13.85 0.82 -49.18
C ALA C 188 14.19 1.07 -50.66
N ALA C 189 13.79 2.23 -51.18
CA ALA C 189 14.04 2.56 -52.57
C ALA C 189 15.53 2.60 -52.85
N ALA C 190 16.32 3.13 -51.92
CA ALA C 190 17.77 3.22 -52.13
C ALA C 190 18.42 1.84 -52.16
N VAL C 191 17.97 0.96 -51.28
CA VAL C 191 18.41 -0.46 -51.31
C VAL C 191 18.01 -1.17 -52.62
N ARG C 192 16.80 -0.95 -53.08
CA ARG C 192 16.31 -1.47 -54.33
C ARG C 192 17.26 -1.10 -55.48
N ARG C 193 17.66 0.13 -55.55
CA ARG C 193 18.60 0.57 -56.58
C ARG C 193 20.02 0.00 -56.41
N GLU C 194 20.56 0.04 -55.19
CA GLU C 194 21.88 -0.55 -54.89
C GLU C 194 22.02 -2.03 -55.26
N ILE C 195 21.00 -2.83 -55.02
CA ILE C 195 21.12 -4.25 -55.30
C ILE C 195 20.87 -4.59 -56.77
N GLY C 196 20.00 -3.82 -57.44
CA GLY C 196 19.86 -3.87 -58.89
C GLY C 196 19.10 -5.08 -59.40
N VAL C 197 19.01 -6.12 -58.59
CA VAL C 197 18.22 -7.31 -58.95
C VAL C 197 16.74 -7.05 -58.56
N PRO C 198 15.80 -7.43 -59.43
CA PRO C 198 14.38 -7.40 -58.98
C PRO C 198 14.16 -8.25 -57.71
N THR C 199 13.27 -7.79 -56.84
CA THR C 199 12.84 -8.54 -55.65
C THR C 199 11.34 -8.27 -55.46
N VAL C 200 10.83 -8.75 -54.33
CA VAL C 200 9.45 -8.53 -53.93
C VAL C 200 9.11 -7.02 -53.86
N PHE C 201 10.10 -6.17 -53.55
CA PHE C 201 9.85 -4.71 -53.55
C PHE C 201 9.35 -4.18 -54.92
N ASN C 202 9.80 -4.80 -56.00
CA ASN C 202 9.41 -4.41 -57.37
C ASN C 202 7.91 -4.64 -57.66
N LEU C 203 7.24 -5.43 -56.82
CA LEU C 203 5.79 -5.65 -56.97
C LEU C 203 5.00 -4.52 -56.32
N LEU C 204 5.65 -3.77 -55.44
CA LEU C 204 4.87 -2.90 -54.55
C LEU C 204 4.23 -1.68 -55.21
N GLY C 205 4.87 -1.13 -56.24
CA GLY C 205 4.36 0.11 -56.86
C GLY C 205 2.90 -0.01 -57.27
N PRO C 206 2.57 -1.02 -58.09
CA PRO C 206 1.19 -1.15 -58.56
C PRO C 206 0.22 -1.55 -57.45
N LEU C 207 0.75 -2.11 -56.37
CA LEU C 207 -0.07 -2.51 -55.22
C LEU C 207 -0.30 -1.40 -54.22
N THR C 208 0.28 -0.23 -54.44
CA THR C 208 0.26 0.82 -53.37
C THR C 208 -0.21 2.20 -53.87
N ASN C 209 -1.05 2.21 -54.89
CA ASN C 209 -1.67 3.46 -55.30
C ASN C 209 -2.35 4.15 -54.10
N PRO C 210 -1.94 5.40 -53.73
CA PRO C 210 -2.43 5.96 -52.47
C PRO C 210 -3.92 6.31 -52.48
N ALA C 211 -4.50 6.43 -53.67
CA ALA C 211 -5.94 6.71 -53.84
C ALA C 211 -6.76 5.43 -53.75
N ARG C 212 -6.07 4.30 -53.69
CA ARG C 212 -6.70 2.97 -53.56
C ARG C 212 -7.88 2.77 -54.56
N PRO C 213 -7.66 2.94 -55.87
CA PRO C 213 -8.79 2.67 -56.79
C PRO C 213 -9.12 1.16 -56.77
N ARG C 214 -10.36 0.79 -57.09
CA ARG C 214 -10.82 -0.60 -56.95
C ARG C 214 -10.64 -1.41 -58.23
N ALA C 215 -10.23 -0.73 -59.29
CA ALA C 215 -10.00 -1.44 -60.54
C ALA C 215 -8.66 -1.04 -61.15
N GLY C 216 -8.17 -1.86 -62.09
CA GLY C 216 -6.86 -1.63 -62.68
C GLY C 216 -6.44 -2.54 -63.80
N LEU C 217 -5.64 -2.00 -64.72
CA LEU C 217 -4.86 -2.79 -65.66
C LEU C 217 -3.43 -2.74 -65.14
N ILE C 218 -2.93 -3.85 -64.65
CA ILE C 218 -1.70 -3.87 -63.85
C ILE C 218 -0.67 -4.77 -64.55
N GLY C 219 0.44 -4.18 -64.95
CA GLY C 219 1.46 -4.93 -65.68
C GLY C 219 2.44 -5.57 -64.71
N CYS C 220 2.88 -6.78 -65.00
CA CYS C 220 3.89 -7.40 -64.18
C CYS C 220 4.97 -7.96 -65.12
N ALA C 221 6.23 -7.53 -64.96
CA ALA C 221 7.34 -8.04 -65.78
C ALA C 221 7.80 -9.43 -65.39
N PHE C 222 7.40 -9.90 -64.21
CA PHE C 222 7.94 -11.14 -63.64
C PHE C 222 6.86 -12.18 -63.65
N ALA C 223 6.95 -13.01 -64.67
CA ALA C 223 6.01 -14.09 -64.93
C ALA C 223 5.68 -14.91 -63.68
N ASP C 224 6.68 -15.22 -62.87
CA ASP C 224 6.43 -16.06 -61.69
C ASP C 224 5.96 -15.28 -60.42
N LEU C 225 5.76 -13.97 -60.53
CA LEU C 225 5.23 -13.20 -59.41
C LEU C 225 3.86 -12.62 -59.73
N ALA C 226 3.43 -12.74 -60.99
CA ALA C 226 2.17 -12.12 -61.42
C ALA C 226 0.98 -12.69 -60.66
N GLU C 227 0.95 -14.01 -60.47
CA GLU C 227 -0.12 -14.67 -59.74
C GLU C 227 -0.23 -14.17 -58.28
N VAL C 228 0.90 -13.89 -57.64
CA VAL C 228 0.91 -13.39 -56.25
C VAL C 228 0.35 -11.94 -56.23
N MET C 229 0.73 -11.12 -57.20
CA MET C 229 0.10 -9.77 -57.33
C MET C 229 -1.38 -9.88 -57.46
N ALA C 230 -1.81 -10.80 -58.35
CA ALA C 230 -3.24 -11.04 -58.54
C ALA C 230 -3.94 -11.45 -57.23
N GLY C 231 -3.27 -12.25 -56.42
CA GLY C 231 -3.83 -12.66 -55.12
C GLY C 231 -4.04 -11.50 -54.16
N VAL C 232 -3.08 -10.55 -54.12
CA VAL C 232 -3.21 -9.36 -53.30
C VAL C 232 -4.46 -8.54 -53.71
N PHE C 233 -4.65 -8.35 -55.02
CA PHE C 233 -5.87 -7.66 -55.51
C PHE C 233 -7.17 -8.42 -55.20
N ALA C 234 -7.12 -9.75 -55.31
CA ALA C 234 -8.26 -10.59 -54.95
C ALA C 234 -8.65 -10.39 -53.50
N ALA C 235 -7.67 -10.33 -52.61
CA ALA C 235 -7.91 -10.17 -51.17
C ALA C 235 -8.65 -8.86 -50.86
N ARG C 236 -8.31 -7.81 -51.61
CA ARG C 236 -8.97 -6.51 -51.55
C ARG C 236 -10.24 -6.45 -52.33
N ARG C 237 -10.59 -7.50 -53.05
CA ARG C 237 -11.78 -7.48 -53.92
C ARG C 237 -11.77 -6.39 -54.99
N SER C 238 -10.62 -6.25 -55.64
CA SER C 238 -10.51 -5.31 -56.75
C SER C 238 -10.93 -5.98 -58.02
N SER C 239 -11.30 -5.19 -59.02
CA SER C 239 -11.48 -5.73 -60.36
C SER C 239 -10.27 -5.34 -61.20
N VAL C 240 -9.35 -6.29 -61.36
CA VAL C 240 -8.06 -6.06 -61.96
C VAL C 240 -7.70 -7.12 -63.00
N LEU C 241 -7.05 -6.72 -64.09
CA LEU C 241 -6.34 -7.67 -64.96
C LEU C 241 -4.85 -7.43 -64.72
N VAL C 242 -4.18 -8.45 -64.23
CA VAL C 242 -2.73 -8.43 -64.10
C VAL C 242 -2.24 -9.09 -65.36
N VAL C 243 -1.36 -8.38 -66.05
CA VAL C 243 -0.96 -8.78 -67.41
C VAL C 243 0.53 -8.99 -67.57
N HIS C 244 0.90 -10.03 -68.32
CA HIS C 244 2.31 -10.25 -68.66
C HIS C 244 2.39 -10.70 -70.12
N GLY C 245 2.97 -9.85 -70.96
CA GLY C 245 3.10 -10.17 -72.38
C GLY C 245 4.02 -11.36 -72.54
N ASP C 246 3.68 -12.31 -73.42
CA ASP C 246 4.54 -13.49 -73.56
C ASP C 246 5.88 -13.21 -74.21
N ASP C 247 6.08 -11.96 -74.62
CA ASP C 247 7.41 -11.49 -75.05
C ASP C 247 8.20 -10.81 -73.90
N GLY C 248 7.66 -10.83 -72.68
CA GLY C 248 8.31 -10.15 -71.56
C GLY C 248 7.77 -8.77 -71.14
N LEU C 249 6.87 -8.17 -71.93
CA LEU C 249 6.36 -6.82 -71.60
C LEU C 249 5.49 -6.87 -70.36
N ASP C 250 5.64 -5.86 -69.47
CA ASP C 250 4.67 -5.68 -68.38
C ASP C 250 3.47 -4.88 -68.90
N GLU C 251 2.92 -5.36 -70.03
CA GLU C 251 1.80 -4.71 -70.75
C GLU C 251 1.10 -5.82 -71.56
N LEU C 252 -0.11 -5.53 -72.05
CA LEU C 252 -0.75 -6.39 -73.06
C LEU C 252 0.03 -6.09 -74.32
N THR C 253 0.68 -7.09 -74.88
CA THR C 253 1.56 -6.87 -76.00
C THR C 253 0.74 -7.08 -77.29
N THR C 254 1.26 -6.58 -78.39
CA THR C 254 0.71 -6.90 -79.70
C THR C 254 1.68 -7.78 -80.53
N THR C 255 2.82 -8.20 -79.94
CA THR C 255 3.77 -8.99 -80.72
C THR C 255 3.49 -10.49 -80.69
N THR C 256 2.62 -10.90 -79.78
CA THR C 256 2.36 -12.28 -79.47
C THR C 256 1.24 -12.27 -78.40
N THR C 257 1.00 -13.40 -77.75
CA THR C 257 -0.05 -13.49 -76.74
C THR C 257 0.42 -12.90 -75.39
N SER C 258 -0.54 -12.63 -74.51
CA SER C 258 -0.27 -12.21 -73.13
C SER C 258 -0.95 -13.15 -72.13
N THR C 259 -0.30 -13.39 -70.99
CA THR C 259 -0.97 -14.03 -69.87
C THR C 259 -1.72 -13.00 -69.01
N ILE C 260 -2.99 -13.26 -68.73
CA ILE C 260 -3.80 -12.39 -67.90
C ILE C 260 -4.24 -13.18 -66.67
N TRP C 261 -4.00 -12.60 -65.52
CA TRP C 261 -4.59 -13.14 -64.31
C TRP C 261 -5.78 -12.23 -64.04
N ARG C 262 -6.98 -12.70 -64.34
CA ARG C 262 -8.20 -11.91 -64.20
C ARG C 262 -8.71 -12.02 -62.76
N VAL C 263 -8.84 -10.87 -62.09
CA VAL C 263 -9.23 -10.84 -60.68
C VAL C 263 -10.65 -10.26 -60.62
N ALA C 264 -11.60 -11.02 -60.13
CA ALA C 264 -13.01 -10.57 -59.97
C ALA C 264 -13.71 -11.40 -58.90
N ALA C 265 -14.65 -10.79 -58.19
CA ALA C 265 -15.39 -11.46 -57.09
C ALA C 265 -14.44 -12.18 -56.10
N GLY C 266 -13.29 -11.56 -55.82
CA GLY C 266 -12.35 -12.13 -54.87
C GLY C 266 -11.63 -13.39 -55.31
N SER C 267 -11.70 -13.73 -56.60
CA SER C 267 -10.88 -14.84 -57.13
C SER C 267 -10.06 -14.51 -58.40
N VAL C 268 -9.09 -15.38 -58.67
CA VAL C 268 -8.15 -15.26 -59.77
C VAL C 268 -8.33 -16.38 -60.80
N ASP C 269 -8.59 -16.01 -62.06
CA ASP C 269 -8.57 -16.95 -63.22
C ASP C 269 -7.40 -16.64 -64.11
N LYS C 270 -6.66 -17.65 -64.53
CA LYS C 270 -5.55 -17.43 -65.43
C LYS C 270 -6.03 -17.66 -66.86
N LEU C 271 -5.76 -16.67 -67.72
CA LEU C 271 -6.11 -16.76 -69.13
C LEU C 271 -4.91 -16.42 -69.99
N THR C 272 -4.99 -16.77 -71.27
CA THR C 272 -4.04 -16.32 -72.27
C THR C 272 -4.86 -15.52 -73.24
N PHE C 273 -4.31 -14.38 -73.66
CA PHE C 273 -5.07 -13.46 -74.45
C PHE C 273 -4.37 -13.25 -75.78
N ASP C 274 -5.12 -13.26 -76.89
CA ASP C 274 -4.53 -13.10 -78.20
C ASP C 274 -5.25 -12.02 -78.97
N PRO C 275 -4.55 -10.87 -79.17
CA PRO C 275 -5.05 -9.71 -79.89
C PRO C 275 -5.55 -10.05 -81.31
N ALA C 276 -4.97 -11.07 -81.95
CA ALA C 276 -5.42 -11.48 -83.32
C ALA C 276 -6.91 -11.83 -83.29
N GLY C 277 -7.41 -12.29 -82.15
CA GLY C 277 -8.82 -12.55 -81.98
C GLY C 277 -9.70 -11.32 -82.17
N PHE C 278 -9.12 -10.11 -82.03
CA PHE C 278 -9.88 -8.90 -82.23
C PHE C 278 -9.41 -8.16 -83.44
N GLY C 279 -8.72 -8.85 -84.33
CA GLY C 279 -8.30 -8.23 -85.59
C GLY C 279 -7.00 -7.43 -85.54
N PHE C 280 -6.24 -7.55 -84.45
CA PHE C 280 -4.95 -6.87 -84.36
C PHE C 280 -3.85 -7.62 -85.12
N ALA C 281 -3.11 -6.92 -85.97
CA ALA C 281 -1.99 -7.53 -86.67
C ALA C 281 -0.81 -7.70 -85.70
N ARG C 282 0.02 -8.71 -85.95
CA ARG C 282 1.21 -8.94 -85.15
C ARG C 282 2.20 -7.81 -85.40
N ALA C 283 2.81 -7.29 -84.35
CA ALA C 283 3.84 -6.31 -84.50
C ALA C 283 5.15 -6.99 -84.11
N GLN C 284 6.26 -6.36 -84.46
CA GLN C 284 7.56 -6.75 -83.97
C GLN C 284 7.89 -5.83 -82.81
N LEU C 285 8.67 -6.36 -81.89
CA LEU C 285 9.00 -5.66 -80.67
C LEU C 285 9.68 -4.33 -80.95
N ASP C 286 10.61 -4.31 -81.90
CA ASP C 286 11.24 -3.07 -82.33
C ASP C 286 10.26 -1.99 -82.81
N GLN C 287 9.03 -2.36 -83.17
CA GLN C 287 8.04 -1.34 -83.58
C GLN C 287 7.44 -0.60 -82.37
N LEU C 288 7.63 -1.16 -81.18
CA LEU C 288 7.17 -0.53 -79.94
C LEU C 288 8.30 0.18 -79.20
N ALA C 289 9.50 0.17 -79.81
CA ALA C 289 10.73 0.70 -79.23
C ALA C 289 10.57 2.16 -78.83
N GLY C 290 11.06 2.51 -77.65
CA GLY C 290 11.02 3.90 -77.19
C GLY C 290 12.37 4.56 -77.25
N GLY C 291 12.44 5.81 -76.79
CA GLY C 291 13.68 6.55 -76.73
C GLY C 291 13.71 7.35 -75.44
N ASP C 292 14.28 8.56 -75.51
CA ASP C 292 14.36 9.38 -74.31
C ASP C 292 12.97 10.00 -74.05
N ALA C 293 12.85 10.83 -73.02
CA ALA C 293 11.55 11.37 -72.64
C ALA C 293 10.97 12.20 -73.79
N GLN C 294 11.83 12.87 -74.56
CA GLN C 294 11.37 13.73 -75.67
C GLN C 294 10.82 12.91 -76.83
N ALA C 295 11.51 11.81 -77.13
CA ALA C 295 11.05 10.91 -78.18
C ALA C 295 9.73 10.25 -77.79
N ASN C 296 9.63 9.86 -76.52
CA ASN C 296 8.45 9.15 -76.01
C ASN C 296 7.25 10.09 -75.88
N ALA C 297 7.51 11.33 -75.47
CA ALA C 297 6.50 12.38 -75.56
C ALA C 297 6.02 12.60 -76.99
N ALA C 298 6.93 12.58 -77.99
CA ALA C 298 6.52 12.79 -79.38
C ALA C 298 5.64 11.62 -79.83
N ALA C 299 6.00 10.43 -79.38
CA ALA C 299 5.20 9.25 -79.68
C ALA C 299 3.78 9.42 -79.09
N VAL C 300 3.65 9.96 -77.87
CA VAL C 300 2.32 10.19 -77.28
C VAL C 300 1.51 11.16 -78.14
N ARG C 301 2.11 12.29 -78.51
CA ARG C 301 1.38 13.27 -79.37
C ARG C 301 0.96 12.66 -80.69
N ALA C 302 1.83 11.83 -81.25
CA ALA C 302 1.53 11.24 -82.53
C ALA C 302 0.30 10.31 -82.42
N VAL C 303 0.28 9.45 -81.40
CA VAL C 303 -0.88 8.57 -81.16
C VAL C 303 -2.15 9.38 -80.95
N LEU C 304 -2.08 10.38 -80.07
CA LEU C 304 -3.27 11.19 -79.76
C LEU C 304 -3.76 12.03 -80.93
N GLY C 305 -2.87 12.27 -81.89
CA GLY C 305 -3.24 13.03 -83.08
C GLY C 305 -3.78 12.12 -84.17
N GLY C 306 -3.99 10.84 -83.87
CA GLY C 306 -4.54 9.91 -84.87
C GLY C 306 -3.56 9.15 -85.80
N ALA C 307 -2.23 9.22 -85.57
CA ALA C 307 -1.31 8.40 -86.38
C ALA C 307 -1.64 6.89 -86.24
N ARG C 308 -1.81 6.21 -87.37
CA ARG C 308 -2.09 4.77 -87.30
C ARG C 308 -0.79 3.99 -87.28
N GLY C 309 -0.85 2.73 -86.85
CA GLY C 309 0.34 1.91 -86.85
C GLY C 309 0.41 1.12 -85.56
N PRO C 310 1.52 0.39 -85.36
CA PRO C 310 1.65 -0.51 -84.21
C PRO C 310 1.52 0.17 -82.83
N VAL C 311 1.99 1.40 -82.66
CA VAL C 311 1.96 2.01 -81.33
C VAL C 311 0.51 2.29 -80.92
N ARG C 312 -0.24 2.91 -81.84
CA ARG C 312 -1.66 3.14 -81.63
C ARG C 312 -2.35 1.82 -81.25
N ASP C 313 -2.10 0.76 -82.02
CA ASP C 313 -2.73 -0.54 -81.75
C ASP C 313 -2.45 -1.01 -80.31
N ALA C 314 -1.20 -0.90 -79.86
CA ALA C 314 -0.89 -1.30 -78.48
C ALA C 314 -1.58 -0.43 -77.44
N VAL C 315 -1.68 0.87 -77.72
CA VAL C 315 -2.32 1.81 -76.80
C VAL C 315 -3.82 1.49 -76.69
N VAL C 316 -4.48 1.30 -77.83
CA VAL C 316 -5.92 0.98 -77.85
C VAL C 316 -6.18 -0.37 -77.11
N LEU C 317 -5.33 -1.36 -77.35
CA LEU C 317 -5.49 -2.66 -76.69
C LEU C 317 -5.41 -2.49 -75.17
N ASN C 318 -4.39 -1.76 -74.70
CA ASN C 318 -4.21 -1.58 -73.25
C ASN C 318 -5.29 -0.71 -72.63
N ALA C 319 -5.71 0.34 -73.33
CA ALA C 319 -6.83 1.11 -72.86
C ALA C 319 -8.08 0.25 -72.78
N ALA C 320 -8.37 -0.54 -73.83
CA ALA C 320 -9.53 -1.44 -73.73
C ALA C 320 -9.43 -2.35 -72.50
N GLY C 321 -8.24 -2.89 -72.22
CA GLY C 321 -8.08 -3.74 -71.05
C GLY C 321 -8.40 -3.05 -69.75
N ALA C 322 -7.96 -1.79 -69.59
CA ALA C 322 -8.38 -1.06 -68.40
C ALA C 322 -9.90 -0.82 -68.36
N ILE C 323 -10.50 -0.57 -69.49
CA ILE C 323 -11.96 -0.39 -69.52
C ILE C 323 -12.68 -1.69 -69.16
N VAL C 324 -12.16 -2.83 -69.63
CA VAL C 324 -12.71 -4.14 -69.20
C VAL C 324 -12.58 -4.35 -67.66
N ALA C 325 -11.43 -3.98 -67.09
CA ALA C 325 -11.30 -4.05 -65.61
C ALA C 325 -12.35 -3.15 -64.91
N HIS C 326 -12.53 -1.94 -65.40
CA HIS C 326 -13.62 -1.06 -64.92
C HIS C 326 -15.02 -1.73 -65.03
N ALA C 327 -15.36 -2.21 -66.21
CA ALA C 327 -16.64 -2.93 -66.43
C ALA C 327 -16.83 -4.04 -65.36
N GLY C 328 -15.74 -4.74 -65.04
CA GLY C 328 -15.72 -5.81 -64.06
C GLY C 328 -16.11 -5.48 -62.63
N LEU C 329 -16.23 -4.17 -62.34
CA LEU C 329 -16.75 -3.74 -61.07
C LEU C 329 -18.22 -4.18 -60.90
N SER C 330 -18.87 -4.56 -62.01
CA SER C 330 -20.21 -5.19 -62.01
C SER C 330 -20.19 -6.70 -62.08
N SER C 331 -21.06 -7.31 -61.28
CA SER C 331 -21.49 -8.70 -61.44
C SER C 331 -21.86 -9.06 -62.87
N ARG C 332 -22.58 -8.15 -63.53
CA ARG C 332 -23.16 -8.48 -64.85
C ARG C 332 -22.18 -8.42 -66.04
N ALA C 333 -20.96 -7.93 -65.81
CA ALA C 333 -19.94 -7.86 -66.87
C ALA C 333 -19.67 -9.22 -67.55
N GLU C 334 -19.64 -9.23 -68.89
CA GLU C 334 -19.27 -10.43 -69.67
C GLU C 334 -18.04 -10.10 -70.53
N TRP C 335 -17.13 -11.07 -70.63
CA TRP C 335 -15.75 -10.90 -71.14
C TRP C 335 -15.64 -10.37 -72.58
N LEU C 336 -16.23 -11.09 -73.53
CA LEU C 336 -16.11 -10.68 -74.93
C LEU C 336 -16.88 -9.38 -75.28
N PRO C 337 -18.14 -9.21 -74.84
CA PRO C 337 -18.80 -7.90 -75.03
C PRO C 337 -18.03 -6.74 -74.36
N ALA C 338 -17.40 -6.99 -73.20
CA ALA C 338 -16.66 -5.95 -72.46
C ALA C 338 -15.45 -5.53 -73.29
N TRP C 339 -14.73 -6.52 -73.84
CA TRP C 339 -13.60 -6.25 -74.75
C TRP C 339 -14.04 -5.47 -75.98
N GLU C 340 -15.09 -5.90 -76.66
CA GLU C 340 -15.59 -5.16 -77.85
C GLU C 340 -15.99 -3.72 -77.48
N GLU C 341 -16.69 -3.57 -76.38
CA GLU C 341 -17.04 -2.23 -75.96
C GLU C 341 -15.77 -1.41 -75.60
N GLY C 342 -14.83 -2.01 -74.85
CA GLY C 342 -13.57 -1.36 -74.49
C GLY C 342 -12.83 -0.88 -75.73
N LEU C 343 -12.79 -1.71 -76.77
CA LEU C 343 -12.05 -1.37 -77.97
C LEU C 343 -12.75 -0.24 -78.70
N ARG C 344 -14.09 -0.29 -78.79
CA ARG C 344 -14.81 0.79 -79.47
C ARG C 344 -14.59 2.12 -78.75
N ARG C 345 -14.67 2.09 -77.43
CA ARG C 345 -14.58 3.30 -76.62
C ARG C 345 -13.19 3.90 -76.70
N ALA C 346 -12.18 3.01 -76.65
CA ALA C 346 -10.80 3.48 -76.68
C ALA C 346 -10.49 4.12 -78.01
N SER C 347 -10.91 3.47 -79.09
CA SER C 347 -10.71 4.01 -80.46
C SER C 347 -11.43 5.35 -80.69
N ALA C 348 -12.68 5.42 -80.24
CA ALA C 348 -13.48 6.64 -80.39
C ALA C 348 -12.88 7.79 -79.57
N ALA C 349 -12.41 7.49 -78.36
CA ALA C 349 -11.69 8.50 -77.56
C ALA C 349 -10.51 9.13 -78.28
N ILE C 350 -9.77 8.34 -79.06
CA ILE C 350 -8.68 8.93 -79.88
C ILE C 350 -9.26 9.66 -81.10
N ASP C 351 -10.10 8.96 -81.85
CA ASP C 351 -10.58 9.42 -83.15
C ASP C 351 -11.43 10.69 -83.07
N THR C 352 -12.14 10.93 -81.97
CA THR C 352 -12.95 12.13 -81.87
C THR C 352 -12.08 13.31 -81.40
N GLY C 353 -10.83 13.03 -81.02
CA GLY C 353 -10.02 14.12 -80.43
C GLY C 353 -10.13 14.31 -78.92
N ALA C 354 -11.03 13.56 -78.27
CA ALA C 354 -11.22 13.68 -76.83
C ALA C 354 -9.90 13.42 -76.07
N ALA C 355 -9.14 12.41 -76.51
CA ALA C 355 -7.87 12.08 -75.81
C ALA C 355 -6.83 13.19 -75.93
N GLU C 356 -6.66 13.68 -77.16
CA GLU C 356 -5.79 14.83 -77.42
C GLU C 356 -6.20 16.08 -76.63
N GLN C 357 -7.52 16.35 -76.58
CA GLN C 357 -8.00 17.52 -75.84
C GLN C 357 -7.80 17.31 -74.35
N LEU C 358 -7.99 16.09 -73.88
CA LEU C 358 -7.85 15.85 -72.45
C LEU C 358 -6.41 16.11 -71.95
N LEU C 359 -5.42 15.65 -72.71
CA LEU C 359 -4.03 15.96 -72.39
C LEU C 359 -3.77 17.47 -72.34
N ALA C 360 -4.24 18.21 -73.36
CA ALA C 360 -4.15 19.68 -73.35
C ALA C 360 -4.81 20.30 -72.12
N ARG C 361 -6.00 19.82 -71.78
CA ARG C 361 -6.64 20.32 -70.56
C ARG C 361 -5.86 19.94 -69.29
N TRP C 362 -5.26 18.75 -69.28
CA TRP C 362 -4.44 18.34 -68.15
C TRP C 362 -3.21 19.26 -67.97
N VAL C 363 -2.52 19.57 -69.07
CA VAL C 363 -1.37 20.49 -69.04
C VAL C 363 -1.83 21.86 -68.50
N ARG C 364 -2.92 22.38 -69.05
CA ARG C 364 -3.42 23.66 -68.58
C ARG C 364 -3.82 23.64 -67.11
N PHE C 365 -4.44 22.55 -66.65
CA PHE C 365 -4.86 22.46 -65.26
C PHE C 365 -3.64 22.68 -64.35
N GLY C 366 -2.52 22.07 -64.67
CA GLY C 366 -1.34 22.19 -63.82
C GLY C 366 -0.68 23.57 -63.87
N ARG C 367 -0.76 24.24 -65.01
CA ARG C 367 -0.20 25.58 -65.19
C ARG C 367 -1.06 26.64 -64.50
N GLN C 368 -2.33 26.32 -64.25
CA GLN C 368 -3.26 27.28 -63.68
C GLN C 368 -3.56 27.09 -62.19
N ILE C 369 -2.87 26.13 -61.55
CA ILE C 369 -2.83 25.92 -60.08
C ILE C 369 -3.30 24.51 -59.67
N PRO D 24 51.34 3.20 10.76
CA PRO D 24 51.76 3.24 9.33
C PRO D 24 53.17 3.82 9.15
N SER D 25 53.96 3.26 8.24
CA SER D 25 55.31 3.78 7.98
C SER D 25 55.90 3.38 6.61
N TRP D 26 56.99 4.05 6.22
CA TRP D 26 57.62 3.77 4.95
C TRP D 26 58.16 2.34 4.91
N PRO D 27 58.89 1.90 5.97
CA PRO D 27 59.37 0.52 5.94
C PRO D 27 58.21 -0.48 5.86
N GLN D 28 57.12 -0.21 6.57
CA GLN D 28 55.93 -1.09 6.50
C GLN D 28 55.36 -1.11 5.08
N ILE D 29 55.08 0.07 4.55
CA ILE D 29 54.43 0.21 3.24
C ILE D 29 55.31 -0.30 2.09
N LEU D 30 56.56 0.18 2.03
CA LEU D 30 57.53 -0.25 1.00
C LEU D 30 57.90 -1.74 1.09
N GLY D 31 58.05 -2.25 2.32
CA GLY D 31 58.27 -3.70 2.52
C GLY D 31 57.11 -4.52 1.97
N ARG D 32 55.89 -4.06 2.18
CA ARG D 32 54.73 -4.79 1.65
C ARG D 32 54.75 -4.80 0.11
N LEU D 33 55.08 -3.66 -0.51
CA LEU D 33 55.14 -3.56 -1.99
C LEU D 33 56.28 -4.40 -2.61
N THR D 34 57.46 -4.35 -2.01
CA THR D 34 58.57 -5.18 -2.49
C THR D 34 58.32 -6.65 -2.19
N ASP D 35 57.44 -6.94 -1.24
CA ASP D 35 57.04 -8.33 -1.02
C ASP D 35 55.95 -8.72 -2.00
N ASN D 36 55.72 -7.86 -3.00
CA ASN D 36 54.66 -8.09 -4.00
C ASN D 36 53.23 -8.28 -3.49
N ARG D 37 52.88 -7.56 -2.44
CA ARG D 37 51.58 -7.67 -1.86
C ARG D 37 50.81 -6.40 -2.13
N ASP D 38 49.52 -6.53 -2.40
CA ASP D 38 48.63 -5.37 -2.38
C ASP D 38 48.70 -4.65 -1.04
N LEU D 39 48.52 -3.32 -1.04
CA LEU D 39 48.47 -2.58 0.24
C LEU D 39 47.20 -2.86 1.03
N ALA D 40 47.24 -2.58 2.34
CA ALA D 40 46.03 -2.59 3.14
C ALA D 40 45.30 -1.29 2.87
N ARG D 41 43.99 -1.34 3.05
CA ARG D 41 43.15 -0.18 2.91
C ARG D 41 43.72 1.01 3.71
N GLY D 42 43.80 2.16 3.05
CA GLY D 42 44.35 3.41 3.63
C GLY D 42 45.86 3.59 3.59
N GLN D 43 46.63 2.53 3.30
CA GLN D 43 48.11 2.67 3.23
C GLN D 43 48.58 3.58 2.06
N ALA D 44 48.03 3.36 0.87
CA ALA D 44 48.31 4.26 -0.24
C ALA D 44 47.94 5.73 0.05
N ALA D 45 46.76 5.93 0.67
CA ALA D 45 46.30 7.24 1.08
C ALA D 45 47.29 7.86 2.07
N TRP D 46 47.69 7.12 3.09
CA TRP D 46 48.70 7.63 4.04
C TRP D 46 49.97 8.11 3.30
N ALA D 47 50.46 7.30 2.38
CA ALA D 47 51.69 7.64 1.62
C ALA D 47 51.49 8.87 0.75
N MET D 48 50.35 8.95 0.05
CA MET D 48 50.16 10.09 -0.84
C MET D 48 50.04 11.36 -0.02
N ASP D 49 49.37 11.29 1.12
CA ASP D 49 49.25 12.44 2.01
C ASP D 49 50.62 12.89 2.60
N GLN D 50 51.45 11.92 3.00
CA GLN D 50 52.84 12.24 3.39
C GLN D 50 53.54 13.02 2.29
N ILE D 51 53.46 12.52 1.06
CA ILE D 51 54.05 13.16 -0.11
C ILE D 51 53.46 14.56 -0.35
N MET D 52 52.15 14.73 -0.21
CA MET D 52 51.50 16.01 -0.51
C MET D 52 51.72 17.06 0.59
N THR D 53 52.08 16.64 1.79
CA THR D 53 52.26 17.61 2.87
C THR D 53 53.76 17.95 3.07
N GLY D 54 54.60 17.55 2.13
CA GLY D 54 56.04 17.82 2.20
C GLY D 54 56.77 17.04 3.28
N ASN D 55 56.14 15.99 3.80
CA ASN D 55 56.75 15.18 4.86
C ASN D 55 57.54 13.97 4.39
N ALA D 56 57.53 13.69 3.09
CA ALA D 56 58.27 12.54 2.56
C ALA D 56 59.61 12.96 1.92
N ARG D 57 60.69 12.22 2.18
CA ARG D 57 61.96 12.45 1.49
C ARG D 57 61.84 12.08 0.01
N PRO D 58 62.58 12.77 -0.87
CA PRO D 58 62.60 12.40 -2.30
C PRO D 58 62.86 10.89 -2.51
N ALA D 59 63.75 10.31 -1.72
CA ALA D 59 64.04 8.87 -1.80
C ALA D 59 62.82 8.01 -1.48
N GLN D 60 62.02 8.45 -0.50
CA GLN D 60 60.82 7.72 -0.13
C GLN D 60 59.74 7.89 -1.20
N ILE D 61 59.61 9.09 -1.76
CA ILE D 61 58.64 9.33 -2.85
C ILE D 61 58.95 8.40 -4.01
N ALA D 62 60.23 8.35 -4.38
CA ALA D 62 60.71 7.55 -5.51
C ALA D 62 60.52 6.07 -5.25
N ALA D 63 60.88 5.61 -4.05
CA ALA D 63 60.76 4.19 -3.78
C ALA D 63 59.28 3.77 -3.84
N PHE D 64 58.42 4.65 -3.31
CA PHE D 64 56.97 4.39 -3.33
C PHE D 64 56.43 4.33 -4.76
N ALA D 65 56.72 5.34 -5.56
CA ALA D 65 56.25 5.37 -6.94
C ALA D 65 56.72 4.15 -7.74
N VAL D 66 57.99 3.78 -7.57
CA VAL D 66 58.54 2.64 -8.28
C VAL D 66 57.98 1.31 -7.76
N ALA D 67 57.97 1.12 -6.44
CA ALA D 67 57.46 -0.14 -5.85
C ALA D 67 56.00 -0.36 -6.24
N MET D 68 55.22 0.72 -6.20
CA MET D 68 53.80 0.64 -6.53
C MET D 68 53.62 0.18 -7.96
N THR D 69 54.45 0.70 -8.86
CA THR D 69 54.36 0.37 -10.28
C THR D 69 54.75 -1.09 -10.58
N MET D 70 55.83 -1.58 -9.99
CA MET D 70 56.29 -2.96 -10.29
C MET D 70 55.47 -4.02 -9.58
N LYS D 71 54.82 -3.66 -8.47
CA LYS D 71 53.87 -4.61 -7.85
C LYS D 71 52.65 -4.88 -8.78
N ALA D 72 52.19 -3.86 -9.48
CA ALA D 72 50.99 -3.84 -10.32
C ALA D 72 49.94 -3.17 -9.45
N PRO D 73 49.74 -1.84 -9.64
CA PRO D 73 48.82 -1.07 -8.80
C PRO D 73 47.39 -1.56 -8.95
N THR D 74 46.61 -1.55 -7.88
CA THR D 74 45.18 -1.86 -8.03
C THR D 74 44.37 -0.58 -8.21
N ALA D 75 43.15 -0.72 -8.72
CA ALA D 75 42.22 0.44 -8.75
C ALA D 75 41.98 1.02 -7.35
N ASP D 76 41.85 0.16 -6.33
CA ASP D 76 41.68 0.70 -4.95
C ASP D 76 42.85 1.61 -4.60
N GLU D 77 44.08 1.15 -4.90
CA GLU D 77 45.30 1.92 -4.53
C GLU D 77 45.38 3.25 -5.27
N VAL D 78 45.24 3.19 -6.58
CA VAL D 78 45.32 4.38 -7.41
C VAL D 78 44.18 5.37 -7.04
N GLY D 79 43.01 4.82 -6.77
CA GLY D 79 41.89 5.65 -6.29
C GLY D 79 42.21 6.37 -4.98
N GLU D 80 42.96 5.71 -4.08
CA GLU D 80 43.42 6.35 -2.87
C GLU D 80 44.38 7.52 -3.13
N LEU D 81 45.38 7.31 -4.01
CA LEU D 81 46.26 8.39 -4.44
C LEU D 81 45.52 9.60 -4.98
N ALA D 82 44.62 9.34 -5.93
CA ALA D 82 43.86 10.42 -6.59
C ALA D 82 42.97 11.13 -5.56
N GLY D 83 42.35 10.35 -4.66
CA GLY D 83 41.49 10.90 -3.59
C GLY D 83 42.24 11.89 -2.73
N VAL D 84 43.48 11.54 -2.37
CA VAL D 84 44.32 12.41 -1.56
C VAL D 84 44.61 13.68 -2.31
N MET D 85 45.06 13.56 -3.55
CA MET D 85 45.32 14.70 -4.38
C MET D 85 44.11 15.63 -4.45
N LEU D 86 42.96 15.04 -4.71
CA LEU D 86 41.72 15.83 -4.81
C LEU D 86 41.34 16.47 -3.47
N SER D 87 41.70 15.80 -2.37
CA SER D 87 41.49 16.38 -1.03
C SER D 87 42.29 17.67 -0.85
N HIS D 88 43.46 17.71 -1.45
CA HIS D 88 44.34 18.85 -1.30
C HIS D 88 44.18 19.92 -2.38
N ALA D 89 43.51 19.61 -3.49
CA ALA D 89 43.40 20.53 -4.62
C ALA D 89 42.53 21.75 -4.27
N HIS D 90 42.76 22.87 -4.94
CA HIS D 90 41.81 23.98 -4.86
C HIS D 90 40.57 23.56 -5.63
N PRO D 91 39.39 23.59 -4.99
CA PRO D 91 38.17 23.21 -5.71
C PRO D 91 37.63 24.42 -6.50
N LEU D 92 36.67 24.18 -7.40
CA LEU D 92 35.94 25.31 -8.01
C LEU D 92 34.82 25.76 -7.06
N PRO D 93 34.40 27.05 -7.13
CA PRO D 93 33.29 27.47 -6.24
C PRO D 93 32.06 26.56 -6.34
N ALA D 94 31.35 26.35 -5.23
CA ALA D 94 30.17 25.48 -5.22
C ALA D 94 29.19 25.90 -6.31
N ASP D 95 28.57 24.91 -6.96
CA ASP D 95 27.53 25.14 -7.95
C ASP D 95 27.97 25.85 -9.23
N THR D 96 29.25 25.79 -9.57
CA THR D 96 29.71 26.45 -10.80
C THR D 96 30.08 25.45 -11.92
N VAL D 97 30.04 24.16 -11.62
CA VAL D 97 30.39 23.15 -12.61
C VAL D 97 29.12 22.38 -12.96
N PRO D 98 28.68 22.42 -14.25
CA PRO D 98 27.46 21.69 -14.62
C PRO D 98 27.63 20.22 -14.30
N ASP D 99 26.52 19.59 -13.95
CA ASP D 99 26.48 18.18 -13.60
C ASP D 99 26.94 17.24 -14.73
N ASP D 100 26.83 17.68 -15.96
CA ASP D 100 27.22 16.88 -17.13
C ASP D 100 28.53 17.37 -17.79
N ALA D 101 29.35 18.10 -17.04
CA ALA D 101 30.65 18.57 -17.54
C ALA D 101 31.52 17.40 -17.91
N VAL D 102 32.31 17.58 -18.97
CA VAL D 102 33.21 16.51 -19.43
C VAL D 102 34.67 17.02 -19.52
N ASP D 103 35.58 16.07 -19.43
CA ASP D 103 37.00 16.31 -19.56
C ASP D 103 37.47 15.52 -20.80
N VAL D 104 38.57 15.97 -21.41
CA VAL D 104 39.20 15.27 -22.52
C VAL D 104 40.67 15.47 -22.24
N VAL D 105 41.33 14.40 -21.81
CA VAL D 105 42.71 14.52 -21.34
C VAL D 105 43.35 13.15 -21.31
N GLY D 106 44.68 13.12 -21.32
CA GLY D 106 45.38 11.85 -21.34
C GLY D 106 46.58 11.92 -20.44
N THR D 107 47.13 10.76 -20.15
CA THR D 107 48.38 10.64 -19.36
C THR D 107 49.56 11.34 -20.02
N GLY D 108 49.53 11.45 -21.35
CA GLY D 108 50.75 11.77 -22.10
C GLY D 108 51.73 10.60 -22.07
N GLY D 109 52.99 10.88 -22.40
CA GLY D 109 54.05 9.88 -22.36
C GLY D 109 53.96 8.80 -23.42
N ASP D 110 53.25 9.07 -24.51
CA ASP D 110 53.21 8.06 -25.58
C ASP D 110 54.48 8.09 -26.43
N GLY D 111 55.33 9.09 -26.23
CA GLY D 111 56.61 9.18 -26.89
C GLY D 111 56.50 9.49 -28.36
N VAL D 112 55.28 9.64 -28.88
CA VAL D 112 55.11 10.02 -30.28
C VAL D 112 55.08 11.55 -30.37
N ASN D 113 55.40 12.12 -31.51
CA ASN D 113 55.15 13.54 -31.57
C ASN D 113 53.87 13.78 -32.33
N THR D 114 52.79 13.99 -31.58
CA THR D 114 51.52 14.36 -32.23
C THR D 114 51.17 15.80 -31.96
N VAL D 115 50.40 16.35 -32.88
CA VAL D 115 49.60 17.53 -32.60
C VAL D 115 48.74 17.26 -31.33
N ASN D 116 48.32 18.34 -30.70
CA ASN D 116 47.53 18.29 -29.46
C ASN D 116 46.06 17.86 -29.64
N LEU D 117 45.86 16.55 -29.82
CA LEU D 117 44.55 16.01 -30.16
C LEU D 117 43.43 16.17 -29.12
N SER D 118 43.77 16.01 -27.85
CA SER D 118 42.80 16.17 -26.75
C SER D 118 42.35 17.61 -26.65
N THR D 119 43.32 18.52 -26.74
CA THR D 119 43.03 19.96 -26.68
C THR D 119 42.07 20.41 -27.81
N MET D 120 42.33 19.92 -29.02
CA MET D 120 41.53 20.26 -30.18
C MET D 120 40.18 19.65 -30.08
N ALA D 121 40.12 18.36 -29.74
CA ALA D 121 38.85 17.70 -29.48
C ALA D 121 38.04 18.47 -28.41
N ALA D 122 38.70 18.92 -27.36
CA ALA D 122 37.99 19.64 -26.29
C ALA D 122 37.30 20.93 -26.78
N ILE D 123 37.98 21.67 -27.65
CA ILE D 123 37.40 22.91 -28.20
C ILE D 123 36.16 22.58 -29.03
N VAL D 124 36.27 21.53 -29.86
CA VAL D 124 35.14 21.08 -30.69
C VAL D 124 33.93 20.57 -29.86
N VAL D 125 34.21 19.79 -28.83
CA VAL D 125 33.20 19.30 -27.89
C VAL D 125 32.43 20.48 -27.26
N ALA D 126 33.17 21.49 -26.79
CA ALA D 126 32.54 22.62 -26.13
C ALA D 126 31.66 23.37 -27.14
N ALA D 127 32.17 23.49 -28.36
CA ALA D 127 31.44 24.16 -29.46
C ALA D 127 30.16 23.41 -29.84
N ALA D 128 30.19 22.10 -29.69
CA ALA D 128 28.96 21.31 -29.87
C ALA D 128 27.93 21.55 -28.74
N GLY D 129 28.33 22.25 -27.67
CA GLY D 129 27.40 22.55 -26.59
C GLY D 129 27.50 21.63 -25.37
N VAL D 130 28.56 20.85 -25.26
CA VAL D 130 28.76 20.02 -24.07
C VAL D 130 29.72 20.81 -23.18
N PRO D 131 29.36 21.09 -21.93
CA PRO D 131 30.32 21.91 -21.17
C PRO D 131 31.62 21.11 -20.89
N VAL D 132 32.76 21.78 -21.01
CA VAL D 132 34.07 21.11 -20.93
C VAL D 132 34.91 21.80 -19.84
N VAL D 133 35.32 21.06 -18.84
CA VAL D 133 36.30 21.63 -17.93
C VAL D 133 37.53 20.75 -18.05
N LYS D 134 38.48 21.22 -18.83
CA LYS D 134 39.63 20.44 -19.22
C LYS D 134 40.72 20.54 -18.19
N HIS D 135 41.25 19.40 -17.75
CA HIS D 135 42.45 19.39 -16.89
C HIS D 135 43.64 19.27 -17.81
N GLY D 136 44.71 19.98 -17.48
CA GLY D 136 45.88 19.94 -18.33
C GLY D 136 47.20 20.44 -17.76
N ASN D 137 48.25 20.31 -18.55
CA ASN D 137 49.61 20.59 -18.11
C ASN D 137 50.53 20.84 -19.31
N ARG D 138 51.69 21.42 -19.05
CA ARG D 138 52.73 21.50 -20.09
C ARG D 138 53.22 20.09 -20.50
N ALA D 139 54.00 20.01 -21.58
CA ALA D 139 54.63 18.78 -22.03
C ALA D 139 55.60 18.27 -20.95
N ALA D 140 55.72 16.96 -20.85
CA ALA D 140 56.76 16.35 -20.02
C ALA D 140 57.87 15.84 -20.92
N SER D 141 57.54 15.00 -21.91
CA SER D 141 58.56 14.56 -22.88
C SER D 141 58.28 14.83 -24.37
N SER D 142 57.12 15.41 -24.69
CA SER D 142 56.85 15.89 -26.05
C SER D 142 57.27 17.38 -26.23
N LEU D 143 57.15 17.90 -27.45
CA LEU D 143 57.64 19.25 -27.74
C LEU D 143 56.66 20.32 -27.30
N SER D 144 55.36 20.01 -27.38
CA SER D 144 54.32 20.91 -26.88
C SER D 144 53.17 20.12 -26.27
N GLY D 145 52.88 20.41 -25.00
CA GLY D 145 51.72 19.82 -24.34
C GLY D 145 50.47 20.65 -24.57
N GLY D 146 49.34 20.16 -24.06
CA GLY D 146 48.08 20.86 -24.23
C GLY D 146 48.17 22.30 -23.74
N ALA D 147 48.68 22.49 -22.53
CA ALA D 147 48.81 23.84 -21.97
C ALA D 147 49.72 24.76 -22.81
N ASP D 148 50.80 24.20 -23.38
CA ASP D 148 51.77 24.98 -24.17
C ASP D 148 51.10 25.55 -25.43
N THR D 149 50.34 24.69 -26.08
CA THR D 149 49.63 25.07 -27.30
C THR D 149 48.52 26.06 -27.03
N LEU D 150 47.80 25.89 -25.92
CA LEU D 150 46.73 26.82 -25.59
C LEU D 150 47.32 28.19 -25.32
N GLU D 151 48.46 28.23 -24.63
CA GLU D 151 49.12 29.52 -24.33
C GLU D 151 49.59 30.20 -25.64
N ALA D 152 50.20 29.44 -26.55
CA ALA D 152 50.56 29.92 -27.87
C ALA D 152 49.37 30.46 -28.69
N LEU D 153 48.18 29.87 -28.51
CA LEU D 153 46.94 30.35 -29.16
C LEU D 153 46.41 31.59 -28.50
N GLY D 154 46.93 31.91 -27.32
CA GLY D 154 46.55 33.13 -26.62
C GLY D 154 45.48 32.93 -25.59
N VAL D 155 45.21 31.66 -25.29
CA VAL D 155 44.30 31.31 -24.20
C VAL D 155 45.02 31.45 -22.84
N ARG D 156 44.34 32.00 -21.83
CA ARG D 156 44.88 32.06 -20.47
C ARG D 156 44.90 30.68 -19.83
N ILE D 157 46.08 30.16 -19.55
CA ILE D 157 46.17 28.85 -18.91
C ILE D 157 46.23 28.97 -17.40
N ASP D 158 46.50 30.18 -16.91
CA ASP D 158 46.94 30.47 -15.54
C ASP D 158 45.85 30.85 -14.57
N LEU D 159 44.58 30.61 -14.92
CA LEU D 159 43.48 31.19 -14.17
C LEU D 159 43.16 30.39 -12.92
N GLY D 160 42.75 31.09 -11.86
CA GLY D 160 42.34 30.45 -10.62
C GLY D 160 40.92 29.91 -10.67
N PRO D 161 40.47 29.30 -9.57
CA PRO D 161 39.17 28.67 -9.52
C PRO D 161 38.01 29.59 -9.96
N ASP D 162 37.93 30.81 -9.45
CA ASP D 162 36.80 31.71 -9.78
C ASP D 162 36.73 31.98 -11.26
N LEU D 163 37.89 32.23 -11.85
CA LEU D 163 37.97 32.61 -13.24
C LEU D 163 37.70 31.42 -14.17
N VAL D 164 38.16 30.23 -13.79
CA VAL D 164 37.84 29.02 -14.58
C VAL D 164 36.32 28.79 -14.62
N ALA D 165 35.69 28.97 -13.45
CA ALA D 165 34.24 28.96 -13.28
C ALA D 165 33.54 29.96 -14.19
N ARG D 166 34.05 31.19 -14.25
CA ARG D 166 33.48 32.17 -15.19
C ARG D 166 33.75 31.82 -16.64
N SER D 167 34.96 31.34 -16.95
CA SER D 167 35.27 30.88 -18.31
C SER D 167 34.25 29.82 -18.69
N LEU D 168 34.00 28.89 -17.78
CA LEU D 168 33.05 27.80 -18.07
C LEU D 168 31.67 28.36 -18.44
N ALA D 169 31.15 29.24 -17.59
CA ALA D 169 29.81 29.77 -17.74
C ALA D 169 29.73 30.63 -19.01
N GLU D 170 30.70 31.50 -19.22
CA GLU D 170 30.66 32.51 -20.29
C GLU D 170 31.09 31.99 -21.67
N VAL D 171 32.07 31.10 -21.71
CA VAL D 171 32.62 30.60 -22.96
C VAL D 171 32.14 29.18 -23.27
N GLY D 172 31.86 28.37 -22.25
CA GLY D 172 31.47 26.98 -22.49
C GLY D 172 32.60 26.00 -22.20
N ILE D 173 33.82 26.52 -21.97
CA ILE D 173 35.01 25.70 -21.67
C ILE D 173 35.83 26.41 -20.60
N GLY D 174 36.36 25.63 -19.66
CA GLY D 174 37.33 26.11 -18.69
C GLY D 174 38.58 25.23 -18.76
N PHE D 175 39.75 25.81 -18.47
CA PHE D 175 40.99 25.03 -18.45
C PHE D 175 41.61 25.09 -17.08
N CYS D 176 41.74 23.93 -16.41
CA CYS D 176 42.40 23.89 -15.11
C CYS D 176 43.85 23.46 -15.28
N PHE D 177 44.78 24.35 -14.96
CA PHE D 177 46.19 24.10 -15.16
C PHE D 177 46.70 23.38 -13.93
N ALA D 178 47.19 22.16 -14.12
CA ALA D 178 47.60 21.28 -12.99
C ALA D 178 48.39 21.99 -11.87
N PRO D 179 49.52 22.68 -12.21
CA PRO D 179 50.31 23.40 -11.19
C PRO D 179 49.53 24.46 -10.39
N ARG D 180 48.59 25.14 -11.03
CA ARG D 180 47.74 26.13 -10.37
C ARG D 180 46.80 25.53 -9.32
N PHE D 181 46.28 24.32 -9.56
CA PHE D 181 45.26 23.72 -8.71
C PHE D 181 45.81 22.64 -7.81
N HIS D 182 46.99 22.11 -8.15
CA HIS D 182 47.63 21.06 -7.34
C HIS D 182 49.04 21.44 -6.87
N PRO D 183 49.18 22.62 -6.21
CA PRO D 183 50.55 23.10 -5.88
C PRO D 183 51.33 22.18 -4.92
N SER D 184 50.63 21.51 -4.01
CA SER D 184 51.25 20.56 -3.09
C SER D 184 51.85 19.29 -3.78
N TYR D 185 51.55 19.11 -5.07
CA TYR D 185 52.12 18.01 -5.78
C TYR D 185 53.59 18.28 -6.19
N ARG D 186 54.11 19.48 -5.86
CA ARG D 186 55.43 19.87 -6.35
C ARG D 186 56.55 18.83 -6.09
N HIS D 187 56.54 18.18 -4.93
CA HIS D 187 57.64 17.26 -4.57
C HIS D 187 57.60 15.96 -5.38
N ALA D 188 56.41 15.42 -5.56
CA ALA D 188 56.20 14.29 -6.43
C ALA D 188 56.58 14.63 -7.87
N ALA D 189 56.27 15.85 -8.29
CA ALA D 189 56.54 16.25 -9.70
C ALA D 189 58.04 16.27 -9.96
N ALA D 190 58.79 16.82 -9.00
CA ALA D 190 60.26 16.82 -9.11
C ALA D 190 60.79 15.39 -9.18
N VAL D 191 60.32 14.52 -8.30
CA VAL D 191 60.77 13.12 -8.33
C VAL D 191 60.39 12.48 -9.69
N ARG D 192 59.18 12.75 -10.17
CA ARG D 192 58.76 12.22 -11.49
C ARG D 192 59.72 12.68 -12.61
N ARG D 193 60.05 13.97 -12.58
CA ARG D 193 61.06 14.51 -13.53
C ARG D 193 62.47 13.82 -13.35
N GLU D 194 62.99 13.78 -12.14
CA GLU D 194 64.34 13.21 -11.87
C GLU D 194 64.54 11.76 -12.27
N ILE D 195 63.50 10.93 -12.11
CA ILE D 195 63.61 9.51 -12.44
C ILE D 195 63.31 9.20 -13.90
N GLY D 196 62.48 10.05 -14.51
CA GLY D 196 62.19 10.00 -15.94
C GLY D 196 61.51 8.76 -16.47
N VAL D 197 61.29 7.77 -15.63
CA VAL D 197 60.62 6.55 -16.06
C VAL D 197 59.14 6.76 -15.68
N PRO D 198 58.20 6.40 -16.57
CA PRO D 198 56.78 6.45 -16.14
C PRO D 198 56.50 5.56 -14.92
N THR D 199 55.64 6.04 -14.03
CA THR D 199 55.18 5.26 -12.89
C THR D 199 53.69 5.47 -12.69
N VAL D 200 53.18 4.86 -11.63
CA VAL D 200 51.82 5.07 -11.17
C VAL D 200 51.47 6.57 -11.12
N PHE D 201 52.43 7.44 -10.80
CA PHE D 201 52.14 8.89 -10.74
C PHE D 201 51.65 9.41 -12.07
N ASN D 202 52.11 8.79 -13.17
CA ASN D 202 51.73 9.24 -14.50
C ASN D 202 50.25 9.05 -14.80
N LEU D 203 49.57 8.25 -13.97
CA LEU D 203 48.11 8.08 -14.09
C LEU D 203 47.29 9.18 -13.44
N LEU D 204 47.91 9.92 -12.53
CA LEU D 204 47.15 10.78 -11.64
C LEU D 204 46.54 12.01 -12.31
N GLY D 205 47.21 12.60 -13.32
CA GLY D 205 46.66 13.77 -14.03
C GLY D 205 45.21 13.65 -14.51
N PRO D 206 44.91 12.64 -15.36
CA PRO D 206 43.54 12.45 -15.82
C PRO D 206 42.58 12.14 -14.68
N LEU D 207 43.08 11.54 -13.60
CA LEU D 207 42.24 11.20 -12.46
C LEU D 207 42.02 12.31 -11.47
N THR D 208 42.67 13.47 -11.63
CA THR D 208 42.58 14.47 -10.54
C THR D 208 42.12 15.85 -11.04
N ASN D 209 41.27 15.85 -12.06
CA ASN D 209 40.66 17.11 -12.49
C ASN D 209 39.96 17.76 -11.27
N PRO D 210 40.37 18.99 -10.89
CA PRO D 210 39.92 19.63 -9.65
C PRO D 210 38.43 20.00 -9.65
N ALA D 211 37.83 20.11 -10.83
CA ALA D 211 36.41 20.41 -10.97
C ALA D 211 35.57 19.14 -10.92
N ARG D 212 36.23 17.99 -10.92
CA ARG D 212 35.59 16.69 -10.74
C ARG D 212 34.43 16.43 -11.73
N PRO D 213 34.62 16.71 -13.03
CA PRO D 213 33.57 16.33 -13.97
C PRO D 213 33.28 14.80 -13.89
N ARG D 214 32.04 14.44 -14.21
CA ARG D 214 31.57 13.07 -14.11
C ARG D 214 31.68 12.30 -15.42
N ALA D 215 32.07 12.99 -16.49
CA ALA D 215 32.27 12.29 -17.76
C ALA D 215 33.63 12.64 -18.38
N GLY D 216 34.14 11.79 -19.25
CA GLY D 216 35.43 12.08 -19.87
C GLY D 216 35.84 11.12 -20.97
N LEU D 217 36.64 11.63 -21.91
CA LEU D 217 37.40 10.81 -22.86
C LEU D 217 38.82 10.85 -22.34
N ILE D 218 39.32 9.72 -21.85
CA ILE D 218 40.56 9.75 -21.05
C ILE D 218 41.61 8.85 -21.73
N GLY D 219 42.73 9.43 -22.14
CA GLY D 219 43.77 8.66 -22.81
C GLY D 219 44.78 8.09 -21.84
N CYS D 220 45.25 6.88 -22.12
CA CYS D 220 46.30 6.27 -21.34
C CYS D 220 47.38 5.69 -22.29
N ALA D 221 48.63 6.13 -22.13
CA ALA D 221 49.78 5.62 -22.93
C ALA D 221 50.20 4.19 -22.57
N PHE D 222 49.88 3.79 -21.34
CA PHE D 222 50.40 2.56 -20.76
C PHE D 222 49.31 1.52 -20.80
N ALA D 223 49.40 0.63 -21.78
CA ALA D 223 48.38 -0.38 -22.10
C ALA D 223 48.03 -1.31 -20.92
N ASP D 224 48.98 -1.59 -20.06
CA ASP D 224 48.64 -2.43 -18.89
C ASP D 224 48.24 -1.65 -17.60
N LEU D 225 48.12 -0.32 -17.69
CA LEU D 225 47.57 0.48 -16.59
C LEU D 225 46.18 1.06 -16.90
N ALA D 226 45.78 1.00 -18.18
CA ALA D 226 44.50 1.56 -18.61
C ALA D 226 43.31 0.98 -17.85
N GLU D 227 43.34 -0.32 -17.64
CA GLU D 227 42.23 -0.98 -16.97
C GLU D 227 42.12 -0.53 -15.52
N VAL D 228 43.25 -0.28 -14.88
CA VAL D 228 43.26 0.25 -13.50
C VAL D 228 42.65 1.67 -13.48
N MET D 229 43.03 2.52 -14.44
CA MET D 229 42.41 3.87 -14.54
C MET D 229 40.88 3.75 -14.65
N ALA D 230 40.43 2.84 -15.53
CA ALA D 230 38.98 2.64 -15.75
C ALA D 230 38.28 2.28 -14.43
N GLY D 231 38.96 1.45 -13.63
CA GLY D 231 38.40 1.00 -12.33
C GLY D 231 38.28 2.18 -11.37
N VAL D 232 39.23 3.10 -11.38
CA VAL D 232 39.08 4.31 -10.59
C VAL D 232 37.81 5.11 -10.94
N PHE D 233 37.60 5.33 -12.23
CA PHE D 233 36.39 6.02 -12.69
C PHE D 233 35.13 5.26 -12.38
N ALA D 234 35.19 3.93 -12.49
CA ALA D 234 34.06 3.08 -12.14
C ALA D 234 33.63 3.27 -10.67
N ALA D 235 34.61 3.30 -9.78
CA ALA D 235 34.33 3.44 -8.35
C ALA D 235 33.61 4.76 -8.08
N ARG D 236 33.97 5.80 -8.84
CA ARG D 236 33.30 7.08 -8.62
C ARG D 236 32.11 7.27 -9.52
N ARG D 237 31.70 6.21 -10.20
CA ARG D 237 30.52 6.19 -11.04
C ARG D 237 30.53 7.26 -12.12
N SER D 238 31.68 7.47 -12.72
CA SER D 238 31.78 8.38 -13.86
C SER D 238 31.32 7.72 -15.14
N SER D 239 30.96 8.54 -16.15
CA SER D 239 30.78 7.99 -17.48
C SER D 239 31.99 8.31 -18.36
N VAL D 240 32.85 7.32 -18.57
CA VAL D 240 34.16 7.59 -19.12
C VAL D 240 34.55 6.52 -20.15
N LEU D 241 35.22 6.93 -21.22
CA LEU D 241 35.92 5.99 -22.09
C LEU D 241 37.40 6.17 -21.86
N VAL D 242 38.05 5.14 -21.31
CA VAL D 242 39.48 5.20 -21.20
C VAL D 242 40.00 4.61 -22.51
N VAL D 243 40.93 5.29 -23.17
CA VAL D 243 41.36 4.88 -24.51
C VAL D 243 42.88 4.74 -24.65
N HIS D 244 43.27 3.71 -25.40
CA HIS D 244 44.66 3.46 -25.74
C HIS D 244 44.71 3.08 -27.22
N GLY D 245 45.43 3.88 -28.03
CA GLY D 245 45.63 3.52 -29.45
C GLY D 245 46.58 2.34 -29.65
N ASP D 246 46.19 1.41 -30.50
CA ASP D 246 47.04 0.23 -30.73
C ASP D 246 48.41 0.50 -31.41
N ASP D 247 48.62 1.73 -31.83
CA ASP D 247 49.93 2.20 -32.21
C ASP D 247 50.64 2.90 -31.04
N GLY D 248 50.05 2.86 -29.84
CA GLY D 248 50.64 3.51 -28.67
C GLY D 248 50.18 4.93 -28.33
N LEU D 249 49.25 5.52 -29.10
CA LEU D 249 48.79 6.88 -28.78
C LEU D 249 47.86 6.85 -27.55
N ASP D 250 48.03 7.81 -26.64
CA ASP D 250 47.05 7.98 -25.55
C ASP D 250 45.82 8.80 -26.05
N GLU D 251 45.30 8.39 -27.21
CA GLU D 251 44.14 9.03 -27.86
C GLU D 251 43.47 7.93 -28.68
N LEU D 252 42.22 8.15 -29.07
CA LEU D 252 41.63 7.33 -30.11
C LEU D 252 42.40 7.64 -31.41
N THR D 253 42.91 6.57 -32.01
CA THR D 253 43.81 6.71 -33.13
C THR D 253 43.07 6.53 -34.46
N THR D 254 43.66 7.11 -35.49
CA THR D 254 43.25 6.85 -36.86
C THR D 254 44.18 5.87 -37.60
N THR D 255 45.40 5.63 -37.10
CA THR D 255 46.37 4.82 -37.83
C THR D 255 46.07 3.33 -37.79
N THR D 256 45.34 2.90 -36.77
CA THR D 256 44.98 1.49 -36.58
C THR D 256 43.77 1.40 -35.64
N THR D 257 43.62 0.26 -34.96
CA THR D 257 42.53 0.11 -33.98
C THR D 257 42.91 0.73 -32.63
N SER D 258 41.92 0.87 -31.75
CA SER D 258 42.15 1.34 -30.38
C SER D 258 41.45 0.42 -29.38
N THR D 259 42.03 0.27 -28.20
CA THR D 259 41.33 -0.41 -27.12
C THR D 259 40.55 0.62 -26.28
N ILE D 260 39.28 0.39 -26.06
CA ILE D 260 38.48 1.25 -25.19
C ILE D 260 37.99 0.46 -23.96
N TRP D 261 38.27 0.99 -22.77
CA TRP D 261 37.62 0.48 -21.56
C TRP D 261 36.45 1.39 -21.32
N ARG D 262 35.25 0.89 -21.55
CA ARG D 262 34.07 1.69 -21.36
C ARG D 262 33.56 1.64 -19.92
N VAL D 263 33.41 2.80 -19.28
CA VAL D 263 33.01 2.85 -17.88
C VAL D 263 31.61 3.43 -17.82
N ALA D 264 30.67 2.66 -17.30
CA ALA D 264 29.27 3.07 -17.21
C ALA D 264 28.59 2.29 -16.12
N ALA D 265 27.70 2.92 -15.38
CA ALA D 265 26.96 2.25 -14.30
C ALA D 265 27.89 1.51 -13.32
N GLY D 266 29.06 2.11 -13.05
CA GLY D 266 30.01 1.55 -12.10
C GLY D 266 30.75 0.29 -12.53
N SER D 267 30.69 -0.06 -13.82
CA SER D 267 31.46 -1.18 -14.33
C SER D 267 32.21 -0.90 -15.64
N VAL D 268 33.18 -1.78 -15.94
CA VAL D 268 34.12 -1.66 -17.06
C VAL D 268 33.92 -2.79 -18.10
N ASP D 269 33.93 -2.43 -19.38
CA ASP D 269 33.86 -3.36 -20.54
C ASP D 269 35.04 -3.08 -21.44
N LYS D 270 35.78 -4.09 -21.82
CA LYS D 270 36.93 -3.87 -22.70
C LYS D 270 36.46 -4.11 -24.14
N LEU D 271 36.69 -3.12 -25.01
CA LEU D 271 36.26 -3.20 -26.42
C LEU D 271 37.41 -2.89 -27.35
N THR D 272 37.33 -3.39 -28.58
CA THR D 272 38.23 -2.92 -29.62
C THR D 272 37.43 -2.02 -30.53
N PHE D 273 38.03 -0.88 -30.87
CA PHE D 273 37.38 0.13 -31.67
C PHE D 273 38.12 0.30 -33.00
N ASP D 274 37.36 0.27 -34.07
CA ASP D 274 37.87 0.40 -35.45
C ASP D 274 37.27 1.63 -36.14
N PRO D 275 38.08 2.69 -36.33
CA PRO D 275 37.61 3.91 -36.97
C PRO D 275 37.20 3.66 -38.42
N ALA D 276 37.84 2.70 -39.09
CA ALA D 276 37.45 2.32 -40.46
C ALA D 276 35.97 1.94 -40.53
N GLY D 277 35.46 1.32 -39.46
CA GLY D 277 34.04 1.00 -39.32
C GLY D 277 33.11 2.19 -39.41
N PHE D 278 33.64 3.41 -39.23
CA PHE D 278 32.81 4.61 -39.39
C PHE D 278 33.09 5.36 -40.68
N GLY D 279 34.10 4.92 -41.43
CA GLY D 279 34.38 5.49 -42.74
C GLY D 279 35.67 6.26 -42.75
N PHE D 280 36.49 6.09 -41.71
CA PHE D 280 37.72 6.85 -41.63
C PHE D 280 38.85 6.20 -42.42
N ALA D 281 39.49 6.97 -43.30
CA ALA D 281 40.70 6.53 -43.99
C ALA D 281 41.81 6.21 -42.95
N ARG D 282 42.59 5.16 -43.19
CA ARG D 282 43.76 4.88 -42.35
C ARG D 282 44.84 5.93 -42.63
N ALA D 283 45.47 6.42 -41.57
CA ALA D 283 46.55 7.39 -41.72
C ALA D 283 47.85 6.77 -41.21
N GLN D 284 48.97 7.48 -41.40
CA GLN D 284 50.27 7.10 -40.84
C GLN D 284 50.59 8.07 -39.75
N LEU D 285 51.24 7.57 -38.71
CA LEU D 285 51.52 8.35 -37.54
C LEU D 285 52.29 9.63 -37.87
N ASP D 286 53.09 9.59 -38.95
CA ASP D 286 53.76 10.82 -39.40
C ASP D 286 52.77 11.87 -39.92
N GLN D 287 51.57 11.45 -40.27
CA GLN D 287 50.52 12.42 -40.64
C GLN D 287 49.98 13.24 -39.43
N LEU D 288 50.23 12.75 -38.22
CA LEU D 288 49.69 13.34 -37.01
C LEU D 288 50.76 14.07 -36.21
N ALA D 289 51.90 14.29 -36.84
CA ALA D 289 53.11 14.73 -36.18
C ALA D 289 53.07 16.18 -35.68
N GLY D 290 53.65 16.42 -34.50
CA GLY D 290 53.62 17.74 -33.90
C GLY D 290 54.88 18.51 -34.22
N GLY D 291 54.96 19.73 -33.69
CA GLY D 291 56.15 20.57 -33.76
C GLY D 291 56.16 21.27 -32.43
N ASP D 292 56.81 22.42 -32.36
CA ASP D 292 56.80 23.22 -31.13
C ASP D 292 55.39 23.81 -30.92
N ALA D 293 55.22 24.62 -29.88
CA ALA D 293 53.92 25.22 -29.58
C ALA D 293 53.37 26.03 -30.77
N GLN D 294 54.24 26.76 -31.47
CA GLN D 294 53.85 27.59 -32.60
C GLN D 294 53.32 26.76 -33.76
N ALA D 295 53.98 25.65 -34.04
CA ALA D 295 53.50 24.76 -35.11
C ALA D 295 52.17 24.11 -34.75
N ASN D 296 52.06 23.65 -33.49
CA ASN D 296 50.88 22.95 -33.01
C ASN D 296 49.67 23.88 -32.93
N ALA D 297 49.92 25.14 -32.56
CA ALA D 297 48.91 26.21 -32.57
C ALA D 297 48.39 26.47 -33.98
N ALA D 298 49.30 26.50 -34.96
CA ALA D 298 48.93 26.59 -36.38
C ALA D 298 48.07 25.39 -36.80
N ALA D 299 48.41 24.19 -36.31
CA ALA D 299 47.59 23.03 -36.65
C ALA D 299 46.15 23.13 -36.06
N VAL D 300 46.01 23.66 -34.84
CA VAL D 300 44.69 23.94 -34.29
C VAL D 300 43.91 24.97 -35.15
N ARG D 301 44.53 26.12 -35.46
CA ARG D 301 43.88 27.11 -36.36
C ARG D 301 43.39 26.52 -37.69
N ALA D 302 44.23 25.67 -38.30
CA ALA D 302 43.92 25.01 -39.55
C ALA D 302 42.74 24.04 -39.46
N VAL D 303 42.74 23.12 -38.48
CA VAL D 303 41.58 22.22 -38.29
C VAL D 303 40.27 23.02 -38.03
N LEU D 304 40.34 24.01 -37.14
CA LEU D 304 39.17 24.82 -36.80
C LEU D 304 38.69 25.67 -37.96
N GLY D 305 39.60 25.95 -38.88
CA GLY D 305 39.28 26.70 -40.09
C GLY D 305 38.73 25.82 -41.18
N GLY D 306 38.56 24.53 -40.92
CA GLY D 306 37.94 23.63 -41.92
C GLY D 306 38.88 22.86 -42.85
N ALA D 307 40.20 22.96 -42.66
CA ALA D 307 41.17 22.15 -43.40
C ALA D 307 40.83 20.67 -43.28
N ARG D 308 40.71 20.00 -44.43
CA ARG D 308 40.40 18.58 -44.48
C ARG D 308 41.70 17.79 -44.40
N GLY D 309 41.63 16.51 -44.07
CA GLY D 309 42.87 15.71 -43.97
C GLY D 309 42.96 14.89 -42.71
N PRO D 310 44.14 14.28 -42.47
CA PRO D 310 44.23 13.33 -41.35
C PRO D 310 44.02 13.95 -39.96
N VAL D 311 44.54 15.16 -39.73
CA VAL D 311 44.42 15.78 -38.40
C VAL D 311 42.97 16.04 -38.04
N ARG D 312 42.25 16.73 -38.92
CA ARG D 312 40.80 16.87 -38.78
C ARG D 312 40.15 15.53 -38.41
N ASP D 313 40.43 14.47 -39.17
CA ASP D 313 39.78 13.18 -38.88
C ASP D 313 39.98 12.71 -37.43
N ALA D 314 41.22 12.76 -36.94
CA ALA D 314 41.53 12.31 -35.58
C ALA D 314 40.85 13.20 -34.51
N VAL D 315 40.81 14.51 -34.78
CA VAL D 315 40.07 15.46 -33.94
C VAL D 315 38.57 15.12 -33.85
N VAL D 316 37.92 14.92 -35.00
CA VAL D 316 36.49 14.59 -35.02
C VAL D 316 36.24 13.25 -34.28
N LEU D 317 37.13 12.28 -34.51
CA LEU D 317 37.03 11.02 -33.84
C LEU D 317 37.07 11.23 -32.34
N ASN D 318 38.05 11.99 -31.85
CA ASN D 318 38.19 12.15 -30.41
C ASN D 318 37.05 12.99 -29.81
N ALA D 319 36.60 13.99 -30.56
CA ALA D 319 35.50 14.82 -30.08
C ALA D 319 34.29 13.95 -29.96
N ALA D 320 34.09 13.08 -30.95
CA ALA D 320 32.89 12.28 -30.92
C ALA D 320 32.93 11.32 -29.73
N GLY D 321 34.10 10.77 -29.41
CA GLY D 321 34.25 9.92 -28.20
C GLY D 321 33.90 10.62 -26.91
N ALA D 322 34.29 11.89 -26.80
CA ALA D 322 33.95 12.67 -25.62
C ALA D 322 32.44 12.90 -25.56
N ILE D 323 31.82 13.11 -26.73
CA ILE D 323 30.37 13.28 -26.76
C ILE D 323 29.65 11.99 -26.35
N VAL D 324 30.17 10.82 -26.78
CA VAL D 324 29.58 9.52 -26.37
C VAL D 324 29.68 9.33 -24.84
N ALA D 325 30.84 9.65 -24.26
CA ALA D 325 30.97 9.58 -22.79
C ALA D 325 29.93 10.50 -22.13
N HIS D 326 29.72 11.68 -22.69
CA HIS D 326 28.71 12.58 -22.15
C HIS D 326 27.29 11.98 -22.24
N ALA D 327 26.99 11.38 -23.39
CA ALA D 327 25.69 10.72 -23.62
C ALA D 327 25.50 9.60 -22.58
N GLY D 328 26.59 8.88 -22.26
CA GLY D 328 26.60 7.85 -21.19
C GLY D 328 26.07 8.23 -19.79
N LEU D 329 26.06 9.53 -19.47
CA LEU D 329 25.48 10.01 -18.22
C LEU D 329 23.98 9.68 -18.16
N SER D 330 23.45 9.18 -19.30
CA SER D 330 22.12 8.56 -19.45
C SER D 330 22.17 7.04 -19.58
N SER D 331 21.35 6.36 -18.77
CA SER D 331 21.22 4.89 -18.84
C SER D 331 20.57 4.40 -20.17
N ARG D 332 19.78 5.27 -20.80
CA ARG D 332 19.22 5.00 -22.13
C ARG D 332 20.22 5.10 -23.31
N ALA D 333 21.37 5.73 -23.09
CA ALA D 333 22.41 5.84 -24.15
C ALA D 333 22.70 4.48 -24.82
N GLU D 334 22.96 4.49 -26.14
CA GLU D 334 23.13 3.27 -26.95
C GLU D 334 24.31 3.37 -27.94
N TRP D 335 25.24 2.41 -27.90
CA TRP D 335 26.62 2.56 -28.44
C TRP D 335 26.85 3.12 -29.89
N LEU D 336 26.45 2.34 -30.89
CA LEU D 336 26.66 2.76 -32.28
C LEU D 336 25.86 4.03 -32.65
N PRO D 337 24.60 4.15 -32.21
CA PRO D 337 23.94 5.44 -32.40
C PRO D 337 24.63 6.63 -31.71
N ALA D 338 25.20 6.44 -30.52
CA ALA D 338 25.79 7.55 -29.79
C ALA D 338 26.97 8.04 -30.59
N TRP D 339 27.71 7.10 -31.16
CA TRP D 339 28.83 7.41 -31.99
C TRP D 339 28.43 8.19 -33.24
N GLU D 340 27.39 7.70 -33.91
CA GLU D 340 26.92 8.35 -35.13
C GLU D 340 26.44 9.75 -34.86
N GLU D 341 25.74 9.96 -33.76
CA GLU D 341 25.34 11.30 -33.38
C GLU D 341 26.54 12.15 -32.93
N GLY D 342 27.50 11.55 -32.22
CA GLY D 342 28.70 12.27 -31.76
C GLY D 342 29.54 12.75 -32.95
N LEU D 343 29.64 11.91 -33.98
CA LEU D 343 30.40 12.27 -35.18
C LEU D 343 29.70 13.40 -35.96
N ARG D 344 28.36 13.35 -36.02
CA ARG D 344 27.59 14.42 -36.65
C ARG D 344 27.82 15.75 -35.93
N ARG D 345 27.75 15.73 -34.60
CA ARG D 345 27.81 16.95 -33.80
C ARG D 345 29.20 17.56 -33.86
N ALA D 346 30.23 16.71 -33.83
CA ALA D 346 31.63 17.14 -33.88
C ALA D 346 31.91 17.75 -35.24
N SER D 347 31.45 17.08 -36.29
CA SER D 347 31.62 17.62 -37.66
C SER D 347 30.95 18.99 -37.85
N ALA D 348 29.71 19.10 -37.38
CA ALA D 348 28.93 20.30 -37.54
C ALA D 348 29.53 21.46 -36.71
N ALA D 349 30.05 21.16 -35.52
CA ALA D 349 30.70 22.19 -34.69
C ALA D 349 31.86 22.85 -35.42
N ILE D 350 32.66 22.07 -36.15
CA ILE D 350 33.69 22.65 -37.00
C ILE D 350 33.10 23.32 -38.25
N ASP D 351 32.22 22.61 -38.95
CA ASP D 351 31.68 23.10 -40.23
C ASP D 351 30.88 24.42 -40.14
N THR D 352 30.15 24.63 -39.06
CA THR D 352 29.35 25.84 -38.89
C THR D 352 30.24 27.03 -38.48
N GLY D 353 31.53 26.77 -38.21
CA GLY D 353 32.40 27.84 -37.64
C GLY D 353 32.25 28.01 -36.14
N ALA D 354 31.42 27.17 -35.50
CA ALA D 354 31.21 27.33 -34.06
C ALA D 354 32.51 27.08 -33.26
N ALA D 355 33.27 26.05 -33.65
CA ALA D 355 34.54 25.72 -32.95
C ALA D 355 35.57 26.84 -33.11
N GLU D 356 35.70 27.33 -34.32
CA GLU D 356 36.58 28.48 -34.57
C GLU D 356 36.17 29.71 -33.79
N GLN D 357 34.86 29.99 -33.72
CA GLN D 357 34.38 31.15 -33.01
C GLN D 357 34.54 30.97 -31.51
N LEU D 358 34.28 29.77 -31.01
CA LEU D 358 34.47 29.53 -29.58
C LEU D 358 35.91 29.82 -29.11
N LEU D 359 36.90 29.33 -29.86
CA LEU D 359 38.29 29.63 -29.55
C LEU D 359 38.59 31.14 -29.52
N ALA D 360 38.11 31.87 -30.53
CA ALA D 360 38.20 33.34 -30.54
C ALA D 360 37.55 33.94 -29.33
N ARG D 361 36.35 33.48 -28.97
CA ARG D 361 35.72 34.03 -27.77
C ARG D 361 36.51 33.68 -26.48
N TRP D 362 37.10 32.49 -26.46
CA TRP D 362 37.91 32.06 -25.31
C TRP D 362 39.13 32.94 -25.16
N VAL D 363 39.81 33.23 -26.28
CA VAL D 363 40.94 34.16 -26.27
C VAL D 363 40.52 35.55 -25.76
N ARG D 364 39.41 36.06 -26.28
CA ARG D 364 38.91 37.36 -25.86
C ARG D 364 38.52 37.42 -24.39
N PHE D 365 37.89 36.37 -23.88
CA PHE D 365 37.48 36.32 -22.48
C PHE D 365 38.70 36.54 -21.56
N GLY D 366 39.85 36.00 -21.94
CA GLY D 366 41.01 36.05 -21.08
C GLY D 366 41.73 37.40 -21.15
N ARG D 367 41.60 38.06 -22.29
CA ARG D 367 42.12 39.39 -22.50
C ARG D 367 41.29 40.44 -21.74
N GLN D 368 40.06 40.09 -21.35
CA GLN D 368 39.15 41.05 -20.69
C GLN D 368 39.08 41.19 -19.13
N ILE D 369 40.17 40.85 -18.44
CA ILE D 369 40.57 41.35 -17.07
C ILE D 369 41.91 40.76 -16.64
C1 PRP E . -38.82 -18.54 19.45
C2 PRP E . -38.77 -19.55 18.30
C3 PRP E . -38.16 -20.82 18.93
C4 PRP E . -37.34 -20.27 20.09
C5 PRP E . -35.83 -20.43 19.86
O1 PRP E . -39.94 -18.86 20.28
O2 PRP E . -40.10 -19.84 17.78
O3 PRP E . -39.18 -21.65 19.49
O4 PRP E . -37.65 -18.82 20.21
O5 PRP E . -35.51 -20.12 18.51
P PRP E . -34.03 -20.52 17.92
O1P PRP E . -33.98 -22.12 17.75
O2P PRP E . -34.02 -19.82 16.50
O3P PRP E . -32.92 -20.02 18.81
PA PRP E . -40.40 -18.35 21.68
O1A PRP E . -39.92 -16.82 21.90
O2A PRP E . -41.85 -18.54 21.70
O3A PRP E . -39.65 -19.35 22.66
PB PRP E . -39.09 -19.31 24.10
O1B PRP E . -37.83 -20.25 23.96
O2B PRP E . -38.58 -17.78 24.53
O3B PRP E . -40.10 -19.88 25.06
MG MG F . -38.56 -16.22 23.32
MG MG G . -35.36 -16.71 23.59
OAA 17D H . -42.86 -25.84 6.71
OAB 17D H . -41.02 -25.66 7.92
CAC 17D H . -37.46 -21.86 10.71
CAD 17D H . -37.60 -23.11 11.31
CAE 17D H . -38.50 -21.31 9.95
CAF 17D H . -44.05 -21.82 9.38
CAG 17D H . -44.53 -22.36 8.19
CAH 17D H . -38.79 -23.82 11.13
CAI 17D H . -39.68 -22.00 9.78
CAJ 17D H . -42.95 -22.39 10.01
CAK 17D H . -43.93 -23.48 7.62
CAL 17D H . -41.11 -24.12 10.23
CAM 17D H . -42.17 -25.28 7.59
CAN 17D H . -39.84 -23.27 10.37
CAO 17D H . -42.31 -23.50 9.45
CAP 17D H . -42.82 -24.05 8.26
OAA 17D I . -39.09 -17.59 11.62
OAB 17D I . -39.02 -18.04 9.50
CAC 17D I . -41.60 -17.12 16.21
CAD 17D I . -40.41 -17.33 15.48
CAE 17D I . -42.84 -17.59 15.75
CAF 17D I . -43.97 -17.25 10.30
CAG 17D I . -43.09 -16.58 9.43
CAH 17D I . -40.47 -18.06 14.29
CAI 17D I . -42.91 -18.32 14.56
CAJ 17D I . -43.48 -18.12 11.25
CAK 17D I . -41.72 -16.80 9.56
CAL 17D I . -41.75 -19.34 12.52
CAM 17D I . -39.66 -17.81 10.54
CAN 17D I . -41.71 -18.54 13.84
CAO 17D I . -42.09 -18.35 11.38
CAP 17D I . -41.21 -17.68 10.51
C1 PRP J . 3.46 -4.82 62.19
C2 PRP J . 3.53 -5.85 61.07
C3 PRP J . 4.25 -7.06 61.70
C4 PRP J . 4.99 -6.47 62.90
C5 PRP J . 6.50 -6.60 62.66
O1 PRP J . 2.35 -5.25 62.94
O2 PRP J . 2.20 -6.22 60.66
O3 PRP J . 3.32 -7.97 62.22
O4 PRP J . 4.65 -5.03 62.95
O5 PRP J . 6.77 -6.63 61.25
P PRP J . 8.23 -7.04 60.74
O1P PRP J . 8.23 -8.66 60.56
O2P PRP J . 8.32 -6.46 59.20
O3P PRP J . 9.30 -6.54 61.63
PA PRP J . 1.84 -4.73 64.38
O1A PRP J . 2.33 -3.31 64.68
O2A PRP J . 0.37 -4.83 64.33
O3A PRP J . 2.50 -5.81 65.34
PB PRP J . 3.16 -5.75 66.77
O1B PRP J . 4.38 -6.74 66.52
O2B PRP J . 3.73 -4.28 67.06
O3B PRP J . 2.14 -6.28 67.78
MG MG K . 3.69 -2.55 66.16
MG MG L . 7.09 -3.12 66.38
OAA 17D M . 2.75 -2.98 53.96
OAB 17D M . 3.03 -4.76 52.62
CAC 17D M . 0.76 -3.44 58.96
CAD 17D M . 1.88 -3.67 58.15
CAE 17D M . -0.50 -3.96 58.59
CAF 17D M . -2.00 -3.87 53.10
CAG 17D M . -1.19 -3.12 52.25
CAH 17D M . 1.77 -4.44 56.97
CAI 17D M . -0.61 -4.71 57.41
CAJ 17D M . -1.41 -4.70 54.06
CAK 17D M . 0.19 -3.20 52.36
CAL 17D M . 0.41 -5.78 55.30
CAM 17D M . 2.32 -3.98 53.32
CAN 17D M . 0.52 -4.96 56.60
CAO 17D M . -0.03 -4.82 54.18
CAP 17D M . 0.78 -4.06 53.30
C1 PRP N . 6.35 1.65 -64.73
C2 PRP N . 7.42 2.34 -63.86
C3 PRP N . 8.30 3.13 -64.88
C4 PRP N . 8.06 2.42 -66.21
C5 PRP N . 9.37 1.75 -66.67
O1 PRP N . 5.35 2.70 -65.00
O2 PRP N . 6.80 3.28 -62.93
O3 PRP N . 7.84 4.48 -65.00
O4 PRP N . 7.00 1.37 -65.96
O5 PRP N . 9.98 1.13 -65.55
P PRP N . 11.49 0.49 -65.61
O1P PRP N . 11.55 -0.44 -66.94
O2P PRP N . 12.46 1.74 -65.79
O3P PRP N . 11.77 -0.23 -64.33
PA PRP N . 4.13 2.73 -65.97
O1A PRP N . 3.55 1.28 -66.13
O2A PRP N . 3.21 3.70 -65.37
O3A PRP N . 4.84 3.33 -67.28
PB PRP N . 4.60 3.19 -68.84
O1B PRP N . 6.07 3.29 -69.35
O2B PRP N . 4.03 1.65 -69.17
O3B PRP N . 3.83 4.32 -69.42
MG MG O . 3.53 0.20 -67.96
MG MG P . 5.94 -1.30 -69.78
OAA 17D Q . 10.22 -0.07 -55.65
OAB 17D Q . 8.99 -0.15 -57.46
CAC 17D Q . 4.85 1.71 -60.38
CAD 17D Q . 4.49 2.67 -59.43
CAE 17D Q . 6.14 1.14 -60.36
CAF 17D Q . 5.92 2.23 -54.14
CAG 17D Q . 6.52 1.07 -53.64
CAH 17D Q . 5.42 3.08 -58.48
CAI 17D Q . 7.09 1.53 -59.40
CAJ 17D Q . 6.37 2.77 -55.34
CAK 17D Q . 7.56 0.49 -54.37
CAL 17D Q . 7.74 2.94 -57.39
CAM 17D Q . 9.19 0.24 -56.28
CAN 17D Q . 6.71 2.52 -58.46
CAO 17D Q . 7.42 2.20 -56.09
CAP 17D Q . 8.03 1.03 -55.58
OAA 17D R . 13.02 8.30 -52.66
OAB 17D R . 13.77 7.03 -54.31
CAC 17D R . 12.86 2.60 -57.93
CAD 17D R . 12.15 2.59 -56.74
CAE 17D R . 13.22 3.80 -58.57
CAF 17D R . 8.78 6.00 -53.86
CAG 17D R . 9.27 6.52 -52.65
CAH 17D R . 11.75 3.80 -56.16
CAI 17D R . 12.85 5.01 -57.99
CAJ 17D R . 9.60 5.96 -54.98
CAK 17D R . 10.58 6.97 -52.57
CAL 17D R . 11.74 6.37 -56.23
CAM 17D R . 12.84 7.45 -53.56
CAN 17D R . 12.11 5.01 -56.80
CAO 17D R . 10.92 6.41 -54.92
CAP 17D R . 11.40 6.92 -53.71
C1 PRP S . 48.64 15.31 -21.88
C2 PRP S . 49.71 15.93 -21.02
C3 PRP S . 50.62 16.64 -22.01
C4 PRP S . 50.32 16.01 -23.36
C5 PRP S . 51.64 15.39 -23.84
O1 PRP S . 47.77 16.39 -22.09
O2 PRP S . 49.13 16.90 -20.13
O3 PRP S . 50.29 18.00 -22.07
O4 PRP S . 49.34 14.94 -23.09
O5 PRP S . 52.36 14.89 -22.71
P PRP S . 53.84 14.24 -22.81
O1P PRP S . 53.94 13.35 -24.11
O2P PRP S . 54.86 15.46 -22.92
O3P PRP S . 54.09 13.41 -21.59
PA PRP S . 46.47 16.42 -23.06
O1A PRP S . 45.93 15.03 -23.29
O2A PRP S . 45.52 17.28 -22.34
O3A PRP S . 47.16 17.10 -24.30
PB PRP S . 46.95 16.94 -25.89
O1B PRP S . 48.45 17.06 -26.38
O2B PRP S . 46.49 15.47 -26.21
O3B PRP S . 46.09 18.06 -26.43
MG MG T . 45.80 13.87 -25.10
MG MG U . 48.35 12.50 -26.87
OAA 17D V . 52.26 13.53 -13.04
OAB 17D V . 52.44 15.64 -13.66
CAC 17D V . 47.31 15.26 -17.55
CAD 17D V . 48.62 14.76 -17.36
CAE 17D V . 46.84 16.29 -16.72
CAF 17D V . 47.97 15.90 -11.35
CAG 17D V . 48.74 14.88 -10.80
CAH 17D V . 49.46 15.27 -16.37
CAI 17D V . 47.69 16.81 -15.74
CAJ 17D V . 48.39 16.51 -12.52
CAK 17D V . 49.94 14.51 -11.40
CAL 17D V . 49.91 16.91 -14.45
CAM 17D V . 51.77 14.69 -13.18
CAN 17D V . 49.00 16.32 -15.55
CAO 17D V . 49.60 16.15 -13.15
CAP 17D V . 50.39 15.12 -12.58
#